data_8TD6
#
_entry.id   8TD6
#
_cell.length_a   110.578
_cell.length_b   178.922
_cell.length_c   87.910
_cell.angle_alpha   90.00
_cell.angle_beta   106.72
_cell.angle_gamma   90.00
#
_symmetry.space_group_name_H-M   'C 1 2 1'
#
loop_
_entity.id
_entity.type
_entity.pdbx_description
1 polymer 'Pyrroline-5-carboxylate reductase 1, mitochondrial'
2 non-polymer '1,4-DIHYDRONICOTINAMIDE ADENINE DINUCLEOTIDE'
3 non-polymer [METHYLTHIO]ACETATE
4 non-polymer 'SULFATE ION'
5 water water
#
_entity_poly.entity_id   1
_entity_poly.type   'polypeptide(L)'
_entity_poly.pdbx_seq_one_letter_code
;MHHHHHHSSGVDLGTENLYFQSMSVGFIGAGQLAFALAKGFTAAGVLAAHKIMASSPDMDLATVSALRKMGVKLTPHNKE
TVQHSDVLFLAVKPHIIPFILDEIGADIEDRHIVVSCAAGVTISSIEKKLSAFRPAPRVIRCMTNTPVVVREGATVYATG
THAQVEDGRLMEQLLSSVGFCTEVEEDLIDAVTGLSGSGPAYAFTALDALADGGVKMGLPRRLAVRLGAQALLGAAKMLL
HSEQHPGQLKDNVSSPGGATIHALHVLESGGFRSLLINAVEASCIRTRELQSMADQEQVSPAAIKKTILDKVKLDS
;
_entity_poly.pdbx_strand_id   A,B,C,D,E
#
loop_
_chem_comp.id
_chem_comp.type
_chem_comp.name
_chem_comp.formula
MTG non-polymer [METHYLTHIO]ACETATE 'C3 H5 O2 S -1'
NAI non-polymer '1,4-DIHYDRONICOTINAMIDE ADENINE DINUCLEOTIDE' 'C21 H29 N7 O14 P2'
SO4 non-polymer 'SULFATE ION' 'O4 S -2'
#
# COMPACT_ATOMS: atom_id res chain seq x y z
N PHE A 20 -32.43 18.32 -0.40
CA PHE A 20 -32.08 18.11 1.00
C PHE A 20 -32.30 19.34 1.83
N GLN A 21 -33.57 19.75 1.88
CA GLN A 21 -33.90 21.13 2.20
C GLN A 21 -33.63 21.43 3.66
N SER A 22 -32.59 22.23 3.90
CA SER A 22 -32.40 22.91 5.17
C SER A 22 -32.14 21.91 6.29
N MET A 23 -31.42 20.86 5.95
CA MET A 23 -31.04 19.87 6.93
C MET A 23 -29.84 20.38 7.73
N SER A 24 -29.88 20.15 9.02
CA SER A 24 -28.77 20.49 9.90
C SER A 24 -28.01 19.22 10.22
N VAL A 25 -26.70 19.25 10.02
CA VAL A 25 -25.86 18.08 10.20
C VAL A 25 -24.82 18.38 11.28
N GLY A 26 -24.50 17.38 12.08
CA GLY A 26 -23.46 17.53 13.08
C GLY A 26 -22.52 16.35 13.04
N PHE A 27 -21.26 16.63 13.37
CA PHE A 27 -20.23 15.61 13.58
C PHE A 27 -19.72 15.75 15.00
N ILE A 28 -19.82 14.70 15.78
CA ILE A 28 -19.06 14.59 17.01
C ILE A 28 -17.73 13.90 16.65
N GLY A 29 -16.64 14.64 16.81
CA GLY A 29 -15.36 14.30 16.22
C GLY A 29 -15.12 15.14 14.99
N ALA A 30 -14.01 15.87 14.96
CA ALA A 30 -13.69 16.73 13.82
C ALA A 30 -12.36 16.31 13.21
N GLY A 31 -12.22 15.03 12.91
CA GLY A 31 -11.03 14.46 12.36
C GLY A 31 -11.12 14.25 10.86
N GLN A 32 -10.40 13.23 10.39
CA GLN A 32 -10.22 13.01 8.96
C GLN A 32 -11.54 12.67 8.27
N LEU A 33 -12.32 11.76 8.85
CA LEU A 33 -13.59 11.38 8.25
C LEU A 33 -14.59 12.53 8.29
N ALA A 34 -14.68 13.24 9.42
CA ALA A 34 -15.57 14.39 9.51
C ALA A 34 -15.22 15.44 8.44
N PHE A 35 -13.94 15.73 8.29
CA PHE A 35 -13.53 16.65 7.24
C PHE A 35 -13.89 16.10 5.87
N ALA A 36 -13.63 14.81 5.63
CA ALA A 36 -13.88 14.22 4.32
C ALA A 36 -15.34 14.29 3.93
N LEU A 37 -16.24 13.91 4.85
CA LEU A 37 -17.67 13.97 4.58
C LEU A 37 -18.17 15.40 4.44
N ALA A 38 -17.78 16.29 5.37
CA ALA A 38 -18.19 17.68 5.25
C ALA A 38 -17.72 18.29 3.94
N LYS A 39 -16.47 18.04 3.56
CA LYS A 39 -15.97 18.47 2.27
C LYS A 39 -16.81 17.91 1.13
N GLY A 40 -17.11 16.60 1.18
CA GLY A 40 -17.88 16.00 0.09
C GLY A 40 -19.30 16.54 -0.02
N PHE A 41 -19.99 16.65 1.12
CA PHE A 41 -21.37 17.14 1.13
C PHE A 41 -21.47 18.56 0.61
N THR A 42 -20.53 19.43 0.98
CA THR A 42 -20.56 20.79 0.48
C THR A 42 -20.15 20.84 -0.98
N ALA A 43 -19.19 20.02 -1.37
CA ALA A 43 -18.86 19.89 -2.79
C ALA A 43 -20.08 19.48 -3.60
N ALA A 44 -20.80 18.47 -3.13
CA ALA A 44 -22.03 18.03 -3.78
C ALA A 44 -23.12 19.09 -3.78
N GLY A 45 -22.97 20.16 -3.01
CA GLY A 45 -24.07 21.10 -2.91
C GLY A 45 -25.30 20.59 -2.20
N VAL A 46 -25.20 19.49 -1.43
CA VAL A 46 -26.37 19.06 -0.69
C VAL A 46 -26.48 19.74 0.66
N LEU A 47 -25.43 20.42 1.11
CA LEU A 47 -25.42 21.05 2.43
C LEU A 47 -24.66 22.35 2.34
N ALA A 48 -25.18 23.38 2.98
CA ALA A 48 -24.39 24.59 3.22
C ALA A 48 -23.38 24.31 4.33
N ALA A 49 -22.10 24.65 4.10
CA ALA A 49 -21.08 24.41 5.12
C ALA A 49 -21.51 24.92 6.49
N HIS A 50 -22.15 26.09 6.55
CA HIS A 50 -22.53 26.67 7.83
C HIS A 50 -23.76 26.01 8.45
N LYS A 51 -24.38 25.05 7.77
CA LYS A 51 -25.40 24.19 8.38
C LYS A 51 -24.78 22.94 8.98
N ILE A 52 -23.48 22.80 8.91
CA ILE A 52 -22.76 21.70 9.58
C ILE A 52 -22.13 22.23 10.85
N MET A 53 -22.15 21.43 11.89
CA MET A 53 -21.46 21.77 13.12
C MET A 53 -20.63 20.58 13.54
N ALA A 54 -19.41 20.82 13.95
CA ALA A 54 -18.51 19.75 14.35
C ALA A 54 -17.91 20.11 15.70
N SER A 55 -17.71 19.10 16.54
CA SER A 55 -17.10 19.31 17.84
C SER A 55 -15.90 18.41 18.01
N SER A 56 -14.93 18.90 18.78
CA SER A 56 -13.74 18.17 19.19
C SER A 56 -13.19 18.85 20.43
N PRO A 57 -12.60 18.09 21.36
CA PRO A 57 -11.98 18.72 22.54
C PRO A 57 -10.66 19.40 22.23
N ASP A 58 -10.08 19.18 21.05
CA ASP A 58 -8.83 19.83 20.67
C ASP A 58 -9.09 20.67 19.42
N MET A 59 -9.30 21.97 19.61
CA MET A 59 -9.56 22.89 18.52
C MET A 59 -8.30 23.28 17.76
N ASP A 60 -7.18 22.62 18.03
CA ASP A 60 -5.91 22.96 17.40
C ASP A 60 -5.63 22.14 16.15
N LEU A 61 -6.36 21.05 15.93
CA LEU A 61 -6.00 20.10 14.88
C LEU A 61 -6.06 20.74 13.49
N ALA A 62 -5.32 20.15 12.55
CA ALA A 62 -5.35 20.62 11.17
C ALA A 62 -6.70 20.39 10.52
N THR A 63 -7.33 19.23 10.78
CA THR A 63 -8.68 19.01 10.28
C THR A 63 -9.64 20.07 10.80
N VAL A 64 -9.46 20.51 12.05
CA VAL A 64 -10.34 21.55 12.58
C VAL A 64 -10.12 22.89 11.86
N SER A 65 -8.87 23.21 11.53
CA SER A 65 -8.61 24.45 10.77
C SER A 65 -9.21 24.38 9.36
N ALA A 66 -9.07 23.24 8.69
CA ALA A 66 -9.67 23.05 7.37
C ALA A 66 -11.20 23.18 7.42
N LEU A 67 -11.84 22.51 8.39
CA LEU A 67 -13.28 22.67 8.56
C LEU A 67 -13.64 24.12 8.81
N ARG A 68 -12.86 24.80 9.67
CA ARG A 68 -13.06 26.21 9.93
C ARG A 68 -13.06 27.03 8.65
N LYS A 69 -12.02 26.89 7.82
CA LYS A 69 -11.94 27.65 6.57
C LYS A 69 -13.10 27.32 5.64
N MET A 70 -13.56 26.06 5.63
CA MET A 70 -14.73 25.69 4.82
C MET A 70 -15.98 26.48 5.20
N GLY A 71 -16.06 26.94 6.45
CA GLY A 71 -17.26 27.59 6.94
C GLY A 71 -18.10 26.76 7.88
N VAL A 72 -17.60 25.59 8.29
CA VAL A 72 -18.29 24.72 9.23
C VAL A 72 -18.25 25.32 10.63
N LYS A 73 -19.36 25.21 11.35
CA LYS A 73 -19.39 25.65 12.73
C LYS A 73 -18.63 24.67 13.62
N LEU A 74 -17.77 25.20 14.46
CA LEU A 74 -16.95 24.38 15.34
C LEU A 74 -17.23 24.77 16.77
N THR A 75 -17.12 23.82 17.68
CA THR A 75 -17.36 24.08 19.09
C THR A 75 -16.72 22.98 19.91
N PRO A 76 -16.22 23.28 21.10
CA PRO A 76 -15.67 22.22 21.95
C PRO A 76 -16.73 21.39 22.66
N HIS A 77 -18.01 21.75 22.54
CA HIS A 77 -19.08 21.17 23.35
C HIS A 77 -19.94 20.25 22.50
N ASN A 78 -19.90 18.95 22.79
CA ASN A 78 -20.66 17.99 22.01
C ASN A 78 -22.16 18.23 22.12
N LYS A 79 -22.62 18.74 23.27
CA LYS A 79 -24.04 19.02 23.45
C LYS A 79 -24.53 20.06 22.44
N GLU A 80 -23.68 21.03 22.10
CA GLU A 80 -24.09 22.03 21.13
C GLU A 80 -24.25 21.40 19.74
N THR A 81 -23.31 20.55 19.34
CA THR A 81 -23.47 19.76 18.12
C THR A 81 -24.79 19.03 18.10
N VAL A 82 -25.14 18.35 19.21
CA VAL A 82 -26.38 17.57 19.26
C VAL A 82 -27.59 18.48 19.08
N GLN A 83 -27.61 19.60 19.82
CA GLN A 83 -28.79 20.47 19.75
C GLN A 83 -28.95 21.09 18.37
N HIS A 84 -27.82 21.33 17.69
CA HIS A 84 -27.82 21.87 16.33
C HIS A 84 -28.40 20.87 15.32
N SER A 85 -28.08 19.59 15.49
CA SER A 85 -28.21 18.61 14.42
C SER A 85 -29.62 18.07 14.29
N ASP A 86 -29.96 17.73 13.05
CA ASP A 86 -31.02 16.77 12.78
C ASP A 86 -30.44 15.39 12.52
N VAL A 87 -29.43 15.31 11.67
CA VAL A 87 -28.65 14.10 11.44
C VAL A 87 -27.34 14.28 12.16
N LEU A 88 -26.99 13.33 13.03
CA LEU A 88 -25.82 13.44 13.87
C LEU A 88 -24.86 12.29 13.59
N PHE A 89 -23.68 12.61 13.03
CA PHE A 89 -22.68 11.60 12.71
C PHE A 89 -21.75 11.45 13.91
N LEU A 90 -21.52 10.21 14.32
CA LEU A 90 -20.50 9.89 15.30
C LEU A 90 -19.22 9.53 14.55
N ALA A 91 -18.21 10.40 14.62
CA ALA A 91 -16.94 10.22 13.91
C ALA A 91 -15.76 10.38 14.87
N VAL A 92 -15.80 9.61 15.96
CA VAL A 92 -14.70 9.52 16.88
C VAL A 92 -14.19 8.08 16.84
N LYS A 93 -13.03 7.88 17.47
CA LYS A 93 -12.44 6.55 17.56
C LYS A 93 -13.46 5.57 18.16
N PRO A 94 -13.42 4.30 17.76
CA PRO A 94 -14.38 3.32 18.32
C PRO A 94 -14.49 3.33 19.85
N HIS A 95 -13.36 3.41 20.56
CA HIS A 95 -13.40 3.32 22.01
C HIS A 95 -13.89 4.58 22.69
N ILE A 96 -13.93 5.71 21.98
CA ILE A 96 -14.57 6.91 22.51
C ILE A 96 -16.10 6.80 22.49
N ILE A 97 -16.67 5.94 21.62
CA ILE A 97 -18.11 5.99 21.37
C ILE A 97 -18.95 5.82 22.63
N PRO A 98 -18.68 4.86 23.53
CA PRO A 98 -19.48 4.82 24.78
C PRO A 98 -19.32 6.04 25.68
N PHE A 99 -18.13 6.64 25.74
CA PHE A 99 -18.01 7.87 26.52
C PHE A 99 -18.91 8.95 25.93
N ILE A 100 -19.00 8.99 24.59
CA ILE A 100 -19.83 9.98 23.93
C ILE A 100 -21.29 9.76 24.26
N LEU A 101 -21.76 8.51 24.18
CA LEU A 101 -23.17 8.23 24.38
C LEU A 101 -23.57 8.52 25.82
N ASP A 102 -22.73 8.15 26.78
CA ASP A 102 -22.96 8.55 28.18
C ASP A 102 -23.13 10.06 28.28
N GLU A 103 -22.23 10.81 27.64
CA GLU A 103 -22.21 12.25 27.79
C GLU A 103 -23.46 12.89 27.23
N ILE A 104 -23.74 12.68 25.93
CA ILE A 104 -24.83 13.41 25.27
C ILE A 104 -26.09 12.57 25.16
N GLY A 105 -26.16 11.42 25.81
CA GLY A 105 -27.29 10.53 25.63
C GLY A 105 -28.60 11.16 26.04
N ALA A 106 -28.58 11.95 27.13
CA ALA A 106 -29.78 12.62 27.58
C ALA A 106 -30.22 13.73 26.63
N ASP A 107 -29.39 14.15 25.69
CA ASP A 107 -29.73 15.21 24.74
C ASP A 107 -30.22 14.67 23.40
N ILE A 108 -30.21 13.36 23.18
CA ILE A 108 -30.75 12.81 21.93
C ILE A 108 -32.27 12.92 21.96
N GLU A 109 -32.83 13.64 20.99
CA GLU A 109 -34.26 13.81 20.90
C GLU A 109 -34.86 12.81 19.92
N ASP A 110 -36.19 12.72 19.95
CA ASP A 110 -36.92 11.85 19.03
C ASP A 110 -36.67 12.21 17.57
N ARG A 111 -36.46 13.51 17.27
CA ARG A 111 -36.25 13.93 15.89
C ARG A 111 -34.87 13.54 15.34
N HIS A 112 -33.96 13.05 16.18
CA HIS A 112 -32.59 12.81 15.73
C HIS A 112 -32.45 11.50 14.97
N ILE A 113 -31.63 11.52 13.93
CA ILE A 113 -31.07 10.31 13.34
C ILE A 113 -29.60 10.28 13.72
N VAL A 114 -29.21 9.24 14.45
CA VAL A 114 -27.84 9.07 14.92
C VAL A 114 -27.14 8.12 13.95
N VAL A 115 -26.11 8.62 13.29
CA VAL A 115 -25.37 7.85 12.30
C VAL A 115 -23.97 7.57 12.85
N SER A 116 -23.69 6.32 13.17
CA SER A 116 -22.38 5.96 13.71
C SER A 116 -21.48 5.53 12.56
N CYS A 117 -20.33 6.20 12.44
CA CYS A 117 -19.32 5.88 11.44
C CYS A 117 -18.18 5.06 12.01
N ALA A 118 -18.18 4.81 13.32
CA ALA A 118 -17.03 4.18 13.95
C ALA A 118 -16.90 2.74 13.47
N ALA A 119 -15.69 2.36 13.05
CA ALA A 119 -15.40 0.97 12.74
C ALA A 119 -15.75 0.08 13.93
N GLY A 120 -16.45 -1.02 13.65
CA GLY A 120 -16.67 -2.09 14.59
C GLY A 120 -17.86 -1.93 15.52
N VAL A 121 -18.24 -0.70 15.88
CA VAL A 121 -19.23 -0.49 16.93
C VAL A 121 -20.62 -0.90 16.44
N THR A 122 -21.27 -1.77 17.19
CA THR A 122 -22.54 -2.33 16.73
C THR A 122 -23.70 -1.38 17.03
N ILE A 123 -24.69 -1.41 16.12
CA ILE A 123 -25.99 -0.80 16.39
C ILE A 123 -26.48 -1.18 17.77
N SER A 124 -26.34 -2.46 18.12
CA SER A 124 -26.84 -2.95 19.41
C SER A 124 -26.26 -2.16 20.58
N SER A 125 -24.95 -1.92 20.56
CA SER A 125 -24.30 -1.26 21.68
C SER A 125 -24.72 0.19 21.80
N ILE A 126 -25.01 0.82 20.66
CA ILE A 126 -25.48 2.21 20.66
C ILE A 126 -26.88 2.29 21.20
N GLU A 127 -27.77 1.43 20.69
CA GLU A 127 -29.16 1.48 21.12
C GLU A 127 -29.28 1.17 22.61
N LYS A 128 -28.45 0.25 23.13
CA LYS A 128 -28.44 -0.03 24.56
C LYS A 128 -28.17 1.23 25.36
N LYS A 129 -27.10 1.95 25.03
CA LYS A 129 -26.76 3.18 25.75
C LYS A 129 -27.87 4.21 25.63
N LEU A 130 -28.37 4.44 24.42
CA LEU A 130 -29.27 5.57 24.16
C LEU A 130 -30.69 5.30 24.63
N SER A 131 -31.16 4.05 24.55
CA SER A 131 -32.55 3.79 24.93
C SER A 131 -32.76 3.87 26.43
N ALA A 132 -31.71 3.98 27.24
CA ALA A 132 -31.90 4.31 28.65
C ALA A 132 -32.42 5.72 28.83
N PHE A 133 -32.41 6.55 27.77
CA PHE A 133 -32.87 7.93 27.84
C PHE A 133 -34.20 8.01 27.11
N ARG A 134 -34.21 8.21 25.80
CA ARG A 134 -35.50 8.09 25.14
C ARG A 134 -35.71 6.64 24.71
N PRO A 135 -36.96 6.17 24.57
CA PRO A 135 -37.17 4.73 24.33
C PRO A 135 -36.93 4.24 22.89
N ALA A 136 -36.91 5.10 21.89
CA ALA A 136 -36.79 4.63 20.49
C ALA A 136 -35.73 5.41 19.71
N PRO A 137 -34.48 5.45 20.19
CA PRO A 137 -33.42 6.12 19.41
C PRO A 137 -33.32 5.58 17.98
N ARG A 138 -33.29 6.50 17.00
CA ARG A 138 -33.18 6.16 15.59
C ARG A 138 -31.71 6.08 15.21
N VAL A 139 -31.22 4.86 14.97
CA VAL A 139 -29.80 4.63 14.82
C VAL A 139 -29.51 4.02 13.46
N ILE A 140 -28.43 4.49 12.84
CA ILE A 140 -27.94 3.93 11.59
C ILE A 140 -26.42 3.76 11.71
N ARG A 141 -25.92 2.61 11.29
CA ARG A 141 -24.49 2.37 11.25
C ARG A 141 -24.03 2.39 9.79
N CYS A 142 -22.91 3.05 9.53
CA CYS A 142 -22.39 3.06 8.19
C CYS A 142 -20.88 2.83 8.21
N MET A 143 -20.38 2.44 7.04
CA MET A 143 -18.94 2.37 6.80
C MET A 143 -18.71 3.09 5.48
N THR A 144 -17.88 4.12 5.50
CA THR A 144 -17.63 4.89 4.28
C THR A 144 -16.12 4.94 4.14
N ASN A 145 -15.60 5.85 3.31
CA ASN A 145 -14.15 5.97 3.17
C ASN A 145 -13.80 7.39 2.73
N THR A 146 -12.50 7.70 2.72
CA THR A 146 -12.13 9.11 2.55
C THR A 146 -12.41 9.65 1.14
N PRO A 147 -12.48 8.81 0.06
CA PRO A 147 -12.83 9.38 -1.26
C PRO A 147 -14.20 10.02 -1.42
N VAL A 148 -15.01 10.05 -0.34
CA VAL A 148 -16.19 10.90 -0.40
C VAL A 148 -15.77 12.32 -0.68
N VAL A 149 -14.54 12.67 -0.27
CA VAL A 149 -13.99 14.01 -0.46
C VAL A 149 -13.97 14.41 -1.92
N VAL A 150 -13.84 13.44 -2.83
CA VAL A 150 -13.97 13.70 -4.26
C VAL A 150 -15.24 13.09 -4.82
N ARG A 151 -16.23 12.84 -3.94
CA ARG A 151 -17.53 12.30 -4.30
C ARG A 151 -17.41 10.96 -5.04
N GLU A 152 -16.45 10.15 -4.65
CA GLU A 152 -16.36 8.80 -5.17
C GLU A 152 -16.19 7.82 -4.05
N GLY A 153 -16.88 8.07 -2.94
CA GLY A 153 -16.80 7.16 -1.81
C GLY A 153 -17.52 5.85 -2.10
N ALA A 154 -17.25 4.86 -1.26
CA ALA A 154 -17.99 3.61 -1.21
C ALA A 154 -18.59 3.51 0.18
N THR A 155 -19.92 3.49 0.28
CA THR A 155 -20.60 3.57 1.57
C THR A 155 -21.62 2.44 1.68
N VAL A 156 -21.63 1.76 2.82
CA VAL A 156 -22.74 0.88 3.15
C VAL A 156 -23.35 1.37 4.44
N TYR A 157 -24.59 0.96 4.71
CA TYR A 157 -25.23 1.31 5.97
C TYR A 157 -26.23 0.23 6.32
N ALA A 158 -26.49 0.11 7.62
CA ALA A 158 -27.54 -0.77 8.10
C ALA A 158 -28.43 0.01 9.07
N THR A 159 -29.72 -0.25 9.01
CA THR A 159 -30.68 0.49 9.80
C THR A 159 -30.94 -0.23 11.13
N GLY A 160 -31.04 0.53 12.20
CA GLY A 160 -31.28 -0.02 13.51
C GLY A 160 -32.75 -0.33 13.76
N THR A 161 -33.03 -0.73 15.01
CA THR A 161 -34.36 -1.18 15.41
C THR A 161 -35.44 -0.12 15.14
N HIS A 162 -35.16 1.14 15.44
CA HIS A 162 -36.21 2.16 15.42
C HIS A 162 -36.06 3.15 14.27
N ALA A 163 -35.14 2.90 13.35
CA ALA A 163 -35.02 3.74 12.17
C ALA A 163 -36.24 3.58 11.26
N GLN A 164 -36.88 4.70 10.93
CA GLN A 164 -38.02 4.67 10.01
C GLN A 164 -37.57 4.27 8.61
N VAL A 165 -38.52 3.76 7.82
CA VAL A 165 -38.20 3.48 6.41
C VAL A 165 -37.66 4.73 5.75
N GLU A 166 -38.27 5.88 6.05
CA GLU A 166 -37.78 7.14 5.50
C GLU A 166 -36.36 7.46 5.97
N ASP A 167 -35.96 6.99 7.16
CA ASP A 167 -34.62 7.27 7.68
C ASP A 167 -33.55 6.64 6.81
N GLY A 168 -33.77 5.38 6.40
CA GLY A 168 -32.83 4.72 5.51
C GLY A 168 -32.77 5.37 4.13
N ARG A 169 -33.93 5.75 3.58
CA ARG A 169 -33.94 6.43 2.28
C ARG A 169 -33.26 7.78 2.36
N LEU A 170 -33.49 8.51 3.45
CA LEU A 170 -32.81 9.79 3.62
C LEU A 170 -31.31 9.59 3.66
N MET A 171 -30.85 8.62 4.44
CA MET A 171 -29.43 8.34 4.55
C MET A 171 -28.84 7.87 3.23
N GLU A 172 -29.57 7.01 2.50
CA GLU A 172 -29.06 6.62 1.19
C GLU A 172 -28.94 7.81 0.25
N GLN A 173 -29.95 8.69 0.22
CA GLN A 173 -29.87 9.87 -0.64
C GLN A 173 -28.68 10.74 -0.27
N LEU A 174 -28.49 10.99 1.03
CA LEU A 174 -27.39 11.84 1.48
C LEU A 174 -26.04 11.23 1.10
N LEU A 175 -25.86 9.95 1.39
CA LEU A 175 -24.55 9.37 1.17
C LEU A 175 -24.30 9.09 -0.31
N SER A 176 -25.38 8.91 -1.10
CA SER A 176 -25.21 8.74 -2.54
C SER A 176 -24.66 9.97 -3.23
N SER A 177 -24.82 11.15 -2.64
CA SER A 177 -24.34 12.38 -3.25
C SER A 177 -22.82 12.51 -3.21
N VAL A 178 -22.13 11.65 -2.45
CA VAL A 178 -20.67 11.66 -2.41
C VAL A 178 -20.06 10.33 -2.81
N GLY A 179 -20.83 9.45 -3.47
CA GLY A 179 -20.26 8.21 -3.99
C GLY A 179 -21.30 7.10 -4.05
N PHE A 180 -20.81 5.87 -4.17
CA PHE A 180 -21.71 4.71 -4.16
C PHE A 180 -22.21 4.47 -2.73
N CYS A 181 -23.48 4.08 -2.61
CA CYS A 181 -24.08 3.83 -1.31
C CYS A 181 -25.14 2.75 -1.44
N THR A 182 -25.16 1.79 -0.51
CA THR A 182 -26.16 0.74 -0.58
C THR A 182 -26.43 0.22 0.82
N GLU A 183 -27.66 -0.24 1.05
CA GLU A 183 -27.99 -0.89 2.30
C GLU A 183 -27.44 -2.31 2.35
N VAL A 184 -26.90 -2.70 3.51
CA VAL A 184 -26.47 -4.07 3.81
C VAL A 184 -26.99 -4.47 5.18
N GLU A 185 -27.11 -5.78 5.38
CA GLU A 185 -27.21 -6.34 6.73
C GLU A 185 -25.98 -5.97 7.56
N GLU A 186 -26.20 -5.75 8.86
CA GLU A 186 -25.13 -5.24 9.70
C GLU A 186 -23.97 -6.23 9.81
N ASP A 187 -24.26 -7.54 9.75
CA ASP A 187 -23.18 -8.52 9.86
C ASP A 187 -22.17 -8.46 8.71
N LEU A 188 -22.41 -7.67 7.67
CA LEU A 188 -21.41 -7.54 6.61
C LEU A 188 -20.47 -6.36 6.81
N ILE A 189 -20.72 -5.48 7.79
CA ILE A 189 -20.04 -4.19 7.79
C ILE A 189 -18.56 -4.32 8.19
N ASP A 190 -18.23 -5.25 9.09
CA ASP A 190 -16.82 -5.47 9.43
C ASP A 190 -16.05 -5.91 8.20
N ALA A 191 -16.63 -6.79 7.38
CA ALA A 191 -15.97 -7.23 6.15
C ALA A 191 -15.82 -6.08 5.17
N VAL A 192 -16.88 -5.27 5.02
CA VAL A 192 -16.79 -4.07 4.17
C VAL A 192 -15.67 -3.16 4.65
N THR A 193 -15.55 -3.01 5.97
CA THR A 193 -14.47 -2.21 6.52
C THR A 193 -13.12 -2.66 6.00
N GLY A 194 -12.90 -3.98 5.91
CA GLY A 194 -11.61 -4.49 5.47
C GLY A 194 -11.34 -4.30 3.99
N LEU A 195 -12.40 -4.19 3.19
CA LEU A 195 -12.30 -4.06 1.75
C LEU A 195 -12.30 -2.58 1.36
N SER A 196 -13.48 -1.94 1.35
CA SER A 196 -13.58 -0.57 0.85
C SER A 196 -13.27 0.48 1.93
N GLY A 197 -13.45 0.16 3.21
CA GLY A 197 -13.05 1.12 4.23
C GLY A 197 -11.55 1.36 4.27
N SER A 198 -10.77 0.26 4.42
CA SER A 198 -9.32 0.33 4.36
C SER A 198 -8.78 0.37 2.93
N GLY A 199 -9.56 -0.06 1.93
CA GLY A 199 -9.13 -0.07 0.54
C GLY A 199 -8.32 1.13 0.03
N PRO A 200 -8.76 2.37 0.29
CA PRO A 200 -7.96 3.50 -0.21
C PRO A 200 -6.50 3.46 0.24
N ALA A 201 -6.23 3.08 1.48
CA ALA A 201 -4.84 2.98 1.93
C ALA A 201 -4.04 1.97 1.13
N TYR A 202 -4.64 0.79 0.81
CA TYR A 202 -3.95 -0.19 -0.03
C TYR A 202 -3.65 0.41 -1.41
N ALA A 203 -4.61 1.14 -1.97
CA ALA A 203 -4.42 1.80 -3.25
C ALA A 203 -3.32 2.85 -3.20
N PHE A 204 -3.27 3.65 -2.13
CA PHE A 204 -2.20 4.64 -1.99
C PHE A 204 -0.83 3.96 -1.89
N THR A 205 -0.76 2.84 -1.17
CA THR A 205 0.49 2.07 -1.12
C THR A 205 0.86 1.53 -2.51
N ALA A 206 -0.11 0.94 -3.19
CA ALA A 206 0.09 0.48 -4.56
C ALA A 206 0.64 1.59 -5.44
N LEU A 207 0.02 2.78 -5.34
CA LEU A 207 0.38 3.88 -6.24
C LEU A 207 1.77 4.39 -5.94
N ASP A 208 2.12 4.50 -4.67
CA ASP A 208 3.46 4.91 -4.30
C ASP A 208 4.50 3.94 -4.85
N ALA A 209 4.19 2.63 -4.82
CA ALA A 209 5.11 1.61 -5.29
C ALA A 209 5.19 1.57 -6.82
N LEU A 210 4.02 1.72 -7.48
CA LEU A 210 4.03 1.77 -8.94
C LEU A 210 4.88 2.94 -9.44
N ALA A 211 4.78 4.08 -8.76
CA ALA A 211 5.57 5.25 -9.12
C ALA A 211 7.07 5.03 -8.89
N ASP A 212 7.44 4.39 -7.77
CA ASP A 212 8.84 3.98 -7.56
C ASP A 212 9.34 3.16 -8.73
N GLY A 213 8.54 2.19 -9.14
CA GLY A 213 8.87 1.38 -10.31
C GLY A 213 9.03 2.20 -11.56
N GLY A 214 8.12 3.14 -11.79
CA GLY A 214 8.28 4.04 -12.92
C GLY A 214 9.58 4.83 -12.83
N VAL A 215 9.90 5.36 -11.65
CA VAL A 215 11.16 6.09 -11.46
C VAL A 215 12.36 5.17 -11.68
N LYS A 216 12.28 3.93 -11.21
CA LYS A 216 13.43 3.02 -11.37
C LYS A 216 13.73 2.79 -12.85
N MET A 217 12.69 2.73 -13.68
CA MET A 217 12.87 2.53 -15.10
C MET A 217 13.13 3.83 -15.87
N GLY A 218 13.24 4.97 -15.18
CA GLY A 218 13.67 6.22 -15.81
C GLY A 218 12.62 7.32 -15.93
N LEU A 219 11.37 7.14 -15.39
CA LEU A 219 10.37 8.22 -15.49
C LEU A 219 10.60 9.28 -14.40
N PRO A 220 10.30 10.56 -14.68
CA PRO A 220 10.21 11.54 -13.59
C PRO A 220 9.12 11.13 -12.62
N ARG A 221 9.34 11.44 -11.34
CA ARG A 221 8.41 11.04 -10.29
CA ARG A 221 8.41 11.06 -10.28
C ARG A 221 7.01 11.60 -10.55
N ARG A 222 6.90 12.90 -10.85
CA ARG A 222 5.57 13.48 -11.05
C ARG A 222 4.80 12.76 -12.16
N LEU A 223 5.46 12.54 -13.31
CA LEU A 223 4.80 11.83 -14.41
C LEU A 223 4.40 10.42 -13.99
N ALA A 224 5.29 9.71 -13.28
CA ALA A 224 5.00 8.33 -12.88
C ALA A 224 3.85 8.27 -11.87
N VAL A 225 3.72 9.26 -10.99
CA VAL A 225 2.54 9.31 -10.11
C VAL A 225 1.27 9.52 -10.94
N ARG A 226 1.33 10.46 -11.89
CA ARG A 226 0.16 10.77 -12.73
C ARG A 226 -0.30 9.55 -13.53
N LEU A 227 0.64 8.85 -14.16
CA LEU A 227 0.28 7.74 -15.05
C LEU A 227 -0.20 6.54 -14.25
N GLY A 228 0.39 6.29 -13.09
CA GLY A 228 -0.01 5.13 -12.30
C GLY A 228 -1.40 5.33 -11.72
N ALA A 229 -1.67 6.54 -11.22
CA ALA A 229 -2.99 6.89 -10.73
C ALA A 229 -4.02 6.85 -11.85
N GLN A 230 -3.69 7.43 -13.00
CA GLN A 230 -4.62 7.36 -14.13
C GLN A 230 -4.90 5.92 -14.52
N ALA A 231 -3.88 5.05 -14.44
CA ALA A 231 -4.07 3.65 -14.82
C ALA A 231 -5.04 2.92 -13.88
N LEU A 232 -4.88 3.10 -12.56
CA LEU A 232 -5.75 2.45 -11.59
C LEU A 232 -7.17 2.98 -11.69
N LEU A 233 -7.32 4.30 -11.86
CA LEU A 233 -8.66 4.89 -11.98
C LEU A 233 -9.35 4.36 -13.22
N GLY A 234 -8.66 4.38 -14.37
CA GLY A 234 -9.24 3.89 -15.60
C GLY A 234 -9.57 2.40 -15.55
N ALA A 235 -8.73 1.61 -14.89
CA ALA A 235 -9.02 0.18 -14.77
C ALA A 235 -10.24 -0.06 -13.88
N ALA A 236 -10.34 0.64 -12.76
CA ALA A 236 -11.49 0.47 -11.87
C ALA A 236 -12.78 0.88 -12.60
N LYS A 237 -12.74 2.02 -13.28
CA LYS A 237 -13.92 2.45 -14.03
C LYS A 237 -14.30 1.42 -15.08
N MET A 238 -13.31 0.86 -15.79
CA MET A 238 -13.60 -0.18 -16.76
C MET A 238 -14.39 -1.32 -16.13
N LEU A 239 -13.93 -1.82 -14.99
CA LEU A 239 -14.58 -2.95 -14.34
C LEU A 239 -15.99 -2.58 -13.85
N LEU A 240 -16.18 -1.35 -13.37
CA LEU A 240 -17.51 -0.94 -12.94
C LEU A 240 -18.49 -0.87 -14.10
N HIS A 241 -18.04 -0.46 -15.28
CA HIS A 241 -18.92 -0.36 -16.43
C HIS A 241 -18.94 -1.62 -17.26
N SER A 242 -18.25 -2.68 -16.85
CA SER A 242 -18.19 -3.93 -17.60
C SER A 242 -19.01 -5.02 -16.92
N GLU A 243 -19.71 -5.80 -17.71
CA GLU A 243 -20.37 -7.00 -17.20
C GLU A 243 -19.42 -8.19 -17.20
N GLN A 244 -18.12 -7.96 -17.08
CA GLN A 244 -17.14 -9.00 -17.36
C GLN A 244 -16.26 -9.27 -16.14
N HIS A 245 -15.78 -10.51 -16.07
CA HIS A 245 -14.94 -10.87 -14.96
C HIS A 245 -13.60 -10.14 -15.05
N PRO A 246 -13.04 -9.72 -13.93
CA PRO A 246 -11.75 -9.02 -13.97
C PRO A 246 -10.63 -9.84 -14.60
N GLY A 247 -10.68 -11.17 -14.50
CA GLY A 247 -9.73 -12.00 -15.22
C GLY A 247 -9.86 -11.87 -16.73
N GLN A 248 -11.10 -11.75 -17.22
CA GLN A 248 -11.30 -11.58 -18.65
C GLN A 248 -10.72 -10.26 -19.12
N LEU A 249 -10.93 -9.18 -18.34
CA LEU A 249 -10.33 -7.90 -18.70
C LEU A 249 -8.81 -7.97 -18.66
N LYS A 250 -8.25 -8.72 -17.70
CA LYS A 250 -6.81 -8.93 -17.64
C LYS A 250 -6.33 -9.65 -18.91
N ASP A 251 -7.07 -10.67 -19.34
CA ASP A 251 -6.77 -11.35 -20.59
C ASP A 251 -6.66 -10.39 -21.78
N ASN A 252 -7.57 -9.41 -21.89
CA ASN A 252 -7.55 -8.51 -23.03
C ASN A 252 -6.33 -7.62 -23.07
N VAL A 253 -5.70 -7.39 -21.92
CA VAL A 253 -4.54 -6.52 -21.87
C VAL A 253 -3.28 -7.28 -22.28
N SER A 254 -3.17 -8.55 -21.91
CA SER A 254 -1.88 -9.24 -21.98
C SER A 254 -1.78 -10.02 -23.28
N SER A 255 -1.01 -9.47 -24.19
CA SER A 255 -0.71 -10.13 -25.45
C SER A 255 0.22 -11.32 -25.25
N PRO A 256 0.03 -12.41 -25.99
CA PRO A 256 0.93 -13.58 -25.86
C PRO A 256 2.40 -13.19 -25.98
N GLY A 257 3.24 -13.74 -25.09
CA GLY A 257 4.67 -13.45 -25.06
C GLY A 257 5.03 -12.02 -24.70
N GLY A 258 4.06 -11.21 -24.31
CA GLY A 258 4.22 -9.78 -24.21
C GLY A 258 4.60 -9.28 -22.82
N ALA A 259 4.72 -7.95 -22.73
CA ALA A 259 5.28 -7.30 -21.56
C ALA A 259 4.37 -7.48 -20.36
N THR A 260 3.08 -7.30 -20.56
CA THR A 260 2.12 -7.41 -19.46
C THR A 260 2.16 -8.82 -18.84
N ILE A 261 2.15 -9.86 -19.67
CA ILE A 261 2.10 -11.22 -19.13
C ILE A 261 3.41 -11.56 -18.40
N HIS A 262 4.56 -10.99 -18.83
CA HIS A 262 5.77 -11.14 -18.04
C HIS A 262 5.62 -10.47 -16.67
N ALA A 263 5.05 -9.26 -16.62
CA ALA A 263 4.86 -8.59 -15.34
C ALA A 263 3.89 -9.33 -14.43
N LEU A 264 2.79 -9.81 -14.98
CA LEU A 264 1.85 -10.58 -14.17
C LEU A 264 2.53 -11.79 -13.53
N HIS A 265 3.46 -12.42 -14.24
CA HIS A 265 4.15 -13.57 -13.67
C HIS A 265 4.91 -13.17 -12.40
N VAL A 266 5.66 -12.05 -12.44
CA VAL A 266 6.43 -11.72 -11.23
C VAL A 266 5.48 -11.33 -10.10
N LEU A 267 4.32 -10.76 -10.40
CA LEU A 267 3.33 -10.55 -9.34
C LEU A 267 2.86 -11.87 -8.74
N GLU A 268 2.56 -12.84 -9.62
CA GLU A 268 2.17 -14.17 -9.15
C GLU A 268 3.27 -14.82 -8.32
N SER A 269 4.55 -14.65 -8.72
CA SER A 269 5.62 -15.35 -8.00
C SER A 269 5.81 -14.81 -6.59
N GLY A 270 5.43 -13.56 -6.34
CA GLY A 270 5.44 -13.06 -4.97
C GLY A 270 4.16 -13.29 -4.18
N GLY A 271 3.17 -13.99 -4.72
CA GLY A 271 1.90 -14.14 -4.01
C GLY A 271 1.15 -12.85 -3.81
N PHE A 272 1.22 -11.93 -4.80
CA PHE A 272 0.47 -10.66 -4.83
C PHE A 272 -0.99 -10.81 -4.40
N ARG A 273 -1.71 -11.72 -5.06
CA ARG A 273 -3.11 -11.97 -4.71
C ARG A 273 -3.28 -12.23 -3.23
N SER A 274 -2.50 -13.15 -2.67
CA SER A 274 -2.69 -13.53 -1.28
C SER A 274 -2.42 -12.39 -0.31
N LEU A 275 -1.56 -11.45 -0.69
CA LEU A 275 -1.31 -10.31 0.19
C LEU A 275 -2.53 -9.41 0.30
N LEU A 276 -3.23 -9.20 -0.81
CA LEU A 276 -4.43 -8.40 -0.77
C LEU A 276 -5.53 -9.12 0.00
N ILE A 277 -5.61 -10.46 -0.14
CA ILE A 277 -6.55 -11.24 0.69
C ILE A 277 -6.16 -11.13 2.18
N ASN A 278 -4.86 -11.26 2.49
CA ASN A 278 -4.42 -11.12 3.89
C ASN A 278 -4.80 -9.76 4.44
N ALA A 279 -4.73 -8.72 3.60
CA ALA A 279 -5.05 -7.36 4.05
C ALA A 279 -6.52 -7.23 4.46
N VAL A 280 -7.45 -7.46 3.51
CA VAL A 280 -8.89 -7.46 3.81
C VAL A 280 -9.16 -8.27 5.08
N GLU A 281 -8.56 -9.47 5.17
CA GLU A 281 -8.82 -10.33 6.33
C GLU A 281 -8.30 -9.70 7.61
N ALA A 282 -7.05 -9.19 7.59
CA ALA A 282 -6.46 -8.59 8.79
C ALA A 282 -7.24 -7.35 9.25
N SER A 283 -7.77 -6.57 8.32
CA SER A 283 -8.52 -5.37 8.70
C SER A 283 -9.92 -5.73 9.24
N CYS A 284 -10.57 -6.71 8.63
CA CYS A 284 -11.85 -7.20 9.15
C CYS A 284 -11.69 -7.78 10.55
N ILE A 285 -10.70 -8.66 10.74
CA ILE A 285 -10.47 -9.29 12.03
C ILE A 285 -10.13 -8.25 13.09
N ARG A 286 -9.28 -7.28 12.75
CA ARG A 286 -8.98 -6.20 13.69
C ARG A 286 -10.26 -5.45 14.07
N THR A 287 -11.12 -5.19 13.08
CA THR A 287 -12.37 -4.48 13.34
C THR A 287 -13.24 -5.24 14.35
N ARG A 288 -13.36 -6.56 14.21
CA ARG A 288 -14.11 -7.33 15.19
C ARG A 288 -13.45 -7.31 16.56
N GLU A 289 -12.11 -7.23 16.60
CA GLU A 289 -11.39 -7.08 17.87
C GLU A 289 -11.69 -5.73 18.53
N LEU A 290 -11.77 -4.66 17.72
CA LEU A 290 -12.10 -3.35 18.25
C LEU A 290 -13.50 -3.34 18.87
N GLN A 291 -14.35 -4.32 18.55
CA GLN A 291 -15.65 -4.43 19.21
C GLN A 291 -15.65 -5.37 20.39
N SER A 292 -15.04 -6.56 20.24
CA SER A 292 -14.98 -7.51 21.34
C SER A 292 -14.19 -6.97 22.52
N MET A 293 -13.39 -5.91 22.34
CA MET A 293 -12.76 -5.25 23.47
C MET A 293 -13.73 -4.31 24.16
N ALA A 294 -14.41 -3.47 23.39
CA ALA A 294 -15.45 -2.59 23.93
C ALA A 294 -16.52 -3.38 24.69
N ASP A 295 -17.06 -4.42 24.05
CA ASP A 295 -18.15 -5.19 24.63
C ASP A 295 -17.82 -5.66 26.04
N GLN A 296 -16.65 -6.26 26.23
CA GLN A 296 -16.16 -6.63 27.55
C GLN A 296 -15.64 -5.42 28.32
N ASN B 17 -16.62 20.77 -26.65
CA ASN B 17 -17.19 21.04 -27.96
C ASN B 17 -16.20 20.82 -29.11
N LEU B 18 -15.35 19.82 -28.93
CA LEU B 18 -14.34 19.45 -29.91
C LEU B 18 -14.96 18.59 -31.02
N TYR B 19 -14.43 18.72 -32.24
CA TYR B 19 -14.86 17.91 -33.37
C TYR B 19 -13.96 18.15 -34.59
N PHE B 20 -13.40 17.07 -35.14
CA PHE B 20 -12.48 17.12 -36.28
C PHE B 20 -13.27 16.79 -37.54
N GLN B 21 -13.91 17.81 -38.13
CA GLN B 21 -14.83 17.56 -39.24
C GLN B 21 -14.13 17.12 -40.51
N SER B 22 -12.87 17.51 -40.71
CA SER B 22 -12.14 17.15 -41.92
C SER B 22 -11.15 16.01 -41.69
N MET B 23 -11.36 15.19 -40.65
CA MET B 23 -10.43 14.12 -40.29
C MET B 23 -11.09 12.77 -40.47
N SER B 24 -10.44 11.88 -41.23
CA SER B 24 -10.83 10.48 -41.35
C SER B 24 -9.77 9.60 -40.69
N VAL B 25 -10.21 8.68 -39.83
CA VAL B 25 -9.30 7.86 -39.03
C VAL B 25 -9.35 6.42 -39.52
N GLY B 26 -8.18 5.79 -39.61
CA GLY B 26 -8.11 4.38 -39.94
C GLY B 26 -7.34 3.59 -38.91
N PHE B 27 -7.70 2.30 -38.78
CA PHE B 27 -6.97 1.37 -37.91
C PHE B 27 -6.53 0.17 -38.73
N ILE B 28 -5.22 -0.05 -38.79
CA ILE B 28 -4.68 -1.32 -39.29
C ILE B 28 -4.57 -2.24 -38.08
N GLY B 29 -5.36 -3.32 -38.08
CA GLY B 29 -5.53 -4.15 -36.92
C GLY B 29 -6.85 -3.82 -36.25
N ALA B 30 -7.71 -4.80 -36.02
CA ALA B 30 -9.04 -4.55 -35.50
C ALA B 30 -9.29 -5.40 -34.27
N GLY B 31 -8.37 -5.32 -33.31
CA GLY B 31 -8.46 -6.09 -32.09
C GLY B 31 -8.79 -5.21 -30.91
N GLN B 32 -8.25 -5.55 -29.74
CA GLN B 32 -8.68 -4.91 -28.49
C GLN B 32 -8.45 -3.41 -28.53
N LEU B 33 -7.21 -2.99 -28.87
CA LEU B 33 -6.86 -1.58 -28.80
C LEU B 33 -7.69 -0.76 -29.78
N ALA B 34 -7.80 -1.23 -31.03
CA ALA B 34 -8.57 -0.49 -32.02
C ALA B 34 -10.02 -0.32 -31.57
N PHE B 35 -10.65 -1.39 -31.10
CA PHE B 35 -12.01 -1.24 -30.59
C PHE B 35 -12.05 -0.23 -29.45
N ALA B 36 -11.09 -0.34 -28.52
CA ALA B 36 -11.09 0.54 -27.36
C ALA B 36 -11.02 2.01 -27.75
N LEU B 37 -10.13 2.34 -28.70
CA LEU B 37 -9.98 3.72 -29.16
C LEU B 37 -11.17 4.18 -29.99
N ALA B 38 -11.66 3.33 -30.90
CA ALA B 38 -12.84 3.68 -31.70
C ALA B 38 -14.05 3.90 -30.81
N LYS B 39 -14.26 3.01 -29.83
CA LYS B 39 -15.37 3.17 -28.90
C LYS B 39 -15.23 4.47 -28.12
N GLY B 40 -14.02 4.77 -27.64
CA GLY B 40 -13.83 5.98 -26.87
C GLY B 40 -13.96 7.24 -27.70
N PHE B 41 -13.36 7.25 -28.90
CA PHE B 41 -13.47 8.42 -29.76
C PHE B 41 -14.93 8.74 -30.05
N THR B 42 -15.74 7.70 -30.29
CA THR B 42 -17.13 7.93 -30.65
C THR B 42 -17.93 8.39 -29.45
N ALA B 43 -17.75 7.74 -28.30
CA ALA B 43 -18.41 8.19 -27.08
C ALA B 43 -18.04 9.63 -26.76
N ALA B 44 -16.84 10.07 -27.11
CA ALA B 44 -16.44 11.43 -26.82
C ALA B 44 -17.13 12.44 -27.73
N GLY B 45 -17.74 11.98 -28.82
CA GLY B 45 -18.33 12.85 -29.81
C GLY B 45 -17.35 13.44 -30.81
N VAL B 46 -16.05 13.22 -30.65
CA VAL B 46 -15.09 13.86 -31.55
C VAL B 46 -15.05 13.22 -32.93
N LEU B 47 -15.66 12.05 -33.09
CA LEU B 47 -15.53 11.28 -34.31
C LEU B 47 -16.80 10.47 -34.51
N ALA B 48 -17.45 10.67 -35.65
CA ALA B 48 -18.54 9.80 -36.05
C ALA B 48 -17.98 8.47 -36.54
N ALA B 49 -18.64 7.38 -36.17
CA ALA B 49 -18.09 6.04 -36.43
C ALA B 49 -17.89 5.81 -37.93
N HIS B 50 -18.79 6.33 -38.76
CA HIS B 50 -18.64 6.10 -40.19
C HIS B 50 -17.44 6.82 -40.78
N LYS B 51 -16.89 7.81 -40.07
CA LYS B 51 -15.61 8.39 -40.45
C LYS B 51 -14.43 7.56 -39.95
N ILE B 52 -14.67 6.36 -39.45
CA ILE B 52 -13.61 5.49 -38.95
C ILE B 52 -13.66 4.19 -39.75
N MET B 53 -12.49 3.75 -40.21
CA MET B 53 -12.37 2.49 -40.92
C MET B 53 -11.31 1.64 -40.26
N ALA B 54 -11.57 0.35 -40.12
CA ALA B 54 -10.59 -0.57 -39.54
C ALA B 54 -10.45 -1.78 -40.44
N SER B 55 -9.25 -2.38 -40.41
CA SER B 55 -8.97 -3.54 -41.24
C SER B 55 -8.27 -4.61 -40.42
N SER B 56 -8.58 -5.86 -40.75
CA SER B 56 -7.96 -7.02 -40.10
C SER B 56 -8.06 -8.19 -41.06
N PRO B 57 -7.11 -9.14 -41.01
CA PRO B 57 -7.21 -10.33 -41.85
C PRO B 57 -8.21 -11.35 -41.33
N ASP B 58 -8.76 -11.16 -40.14
CA ASP B 58 -9.75 -12.06 -39.57
C ASP B 58 -11.02 -11.26 -39.37
N MET B 59 -11.85 -11.22 -40.42
CA MET B 59 -13.15 -10.54 -40.36
C MET B 59 -14.17 -11.27 -39.46
N ASP B 60 -13.80 -12.36 -38.78
CA ASP B 60 -14.71 -13.06 -37.89
C ASP B 60 -14.20 -12.97 -36.45
N LEU B 61 -13.80 -11.78 -36.05
CA LEU B 61 -13.35 -11.50 -34.68
C LEU B 61 -14.48 -10.88 -33.87
N ALA B 62 -14.49 -11.19 -32.58
CA ALA B 62 -15.44 -10.54 -31.68
C ALA B 62 -15.29 -9.02 -31.73
N THR B 63 -14.05 -8.54 -31.82
CA THR B 63 -13.82 -7.09 -31.88
C THR B 63 -14.31 -6.51 -33.20
N VAL B 64 -14.14 -7.25 -34.30
CA VAL B 64 -14.69 -6.81 -35.58
C VAL B 64 -16.21 -6.80 -35.53
N SER B 65 -16.81 -7.79 -34.87
CA SER B 65 -18.26 -7.79 -34.70
C SER B 65 -18.73 -6.57 -33.91
N ALA B 66 -17.99 -6.22 -32.85
CA ALA B 66 -18.32 -5.04 -32.05
C ALA B 66 -18.20 -3.75 -32.87
N LEU B 67 -17.06 -3.57 -33.54
CA LEU B 67 -16.86 -2.38 -34.38
C LEU B 67 -17.96 -2.25 -35.42
N ARG B 68 -18.46 -3.36 -35.95
CA ARG B 68 -19.52 -3.28 -36.94
C ARG B 68 -20.80 -2.71 -36.36
N LYS B 69 -21.11 -3.02 -35.10
CA LYS B 69 -22.31 -2.49 -34.48
C LYS B 69 -22.21 -0.97 -34.27
N MET B 70 -21.03 -0.47 -33.91
CA MET B 70 -20.87 0.96 -33.68
C MET B 70 -21.07 1.77 -34.96
N GLY B 71 -20.94 1.13 -36.13
CA GLY B 71 -21.00 1.83 -37.40
C GLY B 71 -19.66 2.00 -38.09
N VAL B 72 -18.56 1.55 -37.48
CA VAL B 72 -17.24 1.69 -38.10
C VAL B 72 -17.21 0.92 -39.41
N LYS B 73 -16.54 1.49 -40.41
CA LYS B 73 -16.34 0.80 -41.68
C LYS B 73 -15.27 -0.26 -41.52
N LEU B 74 -15.54 -1.48 -42.00
CA LEU B 74 -14.61 -2.60 -41.93
C LEU B 74 -14.24 -3.07 -43.33
N THR B 75 -13.00 -3.52 -43.47
CA THR B 75 -12.48 -4.07 -44.71
C THR B 75 -11.40 -5.07 -44.36
N PRO B 76 -11.17 -6.08 -45.20
CA PRO B 76 -9.98 -6.92 -45.00
C PRO B 76 -8.71 -6.29 -45.57
N HIS B 77 -8.81 -5.30 -46.46
CA HIS B 77 -7.65 -4.84 -47.21
C HIS B 77 -7.06 -3.61 -46.54
N ASN B 78 -5.80 -3.73 -46.10
CA ASN B 78 -5.13 -2.63 -45.42
C ASN B 78 -4.95 -1.43 -46.34
N LYS B 79 -4.73 -1.67 -47.63
CA LYS B 79 -4.62 -0.54 -48.56
C LYS B 79 -5.88 0.30 -48.54
N GLU B 80 -7.04 -0.35 -48.38
CA GLU B 80 -8.29 0.39 -48.32
C GLU B 80 -8.31 1.36 -47.14
N THR B 81 -7.91 0.88 -45.96
CA THR B 81 -7.79 1.75 -44.79
C THR B 81 -6.89 2.95 -45.07
N VAL B 82 -5.71 2.68 -45.64
CA VAL B 82 -4.75 3.74 -45.88
C VAL B 82 -5.32 4.76 -46.85
N GLN B 83 -6.00 4.29 -47.88
CA GLN B 83 -6.55 5.20 -48.88
C GLN B 83 -7.69 6.05 -48.32
N HIS B 84 -8.41 5.53 -47.34
CA HIS B 84 -9.54 6.27 -46.76
C HIS B 84 -9.09 7.22 -45.65
N SER B 85 -7.98 6.92 -44.99
CA SER B 85 -7.65 7.58 -43.74
C SER B 85 -6.69 8.74 -43.96
N ASP B 86 -6.80 9.75 -43.09
CA ASP B 86 -5.80 10.78 -42.86
C ASP B 86 -4.90 10.42 -41.68
N VAL B 87 -5.50 10.09 -40.54
CA VAL B 87 -4.77 9.62 -39.37
C VAL B 87 -4.84 8.10 -39.37
N LEU B 88 -3.69 7.44 -39.36
CA LEU B 88 -3.59 6.00 -39.54
C LEU B 88 -2.97 5.37 -38.29
N PHE B 89 -3.80 4.71 -37.47
CA PHE B 89 -3.35 4.02 -36.27
C PHE B 89 -2.86 2.62 -36.64
N LEU B 90 -1.61 2.31 -36.31
CA LEU B 90 -1.08 0.97 -36.43
C LEU B 90 -1.38 0.24 -35.13
N ALA B 91 -2.35 -0.67 -35.17
CA ALA B 91 -2.79 -1.33 -33.95
C ALA B 91 -2.65 -2.83 -34.14
N VAL B 92 -1.48 -3.26 -34.60
CA VAL B 92 -1.16 -4.66 -34.72
C VAL B 92 -0.04 -5.00 -33.72
N LYS B 93 0.19 -6.31 -33.55
CA LYS B 93 1.25 -6.78 -32.67
C LYS B 93 2.60 -6.25 -33.14
N PRO B 94 3.57 -6.05 -32.22
CA PRO B 94 4.86 -5.44 -32.62
C PRO B 94 5.53 -6.14 -33.79
N HIS B 95 5.52 -7.47 -33.82
CA HIS B 95 6.22 -8.17 -34.89
C HIS B 95 5.47 -8.09 -36.22
N ILE B 96 4.18 -7.74 -36.22
CA ILE B 96 3.46 -7.57 -37.49
C ILE B 96 3.83 -6.25 -38.14
N ILE B 97 4.31 -5.29 -37.36
CA ILE B 97 4.47 -3.92 -37.87
C ILE B 97 5.36 -3.86 -39.11
N PRO B 98 6.54 -4.51 -39.15
CA PRO B 98 7.34 -4.40 -40.38
C PRO B 98 6.64 -4.97 -41.61
N PHE B 99 5.81 -6.00 -41.47
CA PHE B 99 5.09 -6.50 -42.64
C PHE B 99 4.02 -5.51 -43.09
N ILE B 100 3.28 -4.94 -42.14
CA ILE B 100 2.34 -3.86 -42.44
C ILE B 100 3.04 -2.75 -43.23
N LEU B 101 4.19 -2.30 -42.74
CA LEU B 101 4.88 -1.19 -43.40
C LEU B 101 5.28 -1.57 -44.81
N ASP B 102 5.76 -2.80 -45.02
CA ASP B 102 6.17 -3.22 -46.36
C ASP B 102 4.99 -3.30 -47.32
N GLU B 103 3.79 -3.63 -46.80
CA GLU B 103 2.63 -3.79 -47.65
C GLU B 103 2.06 -2.45 -48.10
N ILE B 104 1.97 -1.47 -47.18
CA ILE B 104 1.30 -0.21 -47.49
C ILE B 104 2.26 0.95 -47.60
N GLY B 105 3.57 0.71 -47.50
CA GLY B 105 4.52 1.81 -47.59
C GLY B 105 4.36 2.64 -48.84
N ALA B 106 4.11 1.98 -49.98
CA ALA B 106 3.94 2.69 -51.24
C ALA B 106 2.61 3.42 -51.34
N ASP B 107 1.70 3.21 -50.39
CA ASP B 107 0.42 3.90 -50.37
C ASP B 107 0.40 5.10 -49.42
N ILE B 108 1.46 5.32 -48.64
CA ILE B 108 1.51 6.48 -47.78
C ILE B 108 1.68 7.73 -48.63
N GLU B 109 0.87 8.75 -48.35
CA GLU B 109 0.94 10.03 -49.04
C GLU B 109 1.44 11.09 -48.06
N ASP B 110 1.64 12.30 -48.59
CA ASP B 110 2.04 13.42 -47.74
C ASP B 110 1.02 13.68 -46.65
N ARG B 111 -0.26 13.49 -46.96
CA ARG B 111 -1.32 13.87 -46.05
C ARG B 111 -1.40 12.98 -44.81
N HIS B 112 -0.68 11.86 -44.78
CA HIS B 112 -0.85 10.87 -43.74
C HIS B 112 -0.06 11.20 -42.48
N ILE B 113 -0.69 11.00 -41.34
CA ILE B 113 0.01 10.90 -40.06
C ILE B 113 -0.09 9.43 -39.66
N VAL B 114 1.05 8.81 -39.39
CA VAL B 114 1.11 7.43 -38.98
C VAL B 114 1.32 7.40 -37.46
N VAL B 115 0.33 6.87 -36.75
CA VAL B 115 0.41 6.75 -35.29
C VAL B 115 0.64 5.28 -34.99
N SER B 116 1.83 4.94 -34.48
CA SER B 116 2.13 3.58 -34.07
C SER B 116 1.79 3.44 -32.60
N CYS B 117 0.95 2.44 -32.28
CA CYS B 117 0.62 2.10 -30.91
C CYS B 117 1.33 0.84 -30.44
N ALA B 118 2.17 0.24 -31.29
CA ALA B 118 2.80 -1.01 -30.94
C ALA B 118 3.80 -0.80 -29.81
N ALA B 119 3.74 -1.66 -28.79
CA ALA B 119 4.72 -1.62 -27.72
C ALA B 119 6.12 -1.82 -28.29
N GLY B 120 7.07 -0.97 -27.86
CA GLY B 120 8.46 -1.13 -28.14
C GLY B 120 8.97 -0.69 -29.49
N VAL B 121 8.11 -0.60 -30.50
CA VAL B 121 8.55 -0.37 -31.89
C VAL B 121 8.97 1.09 -32.05
N THR B 122 10.23 1.33 -32.40
CA THR B 122 10.74 2.69 -32.39
C THR B 122 10.24 3.52 -33.58
N ILE B 123 10.24 4.83 -33.39
CA ILE B 123 10.02 5.76 -34.50
C ILE B 123 11.03 5.50 -35.61
N SER B 124 12.26 5.21 -35.23
CA SER B 124 13.36 5.02 -36.16
C SER B 124 13.10 3.84 -37.12
N SER B 125 12.66 2.70 -36.56
CA SER B 125 12.39 1.55 -37.43
C SER B 125 11.22 1.81 -38.37
N ILE B 126 10.18 2.49 -37.90
CA ILE B 126 9.05 2.85 -38.75
C ILE B 126 9.50 3.80 -39.85
N GLU B 127 10.25 4.85 -39.46
CA GLU B 127 10.66 5.86 -40.43
C GLU B 127 11.60 5.26 -41.49
N LYS B 128 12.48 4.34 -41.09
CA LYS B 128 13.40 3.72 -42.04
C LYS B 128 12.63 2.91 -43.10
N LYS B 129 11.64 2.12 -42.67
CA LYS B 129 10.85 1.34 -43.61
C LYS B 129 10.07 2.24 -44.57
N LEU B 130 9.35 3.22 -44.03
CA LEU B 130 8.52 4.08 -44.87
C LEU B 130 9.35 5.05 -45.72
N SER B 131 10.54 5.44 -45.26
CA SER B 131 11.37 6.34 -46.05
C SER B 131 11.86 5.69 -47.34
N ALA B 132 11.81 4.36 -47.44
CA ALA B 132 12.21 3.69 -48.67
C ALA B 132 11.24 3.97 -49.81
N PHE B 133 9.98 4.27 -49.50
CA PHE B 133 8.95 4.52 -50.50
C PHE B 133 8.72 6.00 -50.74
N ARG B 134 8.68 6.80 -49.68
CA ARG B 134 8.40 8.22 -49.81
C ARG B 134 9.15 8.94 -48.69
N PRO B 135 10.05 9.87 -49.02
CA PRO B 135 10.80 10.56 -47.96
C PRO B 135 9.86 11.33 -47.04
N ALA B 136 10.38 11.62 -45.85
CA ALA B 136 9.67 12.41 -44.84
C ALA B 136 8.28 11.92 -44.44
N PRO B 137 8.13 10.64 -44.07
CA PRO B 137 6.84 10.21 -43.51
C PRO B 137 6.60 10.82 -42.13
N ARG B 138 5.35 11.17 -41.86
CA ARG B 138 5.00 11.82 -40.59
C ARG B 138 4.59 10.74 -39.60
N VAL B 139 5.46 10.45 -38.64
CA VAL B 139 5.28 9.30 -37.73
C VAL B 139 5.15 9.82 -36.30
N ILE B 140 4.18 9.29 -35.57
CA ILE B 140 4.00 9.54 -34.15
C ILE B 140 3.94 8.19 -33.44
N ARG B 141 4.73 8.05 -32.37
CA ARG B 141 4.66 6.86 -31.55
C ARG B 141 3.85 7.15 -30.30
N CYS B 142 3.08 6.14 -29.87
CA CYS B 142 2.04 6.28 -28.89
C CYS B 142 2.08 5.08 -27.95
N MET B 143 1.89 5.31 -26.66
CA MET B 143 1.57 4.24 -25.72
C MET B 143 0.29 4.63 -24.97
N THR B 144 -0.73 3.81 -25.11
CA THR B 144 -2.01 4.09 -24.45
C THR B 144 -2.40 2.83 -23.69
N ASN B 145 -3.66 2.74 -23.26
CA ASN B 145 -4.11 1.57 -22.52
C ASN B 145 -5.62 1.40 -22.72
N THR B 146 -6.14 0.26 -22.31
CA THR B 146 -7.52 -0.08 -22.68
C THR B 146 -8.56 0.84 -22.06
N PRO B 147 -8.34 1.45 -20.86
CA PRO B 147 -9.39 2.34 -20.31
C PRO B 147 -9.79 3.54 -21.17
N VAL B 148 -9.13 3.78 -22.32
CA VAL B 148 -9.65 4.77 -23.27
C VAL B 148 -11.09 4.44 -23.58
N VAL B 149 -11.46 3.16 -23.42
CA VAL B 149 -12.80 2.71 -23.79
C VAL B 149 -13.87 3.37 -22.92
N VAL B 150 -13.52 3.74 -21.68
CA VAL B 150 -14.39 4.54 -20.83
C VAL B 150 -13.84 5.96 -20.68
N ARG B 151 -13.05 6.40 -21.66
CA ARG B 151 -12.48 7.75 -21.73
C ARG B 151 -11.66 8.10 -20.48
N GLU B 152 -10.99 7.13 -19.90
CA GLU B 152 -10.09 7.39 -18.79
C GLU B 152 -8.74 6.75 -19.04
N GLY B 153 -8.29 6.78 -20.29
CA GLY B 153 -7.00 6.22 -20.62
C GLY B 153 -5.84 7.07 -20.14
N ALA B 154 -4.65 6.47 -20.21
CA ALA B 154 -3.40 7.18 -19.96
C ALA B 154 -2.53 7.01 -21.21
N THR B 155 -2.20 8.13 -21.85
CA THR B 155 -1.52 8.09 -23.14
C THR B 155 -0.30 9.01 -23.12
N VAL B 156 0.81 8.52 -23.66
CA VAL B 156 1.95 9.36 -23.97
C VAL B 156 2.21 9.22 -25.46
N TYR B 157 2.89 10.20 -26.03
CA TYR B 157 3.27 10.11 -27.43
C TYR B 157 4.58 10.87 -27.63
N ALA B 158 5.30 10.48 -28.68
CA ALA B 158 6.51 11.14 -29.13
C ALA B 158 6.41 11.39 -30.63
N THR B 159 6.85 12.57 -31.07
CA THR B 159 6.74 12.94 -32.47
C THR B 159 8.01 12.54 -33.22
N GLY B 160 7.83 12.00 -34.42
CA GLY B 160 8.95 11.60 -35.25
C GLY B 160 9.68 12.79 -35.87
N THR B 161 10.61 12.46 -36.77
CA THR B 161 11.47 13.45 -37.41
C THR B 161 10.68 14.44 -38.27
N HIS B 162 9.71 13.95 -39.03
CA HIS B 162 9.03 14.77 -40.03
C HIS B 162 7.62 15.15 -39.61
N ALA B 163 7.30 14.97 -38.34
CA ALA B 163 5.99 15.35 -37.81
C ALA B 163 5.97 16.86 -37.61
N GLN B 164 5.00 17.52 -38.22
CA GLN B 164 4.82 18.94 -38.00
C GLN B 164 4.36 19.20 -36.56
N VAL B 165 4.47 20.47 -36.15
CA VAL B 165 4.03 20.85 -34.81
C VAL B 165 2.52 20.68 -34.67
N GLU B 166 1.77 21.05 -35.73
CA GLU B 166 0.33 20.79 -35.72
C GLU B 166 0.00 19.30 -35.68
N ASP B 167 0.91 18.42 -36.13
CA ASP B 167 0.62 16.98 -36.05
C ASP B 167 0.56 16.52 -34.60
N GLY B 168 1.46 17.00 -33.76
CA GLY B 168 1.46 16.57 -32.38
C GLY B 168 0.30 17.17 -31.60
N ARG B 169 0.08 18.48 -31.79
CA ARG B 169 -1.06 19.16 -31.18
C ARG B 169 -2.37 18.46 -31.54
N LEU B 170 -2.50 18.07 -32.81
CA LEU B 170 -3.71 17.38 -33.25
C LEU B 170 -3.85 16.03 -32.57
N MET B 171 -2.74 15.28 -32.47
CA MET B 171 -2.78 13.98 -31.81
C MET B 171 -3.04 14.11 -30.32
N GLU B 172 -2.45 15.13 -29.67
CA GLU B 172 -2.77 15.32 -28.26
C GLU B 172 -4.22 15.75 -28.08
N GLN B 173 -4.71 16.61 -28.97
CA GLN B 173 -6.12 16.99 -28.97
C GLN B 173 -7.02 15.76 -29.03
N LEU B 174 -6.78 14.92 -30.05
CA LEU B 174 -7.61 13.74 -30.26
C LEU B 174 -7.50 12.75 -29.09
N LEU B 175 -6.29 12.44 -28.65
CA LEU B 175 -6.17 11.42 -27.61
C LEU B 175 -6.58 11.96 -26.25
N SER B 176 -6.55 13.28 -26.06
CA SER B 176 -7.07 13.86 -24.83
C SER B 176 -8.57 13.66 -24.66
N SER B 177 -9.32 13.47 -25.75
CA SER B 177 -10.74 13.21 -25.65
C SER B 177 -11.07 11.86 -25.02
N VAL B 178 -10.08 11.00 -24.80
CA VAL B 178 -10.36 9.69 -24.22
C VAL B 178 -9.52 9.44 -22.97
N GLY B 179 -8.91 10.50 -22.42
CA GLY B 179 -8.22 10.35 -21.15
C GLY B 179 -7.05 11.33 -21.05
N PHE B 180 -6.11 11.00 -20.16
CA PHE B 180 -4.91 11.81 -19.97
C PHE B 180 -3.97 11.55 -21.15
N CYS B 181 -3.35 12.62 -21.65
CA CYS B 181 -2.45 12.49 -22.77
C CYS B 181 -1.38 13.58 -22.66
N THR B 182 -0.12 13.20 -22.83
CA THR B 182 0.95 14.18 -22.80
C THR B 182 2.08 13.74 -23.75
N GLU B 183 2.85 14.72 -24.21
CA GLU B 183 4.02 14.42 -25.02
C GLU B 183 5.16 14.01 -24.10
N VAL B 184 5.96 13.04 -24.54
CA VAL B 184 7.16 12.65 -23.82
C VAL B 184 8.29 12.47 -24.83
N GLU B 185 9.52 12.43 -24.30
CA GLU B 185 10.66 11.93 -25.08
C GLU B 185 10.47 10.45 -25.36
N GLU B 186 10.90 10.01 -26.55
CA GLU B 186 10.63 8.63 -26.96
C GLU B 186 11.32 7.63 -26.03
N ASP B 187 12.46 7.98 -25.47
CA ASP B 187 13.17 7.01 -24.64
C ASP B 187 12.53 6.79 -23.28
N LEU B 188 11.39 7.41 -22.99
CA LEU B 188 10.61 7.10 -21.80
C LEU B 188 9.47 6.13 -22.09
N ILE B 189 9.21 5.80 -23.35
CA ILE B 189 7.96 5.12 -23.66
C ILE B 189 7.96 3.65 -23.24
N ASP B 190 9.10 2.96 -23.33
CA ASP B 190 9.15 1.58 -22.83
C ASP B 190 8.86 1.51 -21.31
N ALA B 191 9.25 2.55 -20.57
CA ALA B 191 8.96 2.58 -19.13
C ALA B 191 7.49 2.90 -18.87
N VAL B 192 6.90 3.85 -19.62
CA VAL B 192 5.46 4.08 -19.55
C VAL B 192 4.69 2.79 -19.83
N THR B 193 5.15 2.02 -20.81
CA THR B 193 4.52 0.73 -21.10
C THR B 193 4.46 -0.14 -19.85
N GLY B 194 5.55 -0.17 -19.09
CA GLY B 194 5.61 -0.99 -17.88
C GLY B 194 4.67 -0.51 -16.80
N LEU B 195 4.39 0.80 -16.77
CA LEU B 195 3.57 1.42 -15.73
C LEU B 195 2.10 1.51 -16.18
N SER B 196 1.79 2.46 -17.08
CA SER B 196 0.39 2.67 -17.42
C SER B 196 -0.10 1.77 -18.54
N GLY B 197 0.78 1.30 -19.42
CA GLY B 197 0.33 0.39 -20.48
C GLY B 197 -0.09 -0.96 -19.93
N SER B 198 0.79 -1.62 -19.17
CA SER B 198 0.41 -2.83 -18.44
C SER B 198 -0.38 -2.56 -17.15
N GLY B 199 -0.40 -1.32 -16.65
CA GLY B 199 -1.03 -1.03 -15.38
C GLY B 199 -2.46 -1.50 -15.16
N PRO B 200 -3.36 -1.42 -16.15
CA PRO B 200 -4.71 -1.96 -15.91
C PRO B 200 -4.70 -3.44 -15.56
N ALA B 201 -3.79 -4.25 -16.11
CA ALA B 201 -3.82 -5.67 -15.78
C ALA B 201 -3.41 -5.92 -14.32
N TYR B 202 -2.48 -5.12 -13.80
CA TYR B 202 -2.15 -5.19 -12.38
C TYR B 202 -3.37 -4.89 -11.54
N ALA B 203 -4.13 -3.87 -11.93
CA ALA B 203 -5.33 -3.48 -11.22
C ALA B 203 -6.43 -4.54 -11.29
N PHE B 204 -6.61 -5.17 -12.45
CA PHE B 204 -7.59 -6.24 -12.54
C PHE B 204 -7.24 -7.41 -11.63
N THR B 205 -5.96 -7.77 -11.60
CA THR B 205 -5.46 -8.79 -10.69
C THR B 205 -5.72 -8.39 -9.24
N ALA B 206 -5.41 -7.14 -8.88
CA ALA B 206 -5.64 -6.66 -7.53
C ALA B 206 -7.12 -6.68 -7.14
N LEU B 207 -8.00 -6.27 -8.05
CA LEU B 207 -9.43 -6.26 -7.75
C LEU B 207 -10.01 -7.67 -7.66
N ASP B 208 -9.52 -8.60 -8.47
CA ASP B 208 -9.96 -9.99 -8.30
C ASP B 208 -9.56 -10.52 -6.91
N ALA B 209 -8.34 -10.19 -6.47
CA ALA B 209 -7.83 -10.67 -5.18
C ALA B 209 -8.57 -10.02 -4.02
N LEU B 210 -8.77 -8.70 -4.07
CA LEU B 210 -9.48 -8.00 -3.00
C LEU B 210 -10.91 -8.49 -2.87
N ALA B 211 -11.55 -8.80 -4.01
CA ALA B 211 -12.87 -9.41 -3.97
C ALA B 211 -12.82 -10.79 -3.34
N ASP B 212 -11.83 -11.62 -3.69
CA ASP B 212 -11.60 -12.89 -3.00
C ASP B 212 -11.50 -12.69 -1.50
N GLY B 213 -10.79 -11.65 -1.07
CA GLY B 213 -10.71 -11.34 0.35
C GLY B 213 -12.05 -10.93 0.93
N GLY B 214 -12.81 -10.10 0.22
CA GLY B 214 -14.13 -9.75 0.69
C GLY B 214 -15.01 -10.98 0.82
N VAL B 215 -14.92 -11.90 -0.14
CA VAL B 215 -15.69 -13.14 -0.07
C VAL B 215 -15.25 -13.99 1.12
N LYS B 216 -13.93 -14.07 1.36
CA LYS B 216 -13.46 -14.84 2.51
C LYS B 216 -14.06 -14.35 3.82
N MET B 217 -14.18 -13.03 3.99
CA MET B 217 -14.71 -12.46 5.21
C MET B 217 -16.24 -12.40 5.23
N GLY B 218 -16.91 -12.93 4.19
CA GLY B 218 -18.35 -13.14 4.21
C GLY B 218 -19.17 -12.25 3.29
N LEU B 219 -18.54 -11.51 2.37
CA LEU B 219 -19.31 -10.65 1.46
C LEU B 219 -19.76 -11.42 0.21
N PRO B 220 -20.95 -11.17 -0.29
CA PRO B 220 -21.30 -11.65 -1.65
C PRO B 220 -20.31 -11.14 -2.69
N ARG B 221 -19.97 -12.03 -3.64
CA ARG B 221 -18.96 -11.70 -4.65
CA ARG B 221 -18.98 -11.72 -4.67
C ARG B 221 -19.29 -10.41 -5.38
N ARG B 222 -20.54 -10.26 -5.84
CA ARG B 222 -20.92 -9.06 -6.60
C ARG B 222 -20.65 -7.78 -5.80
N LEU B 223 -21.17 -7.70 -4.57
CA LEU B 223 -20.90 -6.57 -3.70
C LEU B 223 -19.40 -6.37 -3.51
N ALA B 224 -18.65 -7.45 -3.31
CA ALA B 224 -17.23 -7.30 -3.07
C ALA B 224 -16.49 -6.76 -4.29
N VAL B 225 -16.90 -7.15 -5.50
CA VAL B 225 -16.27 -6.59 -6.71
C VAL B 225 -16.58 -5.09 -6.81
N ARG B 226 -17.84 -4.72 -6.63
CA ARG B 226 -18.26 -3.32 -6.69
C ARG B 226 -17.48 -2.45 -5.69
N LEU B 227 -17.46 -2.88 -4.43
CA LEU B 227 -16.83 -2.08 -3.38
C LEU B 227 -15.35 -1.93 -3.63
N GLY B 228 -14.69 -3.02 -4.00
CA GLY B 228 -13.27 -2.99 -4.29
C GLY B 228 -12.95 -2.04 -5.41
N ALA B 229 -13.67 -2.15 -6.53
CA ALA B 229 -13.41 -1.29 -7.68
C ALA B 229 -13.71 0.16 -7.33
N GLN B 230 -14.79 0.41 -6.58
CA GLN B 230 -15.10 1.76 -6.15
C GLN B 230 -14.01 2.32 -5.25
N ALA B 231 -13.38 1.46 -4.43
CA ALA B 231 -12.34 1.93 -3.53
C ALA B 231 -11.10 2.34 -4.31
N LEU B 232 -10.70 1.50 -5.29
CA LEU B 232 -9.56 1.85 -6.13
C LEU B 232 -9.85 3.10 -6.95
N LEU B 233 -11.05 3.19 -7.52
CA LEU B 233 -11.38 4.36 -8.33
C LEU B 233 -11.31 5.62 -7.49
N GLY B 234 -11.98 5.61 -6.33
CA GLY B 234 -11.99 6.79 -5.49
C GLY B 234 -10.62 7.21 -5.02
N ALA B 235 -9.81 6.23 -4.59
CA ALA B 235 -8.46 6.53 -4.13
C ALA B 235 -7.62 7.16 -5.25
N ALA B 236 -7.64 6.55 -6.44
CA ALA B 236 -6.88 7.10 -7.55
C ALA B 236 -7.36 8.50 -7.89
N LYS B 237 -8.67 8.73 -7.88
CA LYS B 237 -9.17 10.07 -8.11
C LYS B 237 -8.70 11.04 -7.03
N MET B 238 -8.73 10.62 -5.77
CA MET B 238 -8.21 11.45 -4.69
C MET B 238 -6.78 11.89 -4.96
N LEU B 239 -5.91 10.94 -5.32
CA LEU B 239 -4.52 11.27 -5.60
C LEU B 239 -4.42 12.23 -6.78
N LEU B 240 -5.16 11.95 -7.86
CA LEU B 240 -5.10 12.80 -9.05
C LEU B 240 -5.49 14.23 -8.73
N HIS B 241 -6.40 14.42 -7.77
CA HIS B 241 -6.94 15.73 -7.46
C HIS B 241 -6.30 16.39 -6.25
N SER B 242 -5.33 15.73 -5.63
CA SER B 242 -4.65 16.27 -4.46
C SER B 242 -3.25 16.77 -4.85
N GLU B 243 -2.76 17.70 -4.06
CA GLU B 243 -1.36 18.07 -4.14
C GLU B 243 -0.51 17.26 -3.16
N GLN B 244 -1.10 16.29 -2.48
CA GLN B 244 -0.44 15.60 -1.39
C GLN B 244 0.23 14.33 -1.86
N HIS B 245 1.29 13.95 -1.16
CA HIS B 245 1.99 12.71 -1.42
C HIS B 245 1.06 11.52 -1.12
N PRO B 246 1.19 10.42 -1.85
CA PRO B 246 0.35 9.24 -1.53
C PRO B 246 0.51 8.74 -0.10
N GLY B 247 1.72 8.80 0.46
CA GLY B 247 1.89 8.45 1.87
C GLY B 247 1.03 9.30 2.81
N GLN B 248 0.84 10.59 2.49
CA GLN B 248 0.04 11.43 3.37
C GLN B 248 -1.43 11.01 3.32
N LEU B 249 -1.98 10.81 2.12
CA LEU B 249 -3.35 10.33 2.01
C LEU B 249 -3.53 9.01 2.75
N LYS B 250 -2.55 8.11 2.60
CA LYS B 250 -2.55 6.85 3.32
C LYS B 250 -2.62 7.06 4.82
N ASP B 251 -1.84 8.01 5.34
CA ASP B 251 -1.87 8.33 6.77
C ASP B 251 -3.23 8.82 7.23
N ASN B 252 -4.03 9.47 6.37
CA ASN B 252 -5.34 9.96 6.81
C ASN B 252 -6.34 8.82 7.00
N VAL B 253 -6.14 7.72 6.30
CA VAL B 253 -7.02 6.57 6.48
C VAL B 253 -6.59 5.72 7.66
N SER B 254 -5.32 5.77 8.04
CA SER B 254 -4.77 4.82 9.01
C SER B 254 -4.92 5.40 10.41
N SER B 255 -6.08 5.15 11.01
CA SER B 255 -6.35 5.58 12.38
C SER B 255 -5.47 4.83 13.38
N PRO B 256 -4.97 5.50 14.41
CA PRO B 256 -4.04 4.85 15.34
C PRO B 256 -4.61 3.57 15.95
N GLY B 257 -3.84 2.48 15.87
CA GLY B 257 -4.26 1.18 16.36
C GLY B 257 -5.39 0.51 15.60
N GLY B 258 -5.80 1.07 14.45
CA GLY B 258 -7.02 0.67 13.78
C GLY B 258 -6.86 -0.49 12.79
N ALA B 259 -7.97 -0.77 12.12
CA ALA B 259 -8.05 -1.86 11.16
C ALA B 259 -7.10 -1.65 9.98
N THR B 260 -7.02 -0.42 9.48
CA THR B 260 -6.24 -0.17 8.27
C THR B 260 -4.75 -0.37 8.50
N ILE B 261 -4.22 0.16 9.62
CA ILE B 261 -2.79 0.03 9.87
C ILE B 261 -2.42 -1.42 10.14
N HIS B 262 -3.36 -2.21 10.68
CA HIS B 262 -3.11 -3.64 10.80
C HIS B 262 -3.03 -4.32 9.44
N ALA B 263 -3.83 -3.88 8.46
CA ALA B 263 -3.75 -4.48 7.14
C ALA B 263 -2.51 -4.03 6.40
N LEU B 264 -2.18 -2.72 6.49
CA LEU B 264 -0.96 -2.25 5.84
C LEU B 264 0.24 -3.07 6.30
N HIS B 265 0.28 -3.46 7.58
CA HIS B 265 1.44 -4.19 8.06
C HIS B 265 1.60 -5.51 7.33
N VAL B 266 0.52 -6.31 7.22
CA VAL B 266 0.63 -7.58 6.51
C VAL B 266 0.97 -7.36 5.05
N LEU B 267 0.51 -6.28 4.43
CA LEU B 267 0.98 -5.99 3.08
C LEU B 267 2.48 -5.77 3.10
N GLU B 268 2.97 -5.03 4.11
CA GLU B 268 4.40 -4.76 4.18
C GLU B 268 5.18 -6.03 4.44
N SER B 269 4.60 -6.97 5.20
CA SER B 269 5.36 -8.18 5.52
C SER B 269 5.53 -9.10 4.32
N GLY B 270 4.64 -8.99 3.32
CA GLY B 270 4.82 -9.72 2.09
C GLY B 270 5.69 -9.02 1.06
N GLY B 271 6.22 -7.81 1.32
CA GLY B 271 6.92 -7.09 0.26
C GLY B 271 6.01 -6.59 -0.85
N PHE B 272 4.74 -6.29 -0.53
CA PHE B 272 3.75 -5.80 -1.50
C PHE B 272 4.32 -4.72 -2.42
N ARG B 273 5.01 -3.73 -1.83
CA ARG B 273 5.55 -2.65 -2.66
C ARG B 273 6.54 -3.19 -3.69
N SER B 274 7.47 -4.06 -3.26
CA SER B 274 8.50 -4.54 -4.20
C SER B 274 7.90 -5.32 -5.38
N LEU B 275 6.79 -6.03 -5.17
CA LEU B 275 6.19 -6.77 -6.27
C LEU B 275 5.73 -5.84 -7.38
N LEU B 276 5.11 -4.72 -7.00
CA LEU B 276 4.68 -3.74 -8.00
C LEU B 276 5.88 -3.09 -8.70
N ILE B 277 6.97 -2.85 -7.98
CA ILE B 277 8.18 -2.36 -8.64
C ILE B 277 8.73 -3.42 -9.59
N ASN B 278 8.80 -4.68 -9.12
CA ASN B 278 9.17 -5.81 -9.97
C ASN B 278 8.34 -5.87 -11.26
N ALA B 279 7.03 -5.62 -11.15
CA ALA B 279 6.14 -5.74 -12.30
C ALA B 279 6.47 -4.68 -13.35
N VAL B 280 6.46 -3.41 -12.94
CA VAL B 280 6.84 -2.31 -13.82
C VAL B 280 8.18 -2.61 -14.49
N GLU B 281 9.16 -3.03 -13.69
CA GLU B 281 10.48 -3.36 -14.22
C GLU B 281 10.40 -4.48 -15.26
N ALA B 282 9.64 -5.54 -14.96
CA ALA B 282 9.62 -6.71 -15.82
C ALA B 282 8.96 -6.39 -17.14
N SER B 283 7.89 -5.60 -17.10
CA SER B 283 7.19 -5.19 -18.33
C SER B 283 8.08 -4.31 -19.19
N CYS B 284 8.78 -3.36 -18.57
CA CYS B 284 9.69 -2.48 -19.32
C CYS B 284 10.85 -3.26 -19.93
N ILE B 285 11.51 -4.10 -19.15
CA ILE B 285 12.61 -4.90 -19.67
C ILE B 285 12.17 -5.74 -20.86
N ARG B 286 11.01 -6.41 -20.74
CA ARG B 286 10.50 -7.24 -21.83
C ARG B 286 10.19 -6.39 -23.05
N THR B 287 9.66 -5.17 -22.84
CA THR B 287 9.41 -4.24 -23.93
C THR B 287 10.70 -3.88 -24.67
N ARG B 288 11.79 -3.62 -23.93
CA ARG B 288 13.08 -3.36 -24.57
C ARG B 288 13.60 -4.60 -25.27
N GLU B 289 13.37 -5.75 -24.68
CA GLU B 289 13.97 -6.97 -25.19
C GLU B 289 13.26 -7.44 -26.44
N LEU B 290 11.94 -7.23 -26.52
CA LEU B 290 11.24 -7.52 -27.77
C LEU B 290 11.74 -6.65 -28.91
N GLN B 291 11.85 -5.34 -28.68
CA GLN B 291 12.32 -4.46 -29.73
C GLN B 291 13.72 -4.84 -30.19
N SER B 292 14.61 -5.09 -29.24
CA SER B 292 15.99 -5.36 -29.61
C SER B 292 16.11 -6.63 -30.46
N MET B 293 15.26 -7.64 -30.23
CA MET B 293 15.33 -8.81 -31.11
C MET B 293 14.60 -8.60 -32.44
N ALA B 294 13.62 -7.68 -32.48
CA ALA B 294 13.11 -7.21 -33.77
C ALA B 294 14.21 -6.53 -34.59
N ASP B 295 14.99 -5.66 -33.95
CA ASP B 295 16.02 -4.90 -34.66
C ASP B 295 17.03 -5.85 -35.32
N GLN B 296 17.53 -6.84 -34.58
CA GLN B 296 18.43 -7.84 -35.17
C GLN B 296 17.78 -8.51 -36.37
N GLU B 297 16.63 -9.16 -36.17
CA GLU B 297 15.87 -9.82 -37.24
C GLU B 297 15.45 -8.85 -38.34
N MET C 23 17.54 24.36 42.59
CA MET C 23 16.78 23.10 42.59
C MET C 23 17.68 21.88 42.74
N SER C 24 17.25 20.91 43.54
CA SER C 24 18.05 19.74 43.86
C SER C 24 17.42 18.49 43.25
N VAL C 25 18.20 17.73 42.49
CA VAL C 25 17.72 16.56 41.76
C VAL C 25 18.41 15.31 42.29
N GLY C 26 17.65 14.23 42.42
CA GLY C 26 18.20 12.98 42.90
C GLY C 26 17.98 11.85 41.92
N PHE C 27 18.81 10.82 41.99
CA PHE C 27 18.67 9.63 41.15
C PHE C 27 18.78 8.39 42.03
N ILE C 28 17.75 7.57 42.04
CA ILE C 28 17.85 6.23 42.61
C ILE C 28 18.11 5.27 41.47
N GLY C 29 19.24 4.55 41.56
CA GLY C 29 19.79 3.84 40.43
C GLY C 29 20.82 4.72 39.76
N ALA C 30 22.07 4.26 39.65
CA ALA C 30 23.15 5.08 39.12
C ALA C 30 23.84 4.38 37.95
N GLY C 31 23.03 3.92 37.00
CA GLY C 31 23.54 3.22 35.83
C GLY C 31 23.38 4.01 34.55
N GLN C 32 23.16 3.31 33.43
CA GLN C 32 23.17 3.94 32.11
C GLN C 32 22.31 5.20 32.05
N LEU C 33 21.06 5.12 32.52
CA LEU C 33 20.14 6.24 32.31
C LEU C 33 20.47 7.41 33.23
N ALA C 34 20.87 7.14 34.47
CA ALA C 34 21.25 8.22 35.37
C ALA C 34 22.42 9.01 34.80
N PHE C 35 23.45 8.30 34.28
CA PHE C 35 24.58 9.02 33.72
C PHE C 35 24.16 9.87 32.54
N ALA C 36 23.35 9.32 31.64
CA ALA C 36 22.95 10.05 30.45
C ALA C 36 22.24 11.36 30.82
N LEU C 37 21.24 11.28 31.70
CA LEU C 37 20.48 12.45 32.08
C LEU C 37 21.33 13.46 32.84
N ALA C 38 22.12 13.01 33.81
CA ALA C 38 22.94 13.94 34.55
C ALA C 38 23.95 14.64 33.63
N LYS C 39 24.58 13.87 32.75
CA LYS C 39 25.53 14.46 31.81
C LYS C 39 24.83 15.48 30.94
N GLY C 40 23.62 15.15 30.45
CA GLY C 40 22.87 16.09 29.64
C GLY C 40 22.44 17.33 30.39
N PHE C 41 21.94 17.15 31.62
CA PHE C 41 21.50 18.28 32.43
C PHE C 41 22.65 19.26 32.67
N THR C 42 23.81 18.72 33.07
CA THR C 42 24.93 19.59 33.37
C THR C 42 25.49 20.22 32.11
N ALA C 43 25.63 19.44 31.04
CA ALA C 43 25.99 20.03 29.75
C ALA C 43 25.04 21.14 29.35
N ALA C 44 23.73 20.94 29.59
CA ALA C 44 22.72 21.92 29.23
C ALA C 44 22.83 23.22 30.02
N GLY C 45 23.44 23.20 31.19
CA GLY C 45 23.47 24.37 32.05
C GLY C 45 22.23 24.56 32.90
N VAL C 46 21.28 23.61 32.89
CA VAL C 46 20.13 23.76 33.77
C VAL C 46 20.39 23.22 35.17
N LEU C 47 21.41 22.38 35.36
CA LEU C 47 21.72 21.82 36.67
C LEU C 47 23.22 21.80 36.86
N ALA C 48 23.65 22.12 38.08
CA ALA C 48 25.04 21.99 38.49
C ALA C 48 25.26 20.60 39.05
N ALA C 49 26.38 19.98 38.68
CA ALA C 49 26.64 18.60 39.10
C ALA C 49 26.60 18.44 40.62
N HIS C 50 27.01 19.46 41.38
CA HIS C 50 27.04 19.31 42.83
C HIS C 50 25.64 19.30 43.44
N LYS C 51 24.64 19.86 42.75
CA LYS C 51 23.26 19.81 43.22
C LYS C 51 22.55 18.54 42.82
N ILE C 52 23.27 17.54 42.31
CA ILE C 52 22.71 16.28 41.86
C ILE C 52 23.28 15.18 42.74
N MET C 53 22.43 14.30 43.24
CA MET C 53 22.87 13.18 44.04
C MET C 53 22.30 11.90 43.45
N ALA C 54 23.14 10.86 43.37
CA ALA C 54 22.73 9.57 42.83
C ALA C 54 23.19 8.45 43.76
N SER C 55 22.43 7.35 43.76
CA SER C 55 22.64 6.26 44.70
C SER C 55 22.54 4.91 44.00
N SER C 56 23.38 3.97 44.44
CA SER C 56 23.39 2.60 43.93
C SER C 56 24.03 1.69 44.96
N PRO C 57 23.65 0.40 45.00
CA PRO C 57 24.30 -0.53 45.95
C PRO C 57 25.70 -0.92 45.51
N ASP C 58 25.84 -1.45 44.29
CA ASP C 58 27.14 -1.80 43.76
C ASP C 58 27.92 -0.55 43.41
N MET C 59 28.30 0.22 44.43
CA MET C 59 28.95 1.52 44.27
C MET C 59 30.30 1.41 43.57
N ASP C 60 30.44 0.40 42.69
CA ASP C 60 31.66 0.15 41.95
C ASP C 60 31.47 0.16 40.44
N LEU C 61 30.24 0.13 39.96
CA LEU C 61 29.98 0.06 38.53
C LEU C 61 30.64 1.22 37.78
N ALA C 62 30.83 1.01 36.47
CA ALA C 62 31.54 2.01 35.67
C ALA C 62 30.73 3.28 35.53
N THR C 63 29.40 3.15 35.43
CA THR C 63 28.54 4.33 35.42
C THR C 63 28.69 5.13 36.72
N VAL C 64 28.94 4.44 37.83
CA VAL C 64 29.15 5.15 39.10
C VAL C 64 30.37 6.04 39.01
N SER C 65 31.48 5.51 38.48
CA SER C 65 32.71 6.29 38.37
C SER C 65 32.55 7.44 37.40
N ALA C 66 31.81 7.22 36.31
CA ALA C 66 31.57 8.29 35.34
C ALA C 66 30.82 9.46 35.98
N LEU C 67 29.85 9.16 36.85
CA LEU C 67 29.17 10.22 37.59
C LEU C 67 30.08 10.86 38.64
N ARG C 68 31.02 10.09 39.20
CA ARG C 68 31.91 10.66 40.20
C ARG C 68 32.93 11.60 39.59
N LYS C 69 33.51 11.23 38.43
CA LYS C 69 34.40 12.13 37.71
C LYS C 69 33.67 13.36 37.20
N MET C 70 32.34 13.36 37.25
CA MET C 70 31.50 14.44 36.74
C MET C 70 31.17 15.49 37.80
N GLY C 71 31.30 15.17 39.08
CA GLY C 71 30.92 16.07 40.14
C GLY C 71 29.62 15.73 40.84
N VAL C 72 28.85 14.77 40.31
CA VAL C 72 27.63 14.35 41.00
C VAL C 72 27.98 13.80 42.38
N LYS C 73 27.16 14.11 43.38
CA LYS C 73 27.31 13.51 44.70
C LYS C 73 26.75 12.09 44.69
N LEU C 74 27.49 11.16 45.30
CA LEU C 74 27.19 9.73 45.25
C LEU C 74 27.05 9.15 46.65
N THR C 75 26.30 8.05 46.75
CA THR C 75 26.04 7.38 48.02
C THR C 75 25.44 5.99 47.79
N PRO C 76 25.66 5.03 48.68
CA PRO C 76 24.95 3.75 48.61
C PRO C 76 23.59 3.74 49.29
N HIS C 77 23.20 4.84 49.96
CA HIS C 77 21.97 4.92 50.73
C HIS C 77 20.89 5.61 49.91
N ASN C 78 19.86 4.85 49.50
CA ASN C 78 18.72 5.47 48.81
C ASN C 78 18.07 6.55 49.66
N LYS C 79 18.09 6.40 50.99
CA LYS C 79 17.45 7.39 51.85
C LYS C 79 18.15 8.74 51.77
N GLU C 80 19.48 8.76 51.59
CA GLU C 80 20.17 10.04 51.50
C GLU C 80 19.80 10.80 50.23
N THR C 81 19.56 10.07 49.13
CA THR C 81 19.15 10.71 47.89
C THR C 81 17.80 11.40 48.04
N VAL C 82 16.85 10.70 48.67
CA VAL C 82 15.53 11.25 48.93
C VAL C 82 15.64 12.53 49.75
N GLN C 83 16.35 12.47 50.87
CA GLN C 83 16.45 13.63 51.76
C GLN C 83 17.08 14.83 51.06
N HIS C 84 17.92 14.58 50.06
CA HIS C 84 18.66 15.65 49.40
C HIS C 84 17.91 16.31 48.25
N SER C 85 16.98 15.62 47.61
CA SER C 85 16.44 16.11 46.35
C SER C 85 15.00 16.62 46.51
N ASP C 86 14.64 17.57 45.64
CA ASP C 86 13.26 17.97 45.40
C ASP C 86 12.68 17.13 44.26
N VAL C 87 13.41 17.02 43.17
CA VAL C 87 13.04 16.19 42.04
C VAL C 87 13.77 14.86 42.18
N LEU C 88 13.01 13.78 42.29
CA LEU C 88 13.56 12.45 42.52
C LEU C 88 13.27 11.56 41.31
N PHE C 89 14.28 11.30 40.49
CA PHE C 89 14.15 10.35 39.40
C PHE C 89 14.30 8.92 39.92
N LEU C 90 13.46 8.02 39.42
CA LEU C 90 13.62 6.58 39.64
C LEU C 90 14.22 6.00 38.36
N ALA C 91 15.47 5.57 38.44
CA ALA C 91 16.17 5.00 37.28
C ALA C 91 16.77 3.66 37.63
N VAL C 92 15.92 2.74 38.13
CA VAL C 92 16.32 1.37 38.37
C VAL C 92 15.56 0.48 37.39
N LYS C 93 16.02 -0.77 37.27
CA LYS C 93 15.32 -1.72 36.42
C LYS C 93 13.86 -1.84 36.88
N PRO C 94 12.92 -2.04 35.95
CA PRO C 94 11.50 -1.98 36.31
C PRO C 94 11.10 -2.89 37.46
N HIS C 95 11.65 -4.10 37.53
CA HIS C 95 11.27 -4.98 38.62
C HIS C 95 11.78 -4.49 39.98
N ILE C 96 12.71 -3.54 40.02
CA ILE C 96 13.20 -3.03 41.30
C ILE C 96 12.30 -1.93 41.85
N ILE C 97 11.55 -1.24 40.99
CA ILE C 97 10.71 -0.13 41.45
C ILE C 97 9.89 -0.45 42.69
N PRO C 98 9.18 -1.59 42.80
CA PRO C 98 8.40 -1.83 44.02
C PRO C 98 9.26 -1.89 45.27
N PHE C 99 10.42 -2.56 45.20
CA PHE C 99 11.30 -2.62 46.36
C PHE C 99 11.76 -1.23 46.78
N ILE C 100 12.01 -0.35 45.81
CA ILE C 100 12.43 1.01 46.13
C ILE C 100 11.29 1.79 46.75
N LEU C 101 10.09 1.69 46.17
CA LEU C 101 8.93 2.41 46.71
C LEU C 101 8.65 1.99 48.15
N ASP C 102 8.94 0.73 48.49
CA ASP C 102 8.83 0.29 49.88
C ASP C 102 9.92 0.91 50.75
N GLU C 103 11.15 0.96 50.24
CA GLU C 103 12.27 1.40 51.05
C GLU C 103 12.13 2.86 51.46
N ILE C 104 11.71 3.71 50.52
CA ILE C 104 11.74 5.16 50.71
C ILE C 104 10.36 5.78 50.78
N GLY C 105 9.29 4.99 50.66
CA GLY C 105 7.95 5.56 50.65
C GLY C 105 7.67 6.39 51.88
N ALA C 106 8.26 6.03 53.02
CA ALA C 106 8.05 6.79 54.24
C ALA C 106 8.85 8.08 54.26
N ASP C 107 9.87 8.19 53.41
CA ASP C 107 10.70 9.39 53.40
C ASP C 107 10.18 10.46 52.45
N ILE C 108 9.25 10.12 51.56
CA ILE C 108 8.71 11.12 50.63
C ILE C 108 7.98 12.21 51.40
N GLU C 109 8.26 13.46 51.05
CA GLU C 109 7.66 14.62 51.69
C GLU C 109 6.73 15.33 50.70
N ASP C 110 6.13 16.43 51.17
CA ASP C 110 5.26 17.23 50.30
C ASP C 110 6.02 17.86 49.15
N ARG C 111 7.31 18.13 49.33
CA ARG C 111 8.07 18.89 48.37
C ARG C 111 8.46 18.07 47.15
N HIS C 112 8.44 16.75 47.27
CA HIS C 112 9.02 15.88 46.25
C HIS C 112 8.14 15.78 45.02
N ILE C 113 8.77 15.79 43.86
CA ILE C 113 8.17 15.27 42.64
C ILE C 113 8.89 13.96 42.33
N VAL C 114 8.14 12.87 42.26
CA VAL C 114 8.69 11.56 41.92
C VAL C 114 8.52 11.36 40.42
N VAL C 115 9.64 11.17 39.72
CA VAL C 115 9.65 10.96 38.28
C VAL C 115 10.12 9.53 38.03
N SER C 116 9.22 8.66 37.61
CA SER C 116 9.58 7.29 37.28
C SER C 116 10.02 7.23 35.82
N CYS C 117 11.23 6.73 35.59
CA CYS C 117 11.71 6.50 34.23
C CYS C 117 11.57 5.04 33.82
N ALA C 118 11.15 4.17 34.73
CA ALA C 118 11.07 2.74 34.45
C ALA C 118 10.10 2.46 33.32
N ALA C 119 10.53 1.61 32.38
CA ALA C 119 9.66 1.15 31.31
C ALA C 119 8.49 0.34 31.88
N GLY C 120 7.29 0.62 31.39
CA GLY C 120 6.11 -0.16 31.68
C GLY C 120 5.40 0.18 32.99
N VAL C 121 6.15 0.67 33.97
CA VAL C 121 5.61 0.82 35.33
C VAL C 121 4.59 1.95 35.36
N THR C 122 3.38 1.64 35.83
CA THR C 122 2.26 2.56 35.73
C THR C 122 2.23 3.58 36.86
N ILE C 123 1.71 4.78 36.55
CA ILE C 123 1.47 5.79 37.57
C ILE C 123 0.62 5.19 38.69
N SER C 124 -0.38 4.39 38.32
CA SER C 124 -1.26 3.76 39.29
C SER C 124 -0.47 2.95 40.31
N SER C 125 0.43 2.08 39.84
CA SER C 125 1.15 1.19 40.74
C SER C 125 2.06 1.95 41.68
N ILE C 126 2.64 3.07 41.22
CA ILE C 126 3.51 3.87 42.06
C ILE C 126 2.71 4.64 43.09
N GLU C 127 1.64 5.29 42.62
CA GLU C 127 0.74 6.00 43.53
C GLU C 127 0.16 5.08 44.59
N LYS C 128 -0.10 3.81 44.25
CA LYS C 128 -0.71 2.92 45.26
C LYS C 128 0.29 2.54 46.34
N LYS C 129 1.56 2.35 45.99
CA LYS C 129 2.56 2.01 47.00
C LYS C 129 2.94 3.20 47.87
N LEU C 130 3.04 4.39 47.27
CA LEU C 130 3.40 5.60 48.02
C LEU C 130 2.21 6.21 48.78
N SER C 131 0.97 5.95 48.34
CA SER C 131 -0.18 6.48 49.06
C SER C 131 -0.36 5.81 50.41
N ALA C 132 0.23 4.64 50.62
CA ALA C 132 0.12 3.98 51.91
C ALA C 132 0.91 4.67 53.00
N PHE C 133 1.77 5.63 52.64
CA PHE C 133 2.57 6.38 53.60
C PHE C 133 2.12 7.82 53.76
N ARG C 134 1.86 8.53 52.65
CA ARG C 134 1.30 9.87 52.70
C ARG C 134 0.34 9.99 51.54
N PRO C 135 -0.81 10.64 51.72
CA PRO C 135 -1.75 10.79 50.61
C PRO C 135 -1.20 11.77 49.59
N ALA C 136 -1.77 11.70 48.40
CA ALA C 136 -1.46 12.62 47.30
C ALA C 136 0.03 12.76 46.98
N PRO C 137 0.73 11.65 46.69
CA PRO C 137 2.09 11.78 46.18
C PRO C 137 2.07 12.41 44.79
N ARG C 138 3.03 13.30 44.55
CA ARG C 138 3.20 13.96 43.25
C ARG C 138 4.08 13.07 42.36
N VAL C 139 3.46 12.41 41.39
CA VAL C 139 4.15 11.43 40.55
C VAL C 139 4.08 11.84 39.09
N ILE C 140 5.20 11.67 38.38
CA ILE C 140 5.30 11.85 36.95
C ILE C 140 5.92 10.59 36.36
N ARG C 141 5.36 10.11 35.25
CA ARG C 141 5.96 9.03 34.49
C ARG C 141 6.55 9.59 33.19
N CYS C 142 7.81 9.27 32.92
CA CYS C 142 8.39 9.61 31.63
C CYS C 142 9.00 8.38 30.96
N MET C 143 9.10 8.47 29.64
CA MET C 143 9.90 7.56 28.84
C MET C 143 10.93 8.43 28.12
N THR C 144 12.20 8.14 28.32
CA THR C 144 13.21 8.97 27.68
C THR C 144 14.09 8.02 26.86
N ASN C 145 15.31 8.43 26.49
CA ASN C 145 16.24 7.51 25.83
C ASN C 145 17.67 8.04 26.02
N THR C 146 18.64 7.23 25.60
CA THR C 146 20.04 7.54 25.93
C THR C 146 20.59 8.80 25.24
N PRO C 147 20.12 9.19 24.04
CA PRO C 147 20.66 10.42 23.42
C PRO C 147 20.49 11.71 24.23
N VAL C 148 19.82 11.68 25.39
CA VAL C 148 19.82 12.85 26.28
C VAL C 148 21.27 13.18 26.58
N VAL C 149 22.15 12.19 26.43
CA VAL C 149 23.56 12.38 26.77
C VAL C 149 24.20 13.42 25.84
N VAL C 150 23.73 13.51 24.59
CA VAL C 150 24.20 14.54 23.67
C VAL C 150 23.13 15.60 23.48
N ARG C 151 22.17 15.66 24.41
CA ARG C 151 21.09 16.65 24.43
C ARG C 151 20.21 16.57 23.18
N GLU C 152 20.01 15.37 22.67
CA GLU C 152 19.11 15.14 21.55
C GLU C 152 18.19 13.97 21.84
N GLY C 153 17.73 13.86 23.09
CA GLY C 153 16.81 12.81 23.44
C GLY C 153 15.39 13.09 23.01
N ALA C 154 14.57 12.03 23.10
CA ALA C 154 13.14 12.11 22.86
C ALA C 154 12.45 11.66 24.14
N THR C 155 11.60 12.52 24.68
CA THR C 155 11.02 12.30 26.00
C THR C 155 9.54 12.63 25.94
N VAL C 156 8.70 11.70 26.40
CA VAL C 156 7.33 12.02 26.69
C VAL C 156 7.12 11.86 28.19
N TYR C 157 6.03 12.44 28.69
CA TYR C 157 5.70 12.29 30.10
C TYR C 157 4.20 12.35 30.30
N ALA C 158 3.71 11.68 31.35
CA ALA C 158 2.32 11.77 31.81
C ALA C 158 2.29 12.22 33.26
N THR C 159 1.43 13.19 33.57
CA THR C 159 1.30 13.66 34.94
C THR C 159 0.33 12.77 35.72
N GLY C 160 0.64 12.55 37.00
CA GLY C 160 -0.16 11.71 37.86
C GLY C 160 -1.34 12.42 38.50
N THR C 161 -2.10 11.65 39.29
CA THR C 161 -3.33 12.15 39.90
C THR C 161 -3.11 13.44 40.70
N HIS C 162 -2.01 13.52 41.42
CA HIS C 162 -1.80 14.61 42.37
C HIS C 162 -0.74 15.59 41.91
N ALA C 163 -0.27 15.47 40.66
CA ALA C 163 0.64 16.45 40.10
C ALA C 163 -0.08 17.78 39.91
N GLN C 164 0.43 18.84 40.54
CA GLN C 164 -0.09 20.18 40.34
C GLN C 164 0.24 20.65 38.92
N VAL C 165 -0.20 21.87 38.59
CA VAL C 165 0.02 22.39 37.24
C VAL C 165 1.50 22.68 37.03
N GLU C 166 2.14 23.32 38.00
CA GLU C 166 3.55 23.66 37.86
C GLU C 166 4.45 22.43 37.82
N ASP C 167 3.95 21.26 38.21
CA ASP C 167 4.79 20.07 38.15
C ASP C 167 5.03 19.64 36.71
N GLY C 168 3.99 19.64 35.88
CA GLY C 168 4.16 19.23 34.49
C GLY C 168 4.94 20.25 33.68
N ARG C 169 4.76 21.53 33.97
CA ARG C 169 5.51 22.59 33.28
C ARG C 169 6.98 22.57 33.66
N LEU C 170 7.29 22.21 34.92
CA LEU C 170 8.68 22.12 35.36
C LEU C 170 9.39 20.94 34.69
N MET C 171 8.77 19.76 34.71
CA MET C 171 9.37 18.60 34.08
C MET C 171 9.61 18.87 32.59
N GLU C 172 8.64 19.50 31.93
CA GLU C 172 8.82 19.78 30.51
C GLU C 172 9.95 20.78 30.27
N GLN C 173 10.09 21.77 31.15
CA GLN C 173 11.21 22.71 31.02
C GLN C 173 12.54 21.99 31.23
N LEU C 174 12.65 21.22 32.32
CA LEU C 174 13.87 20.49 32.61
C LEU C 174 14.25 19.56 31.45
N LEU C 175 13.32 18.73 30.99
CA LEU C 175 13.66 17.72 30.01
C LEU C 175 13.71 18.28 28.58
N SER C 176 13.01 19.38 28.29
CA SER C 176 13.23 20.04 26.99
C SER C 176 14.68 20.46 26.80
N SER C 177 15.43 20.64 27.89
CA SER C 177 16.82 21.09 27.77
C SER C 177 17.75 20.01 27.26
N VAL C 178 17.33 18.74 27.27
CA VAL C 178 18.16 17.63 26.81
C VAL C 178 17.55 16.91 25.61
N GLY C 179 16.52 17.47 25.01
CA GLY C 179 15.96 16.89 23.80
C GLY C 179 14.53 17.36 23.59
N PHE C 180 13.84 16.65 22.71
CA PHE C 180 12.43 16.92 22.49
C PHE C 180 11.63 16.39 23.68
N CYS C 181 10.59 17.12 24.06
CA CYS C 181 9.80 16.75 25.23
C CYS C 181 8.37 17.23 25.04
N THR C 182 7.40 16.34 25.32
CA THR C 182 6.00 16.70 25.23
C THR C 182 5.18 15.83 26.19
N GLU C 183 4.05 16.38 26.66
CA GLU C 183 3.14 15.64 27.51
C GLU C 183 2.28 14.70 26.68
N VAL C 184 2.04 13.49 27.20
CA VAL C 184 1.15 12.52 26.55
C VAL C 184 0.22 11.90 27.57
N GLU C 185 -0.91 11.37 27.08
CA GLU C 185 -1.73 10.51 27.92
C GLU C 185 -0.95 9.25 28.25
N GLU C 186 -1.08 8.76 29.48
CA GLU C 186 -0.20 7.69 29.94
C GLU C 186 -0.32 6.44 29.09
N ASP C 187 -1.48 6.24 28.45
CA ASP C 187 -1.68 5.00 27.71
C ASP C 187 -0.98 4.99 26.35
N LEU C 188 -0.30 6.07 25.97
CA LEU C 188 0.58 6.02 24.81
C LEU C 188 2.01 5.61 25.16
N ILE C 189 2.35 5.48 26.44
CA ILE C 189 3.76 5.48 26.80
C ILE C 189 4.45 4.17 26.43
N ASP C 190 3.74 3.04 26.54
CA ASP C 190 4.32 1.76 26.14
C ASP C 190 4.61 1.74 24.64
N ALA C 191 3.76 2.36 23.82
CA ALA C 191 4.06 2.49 22.39
C ALA C 191 5.24 3.43 22.15
N VAL C 192 5.33 4.54 22.91
CA VAL C 192 6.50 5.40 22.77
C VAL C 192 7.76 4.61 23.09
N THR C 193 7.66 3.70 24.06
CA THR C 193 8.81 2.91 24.46
C THR C 193 9.30 2.05 23.31
N GLY C 194 8.38 1.42 22.56
CA GLY C 194 8.79 0.65 21.41
C GLY C 194 9.40 1.50 20.30
N LEU C 195 8.99 2.77 20.21
CA LEU C 195 9.41 3.64 19.13
C LEU C 195 10.67 4.41 19.48
N SER C 196 10.58 5.46 20.30
CA SER C 196 11.75 6.26 20.61
C SER C 196 12.56 5.71 21.78
N GLY C 197 11.99 4.85 22.61
CA GLY C 197 12.75 4.28 23.70
C GLY C 197 13.79 3.30 23.19
N SER C 198 13.35 2.28 22.43
CA SER C 198 14.26 1.31 21.82
C SER C 198 14.89 1.83 20.53
N GLY C 199 14.31 2.88 19.94
CA GLY C 199 14.78 3.39 18.66
C GLY C 199 16.27 3.56 18.48
N PRO C 200 17.00 4.07 19.49
CA PRO C 200 18.43 4.25 19.25
C PRO C 200 19.13 2.94 18.97
N ALA C 201 18.66 1.83 19.55
CA ALA C 201 19.28 0.54 19.27
C ALA C 201 19.04 0.12 17.81
N TYR C 202 17.85 0.40 17.27
CA TYR C 202 17.57 0.17 15.85
C TYR C 202 18.56 0.95 15.00
N ALA C 203 18.78 2.22 15.34
CA ALA C 203 19.72 3.07 14.61
C ALA C 203 21.16 2.58 14.74
N PHE C 204 21.58 2.19 15.95
CA PHE C 204 22.93 1.64 16.12
C PHE C 204 23.14 0.39 15.26
N THR C 205 22.13 -0.49 15.22
CA THR C 205 22.19 -1.67 14.36
C THR C 205 22.26 -1.28 12.90
N ALA C 206 21.39 -0.38 12.46
CA ALA C 206 21.41 0.11 11.09
C ALA C 206 22.76 0.68 10.71
N LEU C 207 23.41 1.36 11.64
CA LEU C 207 24.66 2.06 11.31
C LEU C 207 25.82 1.10 11.24
N ASP C 208 25.87 0.14 12.14
CA ASP C 208 26.86 -0.93 12.03
C ASP C 208 26.76 -1.64 10.69
N ALA C 209 25.53 -1.84 10.20
CA ALA C 209 25.30 -2.57 8.96
C ALA C 209 25.59 -1.72 7.74
N LEU C 210 25.15 -0.46 7.74
CA LEU C 210 25.51 0.43 6.64
C LEU C 210 27.02 0.55 6.53
N ALA C 211 27.71 0.58 7.67
CA ALA C 211 29.16 0.66 7.67
C ALA C 211 29.78 -0.61 7.06
N ASP C 212 29.26 -1.80 7.41
CA ASP C 212 29.68 -3.03 6.74
C ASP C 212 29.45 -2.95 5.23
N GLY C 213 28.30 -2.41 4.80
CA GLY C 213 28.05 -2.20 3.39
C GLY C 213 29.11 -1.32 2.76
N GLY C 214 29.36 -0.16 3.37
CA GLY C 214 30.45 0.70 2.92
C GLY C 214 31.79 0.00 2.90
N VAL C 215 32.06 -0.84 3.89
CA VAL C 215 33.35 -1.55 3.87
C VAL C 215 33.38 -2.57 2.74
N LYS C 216 32.25 -3.24 2.48
CA LYS C 216 32.22 -4.25 1.41
C LYS C 216 32.54 -3.63 0.06
N MET C 217 32.16 -2.37 -0.13
CA MET C 217 32.31 -1.69 -1.41
C MET C 217 33.61 -0.91 -1.49
N GLY C 218 34.53 -1.06 -0.53
CA GLY C 218 35.86 -0.47 -0.63
C GLY C 218 36.19 0.64 0.37
N LEU C 219 35.21 1.13 1.20
CA LEU C 219 35.53 2.23 2.10
C LEU C 219 36.25 1.74 3.37
N PRO C 220 37.21 2.49 3.89
CA PRO C 220 37.73 2.21 5.25
C PRO C 220 36.63 2.32 6.29
N ARG C 221 36.68 1.40 7.27
CA ARG C 221 35.66 1.31 8.32
CA ARG C 221 35.64 1.33 8.30
C ARG C 221 35.38 2.69 8.94
N ARG C 222 36.45 3.39 9.34
CA ARG C 222 36.31 4.69 10.00
C ARG C 222 35.50 5.67 9.15
N LEU C 223 35.92 5.85 7.89
CA LEU C 223 35.15 6.71 7.00
C LEU C 223 33.71 6.23 6.83
N ALA C 224 33.50 4.91 6.71
CA ALA C 224 32.15 4.41 6.49
C ALA C 224 31.25 4.70 7.69
N VAL C 225 31.77 4.50 8.91
CA VAL C 225 30.99 4.81 10.11
C VAL C 225 30.59 6.30 10.13
N ARG C 226 31.56 7.17 9.85
CA ARG C 226 31.33 8.62 9.90
C ARG C 226 30.27 9.05 8.88
N LEU C 227 30.40 8.57 7.64
CA LEU C 227 29.47 8.96 6.59
C LEU C 227 28.08 8.38 6.83
N GLY C 228 28.01 7.12 7.27
CA GLY C 228 26.71 6.56 7.58
C GLY C 228 26.02 7.34 8.68
N ALA C 229 26.73 7.58 9.79
CA ALA C 229 26.14 8.34 10.89
C ALA C 229 25.76 9.75 10.46
N GLN C 230 26.61 10.40 9.65
CA GLN C 230 26.26 11.74 9.22
C GLN C 230 25.03 11.75 8.32
N ALA C 231 24.84 10.69 7.53
CA ALA C 231 23.68 10.64 6.64
C ALA C 231 22.38 10.42 7.42
N LEU C 232 22.41 9.54 8.42
CA LEU C 232 21.23 9.34 9.25
C LEU C 232 20.86 10.61 10.02
N LEU C 233 21.87 11.27 10.60
CA LEU C 233 21.63 12.51 11.34
C LEU C 233 21.04 13.57 10.43
N GLY C 234 21.61 13.74 9.23
CA GLY C 234 21.16 14.79 8.35
C GLY C 234 19.76 14.55 7.82
N ALA C 235 19.46 13.31 7.45
CA ALA C 235 18.10 12.99 7.03
C ALA C 235 17.12 13.23 8.17
N ALA C 236 17.46 12.78 9.37
CA ALA C 236 16.58 13.01 10.51
C ALA C 236 16.38 14.50 10.74
N LYS C 237 17.45 15.30 10.65
CA LYS C 237 17.25 16.74 10.86
C LYS C 237 16.37 17.32 9.76
N MET C 238 16.56 16.88 8.51
CA MET C 238 15.76 17.38 7.40
C MET C 238 14.27 17.15 7.65
N LEU C 239 13.90 15.91 7.99
CA LEU C 239 12.51 15.59 8.26
C LEU C 239 11.95 16.46 9.37
N LEU C 240 12.65 16.54 10.51
CA LEU C 240 12.18 17.34 11.63
C LEU C 240 11.96 18.81 11.25
N HIS C 241 12.74 19.34 10.30
CA HIS C 241 12.70 20.75 9.96
C HIS C 241 11.87 21.06 8.71
N SER C 242 11.17 20.07 8.18
CA SER C 242 10.42 20.17 6.93
C SER C 242 8.92 19.99 7.18
N GLU C 243 8.12 20.62 6.33
CA GLU C 243 6.67 20.43 6.39
C GLU C 243 6.21 19.30 5.48
N GLN C 244 7.11 18.37 5.14
CA GLN C 244 6.85 17.41 4.07
C GLN C 244 6.87 15.98 4.58
N HIS C 245 6.09 15.14 3.91
CA HIS C 245 6.02 13.74 4.25
C HIS C 245 7.37 13.07 3.97
N PRO C 246 7.80 12.12 4.82
CA PRO C 246 9.07 11.43 4.53
C PRO C 246 9.10 10.75 3.16
N GLY C 247 7.95 10.28 2.65
CA GLY C 247 7.93 9.78 1.29
C GLY C 247 8.32 10.84 0.27
N GLN C 248 7.89 12.08 0.50
CA GLN C 248 8.20 13.15 -0.44
C GLN C 248 9.69 13.47 -0.44
N LEU C 249 10.32 13.45 0.75
CA LEU C 249 11.76 13.65 0.82
C LEU C 249 12.50 12.49 0.16
N LYS C 250 12.02 11.26 0.36
CA LYS C 250 12.53 10.12 -0.36
C LYS C 250 12.48 10.36 -1.88
N ASP C 251 11.36 10.89 -2.37
CA ASP C 251 11.24 11.14 -3.81
C ASP C 251 12.35 12.05 -4.31
N ASN C 252 12.64 13.13 -3.57
CA ASN C 252 13.65 14.10 -4.01
C ASN C 252 15.04 13.50 -4.12
N VAL C 253 15.37 12.56 -3.23
CA VAL C 253 16.69 11.95 -3.29
C VAL C 253 16.79 10.96 -4.46
N SER C 254 15.71 10.28 -4.81
CA SER C 254 15.83 9.16 -5.75
C SER C 254 15.58 9.66 -7.17
N SER C 255 16.68 10.04 -7.82
CA SER C 255 16.70 10.49 -9.20
C SER C 255 16.25 9.38 -10.17
N PRO C 256 15.57 9.74 -11.27
CA PRO C 256 15.04 8.70 -12.17
C PRO C 256 16.13 7.82 -12.78
N GLY C 257 15.92 6.51 -12.71
CA GLY C 257 16.91 5.54 -13.19
C GLY C 257 18.17 5.42 -12.34
N GLY C 258 18.20 6.05 -11.17
CA GLY C 258 19.45 6.32 -10.46
C GLY C 258 19.85 5.27 -9.44
N ALA C 259 20.91 5.58 -8.71
CA ALA C 259 21.49 4.64 -7.77
C ALA C 259 20.59 4.44 -6.55
N THR C 260 20.02 5.52 -6.04
CA THR C 260 19.17 5.47 -4.86
C THR C 260 17.93 4.57 -5.06
N ILE C 261 17.21 4.76 -6.18
CA ILE C 261 16.01 3.99 -6.41
C ILE C 261 16.33 2.51 -6.64
N HIS C 262 17.52 2.21 -7.14
CA HIS C 262 17.95 0.82 -7.22
C HIS C 262 18.15 0.24 -5.82
N ALA C 263 18.79 0.98 -4.93
CA ALA C 263 18.96 0.50 -3.56
C ALA C 263 17.62 0.39 -2.83
N LEU C 264 16.70 1.34 -3.05
CA LEU C 264 15.42 1.29 -2.37
C LEU C 264 14.68 0.02 -2.74
N HIS C 265 14.77 -0.39 -4.02
CA HIS C 265 14.11 -1.61 -4.45
C HIS C 265 14.61 -2.82 -3.66
N VAL C 266 15.92 -2.92 -3.44
CA VAL C 266 16.37 -4.10 -2.70
C VAL C 266 15.95 -4.03 -1.23
N LEU C 267 15.79 -2.83 -0.67
CA LEU C 267 15.23 -2.74 0.68
C LEU C 267 13.79 -3.21 0.69
N GLU C 268 13.00 -2.77 -0.31
CA GLU C 268 11.61 -3.18 -0.40
C GLU C 268 11.48 -4.69 -0.60
N SER C 269 12.34 -5.27 -1.44
CA SER C 269 12.26 -6.71 -1.69
C SER C 269 12.53 -7.52 -0.44
N GLY C 270 13.34 -7.00 0.48
CA GLY C 270 13.53 -7.63 1.79
C GLY C 270 12.43 -7.37 2.82
N GLY C 271 11.43 -6.55 2.49
CA GLY C 271 10.46 -6.18 3.51
C GLY C 271 11.08 -5.33 4.61
N PHE C 272 11.98 -4.42 4.24
CA PHE C 272 12.63 -3.52 5.18
C PHE C 272 11.62 -2.80 6.07
N ARG C 273 10.61 -2.19 5.45
CA ARG C 273 9.62 -1.44 6.23
C ARG C 273 8.95 -2.33 7.26
N SER C 274 8.49 -3.53 6.85
CA SER C 274 7.81 -4.42 7.78
C SER C 274 8.71 -4.79 8.97
N LEU C 275 10.03 -4.85 8.78
CA LEU C 275 10.89 -5.24 9.88
C LEU C 275 10.88 -4.19 10.98
N LEU C 276 10.89 -2.91 10.59
CA LEU C 276 10.81 -1.81 11.54
C LEU C 276 9.45 -1.77 12.23
N ILE C 277 8.36 -2.01 11.49
CA ILE C 277 7.05 -2.15 12.13
C ILE C 277 7.07 -3.28 13.14
N ASN C 278 7.65 -4.43 12.76
CA ASN C 278 7.79 -5.57 13.67
C ASN C 278 8.52 -5.18 14.94
N ALA C 279 9.59 -4.40 14.82
CA ALA C 279 10.42 -4.02 15.96
C ALA C 279 9.61 -3.21 16.97
N VAL C 280 9.02 -2.10 16.51
CA VAL C 280 8.25 -1.22 17.39
C VAL C 280 7.19 -2.01 18.12
N GLU C 281 6.46 -2.82 17.36
CA GLU C 281 5.44 -3.68 17.92
C GLU C 281 6.01 -4.63 18.97
N ALA C 282 7.14 -5.27 18.65
CA ALA C 282 7.66 -6.28 19.57
C ALA C 282 8.11 -5.63 20.88
N SER C 283 8.68 -4.44 20.79
CA SER C 283 9.14 -3.74 21.99
C SER C 283 7.96 -3.24 22.81
N CYS C 284 6.96 -2.64 22.15
CA CYS C 284 5.74 -2.25 22.86
C CYS C 284 5.08 -3.44 23.55
N ILE C 285 4.93 -4.56 22.84
CA ILE C 285 4.24 -5.73 23.42
C ILE C 285 5.02 -6.30 24.60
N ARG C 286 6.34 -6.41 24.47
CA ARG C 286 7.15 -6.87 25.59
C ARG C 286 7.01 -5.94 26.78
N THR C 287 6.92 -4.62 26.53
CA THR C 287 6.75 -3.67 27.61
C THR C 287 5.46 -3.91 28.38
N ARG C 288 4.35 -4.14 27.65
CA ARG C 288 3.07 -4.45 28.31
C ARG C 288 3.14 -5.78 29.04
N GLU C 289 3.71 -6.78 28.39
CA GLU C 289 3.88 -8.10 28.99
C GLU C 289 4.61 -8.01 30.32
N LEU C 290 5.70 -7.25 30.35
CA LEU C 290 6.47 -7.14 31.58
C LEU C 290 5.66 -6.49 32.69
N GLN C 291 4.92 -5.42 32.37
CA GLN C 291 4.12 -4.77 33.40
C GLN C 291 3.00 -5.68 33.88
N SER C 292 2.45 -6.48 32.97
CA SER C 292 1.45 -7.47 33.33
C SER C 292 1.98 -8.47 34.36
N MET C 293 3.20 -8.98 34.17
CA MET C 293 3.79 -9.87 35.17
C MET C 293 3.99 -9.15 36.50
N ALA C 294 4.36 -7.86 36.45
CA ALA C 294 4.48 -7.07 37.66
C ALA C 294 3.13 -6.90 38.35
N ASP C 295 2.09 -6.56 37.58
CA ASP C 295 0.77 -6.33 38.16
C ASP C 295 0.15 -7.63 38.70
N GLN C 296 0.49 -8.78 38.10
CA GLN C 296 0.01 -10.07 38.60
C GLN C 296 0.40 -10.28 40.06
N GLU C 297 1.49 -9.66 40.51
CA GLU C 297 1.89 -9.72 41.91
C GLU C 297 2.17 -8.32 42.49
N ASN D 17 36.51 34.67 5.84
CA ASN D 17 36.57 33.71 4.75
C ASN D 17 36.90 34.43 3.43
N LEU D 18 38.19 34.64 3.19
CA LEU D 18 38.62 35.29 1.95
C LEU D 18 38.31 34.45 0.72
N TYR D 19 38.12 33.14 0.89
CA TYR D 19 37.74 32.29 -0.24
C TYR D 19 36.45 32.78 -0.89
N PHE D 20 35.41 33.00 -0.07
CA PHE D 20 34.08 33.32 -0.57
C PHE D 20 33.83 34.82 -0.69
N GLN D 21 34.90 35.64 -0.65
CA GLN D 21 34.74 37.10 -0.64
C GLN D 21 33.92 37.57 -1.84
N SER D 22 34.35 37.24 -3.05
CA SER D 22 33.67 37.68 -4.26
C SER D 22 33.42 36.52 -5.22
N MET D 23 33.33 35.30 -4.71
CA MET D 23 33.16 34.14 -5.57
C MET D 23 31.72 34.04 -6.06
N SER D 24 31.57 33.89 -7.37
CA SER D 24 30.27 33.57 -7.95
C SER D 24 30.16 32.05 -8.12
N VAL D 25 28.92 31.57 -8.16
CA VAL D 25 28.64 30.14 -8.24
C VAL D 25 27.50 29.92 -9.22
N GLY D 26 27.57 28.86 -9.98
CA GLY D 26 26.53 28.53 -10.95
C GLY D 26 26.21 27.05 -10.93
N PHE D 27 24.97 26.73 -11.32
CA PHE D 27 24.50 25.36 -11.43
C PHE D 27 23.96 25.12 -12.84
N ILE D 28 24.51 24.13 -13.52
CA ILE D 28 23.92 23.62 -14.74
C ILE D 28 23.02 22.44 -14.35
N GLY D 29 21.71 22.62 -14.53
CA GLY D 29 20.73 21.74 -13.95
C GLY D 29 20.14 22.40 -12.74
N ALA D 30 18.81 22.61 -12.73
CA ALA D 30 18.19 23.34 -11.63
C ALA D 30 17.17 22.45 -10.92
N GLY D 31 17.60 21.25 -10.53
CA GLY D 31 16.75 20.25 -9.92
C GLY D 31 16.94 20.16 -8.42
N GLN D 32 16.83 18.93 -7.90
CA GLN D 32 16.76 18.74 -6.45
C GLN D 32 18.07 19.10 -5.78
N LEU D 33 19.20 18.65 -6.33
CA LEU D 33 20.49 18.93 -5.70
C LEU D 33 20.84 20.40 -5.82
N ALA D 34 20.59 21.01 -6.98
CA ALA D 34 20.85 22.44 -7.15
C ALA D 34 20.11 23.27 -6.11
N PHE D 35 18.84 22.94 -5.87
CA PHE D 35 18.09 23.68 -4.84
C PHE D 35 18.67 23.43 -3.46
N ALA D 36 19.02 22.17 -3.17
CA ALA D 36 19.53 21.81 -1.84
C ALA D 36 20.82 22.55 -1.51
N LEU D 37 21.80 22.50 -2.41
CA LEU D 37 23.06 23.23 -2.19
C LEU D 37 22.82 24.73 -2.12
N ALA D 38 21.99 25.25 -3.02
CA ALA D 38 21.70 26.68 -2.98
C ALA D 38 21.00 27.06 -1.67
N LYS D 39 20.07 26.23 -1.21
CA LYS D 39 19.45 26.50 0.09
C LYS D 39 20.50 26.39 1.20
N GLY D 40 21.32 25.33 1.17
CA GLY D 40 22.36 25.18 2.18
C GLY D 40 23.35 26.33 2.16
N PHE D 41 23.89 26.65 0.98
CA PHE D 41 24.92 27.69 0.90
C PHE D 41 24.40 29.02 1.41
N THR D 42 23.17 29.38 1.03
CA THR D 42 22.63 30.66 1.45
C THR D 42 22.29 30.67 2.94
N ALA D 43 21.71 29.58 3.46
CA ALA D 43 21.42 29.52 4.88
C ALA D 43 22.70 29.62 5.71
N ALA D 44 23.76 28.93 5.28
CA ALA D 44 25.04 29.03 5.97
C ALA D 44 25.60 30.44 5.93
N GLY D 45 25.10 31.30 5.04
CA GLY D 45 25.60 32.65 4.94
C GLY D 45 26.97 32.75 4.30
N VAL D 46 27.34 31.79 3.47
CA VAL D 46 28.60 31.88 2.73
C VAL D 46 28.42 32.58 1.38
N LEU D 47 27.19 32.64 0.85
CA LEU D 47 26.93 33.28 -0.43
C LEU D 47 25.54 33.91 -0.44
N ALA D 48 25.41 35.01 -1.16
CA ALA D 48 24.12 35.67 -1.35
C ALA D 48 23.31 35.00 -2.45
N ALA D 49 21.98 35.00 -2.27
CA ALA D 49 21.09 34.29 -3.19
C ALA D 49 21.22 34.82 -4.62
N HIS D 50 21.41 36.12 -4.77
CA HIS D 50 21.53 36.72 -6.09
C HIS D 50 22.89 36.48 -6.74
N LYS D 51 23.88 35.96 -5.99
CA LYS D 51 25.20 35.67 -6.51
C LYS D 51 25.31 34.27 -7.09
N ILE D 52 24.19 33.58 -7.23
CA ILE D 52 24.13 32.21 -7.72
C ILE D 52 23.21 32.17 -8.94
N MET D 53 23.58 31.37 -9.93
CA MET D 53 22.78 31.22 -11.14
C MET D 53 22.55 29.74 -11.40
N ALA D 54 21.35 29.42 -11.89
CA ALA D 54 20.98 28.05 -12.24
C ALA D 54 20.30 28.05 -13.61
N SER D 55 20.42 26.93 -14.30
CA SER D 55 19.81 26.78 -15.60
C SER D 55 19.01 25.49 -15.67
N SER D 56 17.99 25.49 -16.52
CA SER D 56 17.20 24.31 -16.80
C SER D 56 16.46 24.57 -18.11
N PRO D 57 16.38 23.60 -19.01
CA PRO D 57 15.55 23.78 -20.21
C PRO D 57 14.06 23.80 -19.92
N ASP D 58 13.65 23.63 -18.65
CA ASP D 58 12.24 23.63 -18.24
C ASP D 58 12.09 24.52 -17.00
N MET D 59 11.82 25.81 -17.21
CA MET D 59 11.56 26.74 -16.12
C MET D 59 10.18 26.55 -15.50
N ASP D 60 9.58 25.38 -15.67
CA ASP D 60 8.24 25.09 -15.17
C ASP D 60 8.25 24.14 -13.99
N LEU D 61 9.42 23.66 -13.57
CA LEU D 61 9.51 22.66 -12.51
C LEU D 61 9.31 23.30 -11.14
N ALA D 62 9.15 22.44 -10.13
CA ALA D 62 8.96 22.92 -8.77
C ALA D 62 10.27 23.49 -8.23
N THR D 63 11.38 22.78 -8.44
CA THR D 63 12.67 23.26 -7.98
C THR D 63 13.00 24.62 -8.58
N VAL D 64 12.67 24.81 -9.86
CA VAL D 64 12.99 26.05 -10.55
C VAL D 64 12.31 27.24 -9.87
N SER D 65 11.03 27.08 -9.53
CA SER D 65 10.32 28.22 -8.92
C SER D 65 10.71 28.42 -7.46
N ALA D 66 11.01 27.34 -6.73
CA ALA D 66 11.51 27.50 -5.37
C ALA D 66 12.83 28.28 -5.36
N LEU D 67 13.75 27.92 -6.26
CA LEU D 67 15.00 28.66 -6.40
C LEU D 67 14.73 30.13 -6.68
N ARG D 68 13.70 30.42 -7.46
CA ARG D 68 13.36 31.81 -7.77
C ARG D 68 12.84 32.54 -6.54
N LYS D 69 12.04 31.86 -5.72
CA LYS D 69 11.60 32.45 -4.45
C LYS D 69 12.79 32.75 -3.55
N MET D 70 13.84 31.95 -3.63
CA MET D 70 15.07 32.24 -2.91
C MET D 70 15.72 33.56 -3.37
N GLY D 71 15.42 34.00 -4.58
CA GLY D 71 16.14 35.10 -5.18
C GLY D 71 17.32 34.66 -6.03
N VAL D 72 17.36 33.39 -6.43
CA VAL D 72 18.44 32.88 -7.27
C VAL D 72 18.15 33.24 -8.73
N LYS D 73 19.15 33.78 -9.43
CA LYS D 73 18.99 34.10 -10.84
C LYS D 73 18.83 32.82 -11.65
N LEU D 74 17.80 32.76 -12.49
CA LEU D 74 17.49 31.60 -13.31
C LEU D 74 17.43 31.99 -14.79
N THR D 75 18.09 31.20 -15.63
CA THR D 75 18.13 31.39 -17.06
C THR D 75 17.94 30.04 -17.73
N PRO D 76 17.46 30.03 -18.98
CA PRO D 76 17.37 28.76 -19.71
C PRO D 76 18.67 28.32 -20.36
N HIS D 77 19.65 29.21 -20.52
CA HIS D 77 20.82 28.96 -21.34
C HIS D 77 22.03 28.67 -20.46
N ASN D 78 22.57 27.47 -20.57
CA ASN D 78 23.71 27.07 -19.74
C ASN D 78 24.92 27.94 -20.00
N LYS D 79 25.02 28.54 -21.20
CA LYS D 79 26.11 29.45 -21.51
C LYS D 79 26.02 30.74 -20.72
N GLU D 80 24.84 31.10 -20.23
CA GLU D 80 24.74 32.26 -19.32
C GLU D 80 25.33 31.93 -17.96
N THR D 81 25.05 30.73 -17.45
CA THR D 81 25.54 30.33 -16.14
C THR D 81 27.07 30.26 -16.12
N VAL D 82 27.67 29.65 -17.15
CA VAL D 82 29.13 29.51 -17.18
C VAL D 82 29.79 30.89 -17.23
N GLN D 83 29.20 31.83 -17.94
CA GLN D 83 29.81 33.16 -18.02
C GLN D 83 29.81 33.84 -16.66
N HIS D 84 28.74 33.64 -15.88
CA HIS D 84 28.57 34.36 -14.62
C HIS D 84 29.26 33.70 -13.43
N SER D 85 29.86 32.52 -13.61
CA SER D 85 30.27 31.66 -12.50
C SER D 85 31.79 31.56 -12.39
N ASP D 86 32.28 31.57 -11.14
CA ASP D 86 33.65 31.18 -10.83
C ASP D 86 33.74 29.68 -10.57
N VAL D 87 32.91 29.18 -9.65
CA VAL D 87 32.80 27.76 -9.36
C VAL D 87 31.51 27.26 -9.99
N LEU D 88 31.62 26.22 -10.82
CA LEU D 88 30.52 25.75 -11.64
C LEU D 88 30.15 24.33 -11.22
N PHE D 89 28.94 24.18 -10.66
CA PHE D 89 28.42 22.87 -10.29
C PHE D 89 27.64 22.28 -11.45
N LEU D 90 27.83 20.99 -11.67
CA LEU D 90 27.09 20.26 -12.69
C LEU D 90 26.06 19.40 -11.98
N ALA D 91 24.79 19.81 -12.06
CA ALA D 91 23.72 19.14 -11.31
C ALA D 91 22.67 18.61 -12.28
N VAL D 92 23.08 17.69 -13.15
CA VAL D 92 22.22 17.14 -14.18
C VAL D 92 22.43 15.63 -14.21
N LYS D 93 21.49 14.92 -14.81
CA LYS D 93 21.57 13.47 -14.83
C LYS D 93 22.89 13.01 -15.47
N PRO D 94 23.42 11.85 -15.06
CA PRO D 94 24.74 11.42 -15.55
C PRO D 94 24.90 11.39 -17.06
N HIS D 95 23.87 10.94 -17.78
CA HIS D 95 23.98 10.83 -19.23
C HIS D 95 23.93 12.17 -19.93
N ILE D 96 23.56 13.25 -19.23
CA ILE D 96 23.57 14.59 -19.82
C ILE D 96 24.95 15.22 -19.79
N ILE D 97 25.81 14.78 -18.86
CA ILE D 97 27.11 15.44 -18.66
C ILE D 97 27.88 15.61 -19.96
N PRO D 98 28.16 14.57 -20.74
CA PRO D 98 28.86 14.81 -22.01
C PRO D 98 28.06 15.65 -22.99
N PHE D 99 26.72 15.63 -22.92
CA PHE D 99 25.94 16.55 -23.75
C PHE D 99 26.16 18.00 -23.32
N ILE D 100 26.25 18.24 -22.00
CA ILE D 100 26.53 19.59 -21.51
C ILE D 100 27.96 19.99 -21.85
N LEU D 101 28.92 19.07 -21.69
CA LEU D 101 30.32 19.41 -21.90
C LEU D 101 30.60 19.74 -23.36
N ASP D 102 29.84 19.15 -24.30
CA ASP D 102 29.95 19.57 -25.69
C ASP D 102 29.43 21.00 -25.86
N GLU D 103 28.36 21.35 -25.15
CA GLU D 103 27.65 22.60 -25.38
C GLU D 103 28.41 23.80 -24.78
N ILE D 104 28.85 23.69 -23.53
CA ILE D 104 29.49 24.82 -22.87
C ILE D 104 31.02 24.70 -22.87
N GLY D 105 31.57 23.64 -23.46
CA GLY D 105 32.98 23.35 -23.28
C GLY D 105 33.91 24.40 -23.87
N ALA D 106 33.54 24.96 -25.02
CA ALA D 106 34.32 26.07 -25.56
C ALA D 106 34.19 27.34 -24.73
N ASP D 107 33.25 27.39 -23.78
CA ASP D 107 33.09 28.56 -22.92
C ASP D 107 33.80 28.42 -21.59
N ILE D 108 34.33 27.24 -21.26
CA ILE D 108 35.06 27.03 -20.02
C ILE D 108 36.39 27.77 -20.13
N GLU D 109 36.47 28.94 -19.52
CA GLU D 109 37.73 29.67 -19.44
C GLU D 109 38.63 29.01 -18.39
N ASP D 110 39.90 29.44 -18.38
CA ASP D 110 40.85 28.92 -17.40
C ASP D 110 40.49 29.33 -15.98
N ARG D 111 39.66 30.35 -15.82
CA ARG D 111 39.27 30.80 -14.48
C ARG D 111 38.31 29.84 -13.79
N HIS D 112 37.62 28.99 -14.55
CA HIS D 112 36.54 28.21 -13.98
C HIS D 112 37.06 27.04 -13.15
N ILE D 113 36.32 26.72 -12.10
CA ILE D 113 36.47 25.46 -11.38
C ILE D 113 35.18 24.67 -11.59
N VAL D 114 35.29 23.56 -12.32
CA VAL D 114 34.13 22.76 -12.70
C VAL D 114 33.98 21.65 -11.67
N VAL D 115 32.88 21.71 -10.92
CA VAL D 115 32.59 20.75 -9.87
C VAL D 115 31.45 19.86 -10.36
N SER D 116 31.76 18.60 -10.61
CA SER D 116 30.75 17.66 -11.09
C SER D 116 30.09 16.97 -9.92
N CYS D 117 28.76 17.05 -9.87
CA CYS D 117 27.98 16.36 -8.85
C CYS D 117 27.28 15.12 -9.36
N ALA D 118 27.33 14.87 -10.67
CA ALA D 118 26.65 13.72 -11.24
C ALA D 118 27.19 12.43 -10.64
N ALA D 119 26.28 11.51 -10.34
CA ALA D 119 26.67 10.19 -9.87
C ALA D 119 27.41 9.45 -10.98
N GLY D 120 28.53 8.82 -10.62
CA GLY D 120 29.23 7.92 -11.49
C GLY D 120 30.23 8.58 -12.43
N VAL D 121 29.96 9.82 -12.86
CA VAL D 121 30.75 10.41 -13.95
C VAL D 121 32.17 10.69 -13.46
N THR D 122 33.14 10.14 -14.16
CA THR D 122 34.53 10.19 -13.72
C THR D 122 35.18 11.52 -14.08
N ILE D 123 36.19 11.90 -13.27
CA ILE D 123 37.02 13.06 -13.59
C ILE D 123 37.61 12.93 -14.99
N SER D 124 38.02 11.71 -15.36
CA SER D 124 38.72 11.51 -16.61
C SER D 124 37.83 11.82 -17.81
N SER D 125 36.58 11.38 -17.77
CA SER D 125 35.66 11.67 -18.88
C SER D 125 35.43 13.17 -19.02
N ILE D 126 35.28 13.88 -17.90
CA ILE D 126 35.09 15.34 -17.96
C ILE D 126 36.33 16.02 -18.51
N GLU D 127 37.50 15.61 -18.03
CA GLU D 127 38.73 16.24 -18.49
C GLU D 127 38.99 15.96 -19.95
N LYS D 128 38.71 14.73 -20.43
CA LYS D 128 38.91 14.44 -21.84
C LYS D 128 38.03 15.34 -22.70
N LYS D 129 36.79 15.58 -22.26
CA LYS D 129 35.91 16.48 -23.00
C LYS D 129 36.44 17.90 -23.01
N LEU D 130 36.79 18.43 -21.83
CA LEU D 130 37.20 19.84 -21.75
C LEU D 130 38.65 20.06 -22.14
N SER D 131 39.53 19.07 -21.95
CA SER D 131 40.93 19.24 -22.37
C SER D 131 41.08 19.41 -23.88
N ALA D 132 40.04 19.09 -24.65
CA ALA D 132 40.08 19.36 -26.09
C ALA D 132 39.84 20.82 -26.43
N PHE D 133 39.25 21.61 -25.52
CA PHE D 133 39.04 23.03 -25.77
C PHE D 133 40.13 23.91 -25.16
N ARG D 134 40.59 23.61 -23.95
CA ARG D 134 41.65 24.37 -23.29
C ARG D 134 42.41 23.38 -22.44
N PRO D 135 43.75 23.46 -22.41
CA PRO D 135 44.55 22.29 -22.00
C PRO D 135 44.41 21.88 -20.53
N ALA D 136 44.09 22.80 -19.61
CA ALA D 136 44.19 22.51 -18.18
C ALA D 136 42.87 22.78 -17.45
N PRO D 137 41.77 22.13 -17.84
CA PRO D 137 40.50 22.36 -17.12
C PRO D 137 40.64 21.94 -15.67
N ARG D 138 40.17 22.81 -14.77
CA ARG D 138 40.19 22.54 -13.33
C ARG D 138 38.88 21.86 -12.96
N VAL D 139 38.96 20.58 -12.60
CA VAL D 139 37.79 19.72 -12.38
C VAL D 139 37.87 19.13 -10.99
N ILE D 140 36.75 19.14 -10.27
CA ILE D 140 36.59 18.43 -9.00
C ILE D 140 35.35 17.55 -9.12
N ARG D 141 35.45 16.30 -8.67
CA ARG D 141 34.30 15.41 -8.58
C ARG D 141 33.82 15.39 -7.14
N CYS D 142 32.50 15.42 -6.95
CA CYS D 142 31.96 15.48 -5.61
C CYS D 142 30.73 14.58 -5.51
N MET D 143 30.48 14.07 -4.30
CA MET D 143 29.28 13.33 -3.99
C MET D 143 28.75 13.93 -2.69
N THR D 144 27.60 14.60 -2.77
CA THR D 144 27.04 15.22 -1.59
C THR D 144 25.67 14.59 -1.34
N ASN D 145 24.81 15.20 -0.54
CA ASN D 145 23.48 14.65 -0.33
C ASN D 145 22.54 15.78 0.04
N THR D 146 21.25 15.47 0.15
CA THR D 146 20.31 16.58 0.28
C THR D 146 20.30 17.25 1.66
N PRO D 147 20.73 16.59 2.78
CA PRO D 147 20.73 17.30 4.07
C PRO D 147 21.65 18.52 4.17
N VAL D 148 22.39 18.86 3.10
CA VAL D 148 23.08 20.14 3.07
C VAL D 148 22.05 21.24 3.25
N VAL D 149 20.79 20.91 2.95
CA VAL D 149 19.74 21.92 3.00
C VAL D 149 19.54 22.40 4.44
N VAL D 150 19.81 21.56 5.43
CA VAL D 150 19.82 21.96 6.85
C VAL D 150 21.25 21.98 7.39
N ARG D 151 22.23 22.15 6.49
CA ARG D 151 23.65 22.24 6.81
C ARG D 151 24.15 21.03 7.61
N GLU D 152 23.60 19.85 7.35
CA GLU D 152 24.12 18.62 7.93
C GLU D 152 24.44 17.61 6.84
N GLY D 153 25.04 18.07 5.75
CA GLY D 153 25.36 17.18 4.66
C GLY D 153 26.49 16.23 4.99
N ALA D 154 26.68 15.27 4.09
CA ALA D 154 27.87 14.44 4.07
C ALA D 154 28.46 14.52 2.67
N THR D 155 29.68 15.02 2.56
CA THR D 155 30.29 15.31 1.26
C THR D 155 31.71 14.75 1.17
N VAL D 156 32.02 14.16 0.03
CA VAL D 156 33.40 13.86 -0.31
C VAL D 156 33.71 14.50 -1.65
N TYR D 157 35.00 14.69 -1.92
CA TYR D 157 35.40 15.23 -3.19
C TYR D 157 36.78 14.69 -3.53
N ALA D 158 37.03 14.51 -4.82
CA ALA D 158 38.35 14.17 -5.34
C ALA D 158 38.77 15.27 -6.30
N THR D 159 40.04 15.66 -6.25
CA THR D 159 40.56 16.69 -7.13
C THR D 159 41.11 16.08 -8.41
N GLY D 160 40.88 16.77 -9.53
CA GLY D 160 41.37 16.33 -10.82
C GLY D 160 42.84 16.69 -11.05
N THR D 161 43.25 16.52 -12.30
CA THR D 161 44.66 16.58 -12.64
C THR D 161 45.22 18.01 -12.58
N HIS D 162 44.43 18.99 -13.01
CA HIS D 162 44.90 20.37 -13.09
C HIS D 162 44.36 21.24 -11.97
N ALA D 163 43.72 20.65 -10.96
CA ALA D 163 43.23 21.42 -9.82
C ALA D 163 44.42 21.91 -8.98
N GLN D 164 44.57 23.23 -8.87
CA GLN D 164 45.55 23.79 -7.96
C GLN D 164 45.16 23.51 -6.51
N VAL D 165 46.14 23.66 -5.61
CA VAL D 165 45.91 23.31 -4.20
C VAL D 165 44.81 24.20 -3.60
N GLU D 166 44.83 25.49 -3.91
CA GLU D 166 43.77 26.39 -3.45
C GLU D 166 42.38 25.89 -3.88
N ASP D 167 42.29 25.13 -4.99
CA ASP D 167 40.99 24.64 -5.44
C ASP D 167 40.45 23.59 -4.49
N GLY D 168 41.31 22.69 -4.01
CA GLY D 168 40.88 21.73 -3.00
C GLY D 168 40.51 22.39 -1.69
N ARG D 169 41.27 23.40 -1.28
CA ARG D 169 40.98 24.07 -0.02
C ARG D 169 39.72 24.90 -0.10
N LEU D 170 39.50 25.60 -1.23
CA LEU D 170 38.23 26.32 -1.42
C LEU D 170 37.05 25.37 -1.37
N MET D 171 37.18 24.21 -2.04
CA MET D 171 36.08 23.26 -2.08
C MET D 171 35.74 22.73 -0.69
N GLU D 172 36.77 22.45 0.11
CA GLU D 172 36.57 22.02 1.48
C GLU D 172 35.84 23.07 2.31
N GLN D 173 36.35 24.32 2.30
CA GLN D 173 35.71 25.39 3.05
C GLN D 173 34.25 25.57 2.61
N LEU D 174 34.01 25.56 1.30
CA LEU D 174 32.65 25.77 0.80
C LEU D 174 31.70 24.65 1.24
N LEU D 175 32.11 23.40 1.04
CA LEU D 175 31.19 22.31 1.36
C LEU D 175 31.15 21.97 2.85
N SER D 176 32.18 22.38 3.61
CA SER D 176 32.09 22.23 5.06
C SER D 176 31.11 23.21 5.67
N SER D 177 30.71 24.26 4.93
CA SER D 177 29.74 25.20 5.48
C SER D 177 28.36 24.57 5.60
N VAL D 178 28.09 23.50 4.84
CA VAL D 178 26.81 22.81 4.80
C VAL D 178 26.91 21.38 5.31
N GLY D 179 28.01 21.01 5.94
CA GLY D 179 28.04 19.73 6.60
C GLY D 179 29.45 19.17 6.61
N PHE D 180 29.52 17.87 6.84
CA PHE D 180 30.80 17.17 6.85
C PHE D 180 31.35 17.11 5.43
N CYS D 181 32.67 17.20 5.33
CA CYS D 181 33.33 17.24 4.03
C CYS D 181 34.78 16.79 4.20
N THR D 182 35.23 15.90 3.33
CA THR D 182 36.62 15.47 3.35
C THR D 182 37.01 15.02 1.95
N GLU D 183 38.30 15.14 1.67
CA GLU D 183 38.85 14.69 0.41
C GLU D 183 39.03 13.18 0.45
N VAL D 184 38.81 12.52 -0.70
CA VAL D 184 39.03 11.09 -0.82
C VAL D 184 39.67 10.82 -2.17
N GLU D 185 40.24 9.62 -2.31
CA GLU D 185 40.59 9.16 -3.64
C GLU D 185 39.33 8.93 -4.45
N GLU D 186 39.40 9.22 -5.75
CA GLU D 186 38.21 9.12 -6.57
C GLU D 186 37.68 7.69 -6.63
N ASP D 187 38.54 6.70 -6.44
CA ASP D 187 38.08 5.32 -6.53
C ASP D 187 37.15 4.92 -5.40
N LEU D 188 36.94 5.80 -4.41
CA LEU D 188 35.99 5.54 -3.33
C LEU D 188 34.62 6.18 -3.55
N ILE D 189 34.47 7.08 -4.53
CA ILE D 189 33.25 7.90 -4.61
C ILE D 189 32.01 7.09 -4.98
N ASP D 190 32.15 6.04 -5.78
CA ASP D 190 30.98 5.21 -6.09
C ASP D 190 30.41 4.57 -4.82
N ALA D 191 31.31 4.10 -3.95
CA ALA D 191 30.91 3.47 -2.70
C ALA D 191 30.33 4.48 -1.73
N VAL D 192 30.88 5.70 -1.72
CA VAL D 192 30.29 6.76 -0.89
C VAL D 192 28.88 7.08 -1.34
N THR D 193 28.64 7.08 -2.66
CA THR D 193 27.30 7.28 -3.20
C THR D 193 26.32 6.26 -2.63
N GLY D 194 26.71 4.99 -2.59
CA GLY D 194 25.84 3.97 -2.06
C GLY D 194 25.56 4.15 -0.59
N LEU D 195 26.49 4.77 0.15
CA LEU D 195 26.37 4.91 1.61
C LEU D 195 25.72 6.24 1.98
N SER D 196 26.45 7.36 1.77
CA SER D 196 25.90 8.65 2.19
C SER D 196 25.18 9.41 1.07
N GLY D 197 25.49 9.18 -0.21
CA GLY D 197 24.67 9.78 -1.25
C GLY D 197 23.21 9.32 -1.17
N SER D 198 23.00 8.01 -1.24
CA SER D 198 21.67 7.44 -1.16
C SER D 198 21.16 7.33 0.27
N GLY D 199 22.06 7.28 1.26
CA GLY D 199 21.70 7.14 2.67
C GLY D 199 20.45 7.86 3.17
N PRO D 200 20.29 9.16 2.86
CA PRO D 200 19.09 9.85 3.37
C PRO D 200 17.79 9.18 2.97
N ALA D 201 17.71 8.63 1.75
CA ALA D 201 16.50 7.91 1.33
C ALA D 201 16.29 6.64 2.13
N TYR D 202 17.38 5.92 2.47
CA TYR D 202 17.24 4.79 3.39
C TYR D 202 16.62 5.25 4.70
N ALA D 203 17.08 6.40 5.18
CA ALA D 203 16.59 6.97 6.43
C ALA D 203 15.13 7.42 6.33
N PHE D 204 14.74 8.04 5.22
CA PHE D 204 13.35 8.46 5.07
C PHE D 204 12.41 7.25 5.01
N THR D 205 12.82 6.18 4.30
CA THR D 205 12.03 4.95 4.29
C THR D 205 11.89 4.36 5.68
N ALA D 206 13.02 4.31 6.41
CA ALA D 206 13.02 3.79 7.76
C ALA D 206 12.09 4.58 8.66
N LEU D 207 12.17 5.92 8.62
CA LEU D 207 11.36 6.77 9.49
C LEU D 207 9.88 6.64 9.18
N ASP D 208 9.53 6.50 7.91
CA ASP D 208 8.14 6.28 7.54
C ASP D 208 7.62 4.96 8.10
N ALA D 209 8.46 3.91 8.05
CA ALA D 209 8.09 2.59 8.55
C ALA D 209 7.99 2.58 10.08
N LEU D 210 8.97 3.19 10.76
CA LEU D 210 8.92 3.30 12.22
C LEU D 210 7.68 4.06 12.68
N ALA D 211 7.32 5.13 11.96
CA ALA D 211 6.09 5.86 12.30
C ALA D 211 4.86 4.97 12.07
N ASP D 212 4.85 4.17 11.01
CA ASP D 212 3.77 3.18 10.83
C ASP D 212 3.70 2.22 12.01
N GLY D 213 4.87 1.81 12.52
CA GLY D 213 4.91 1.02 13.73
C GLY D 213 4.33 1.75 14.92
N GLY D 214 4.75 3.01 15.11
CA GLY D 214 4.16 3.80 16.18
C GLY D 214 2.66 3.91 16.06
N VAL D 215 2.16 4.11 14.83
CA VAL D 215 0.72 4.24 14.62
C VAL D 215 0.02 2.91 14.92
N LYS D 216 0.60 1.79 14.46
CA LYS D 216 -0.02 0.51 14.73
C LYS D 216 -0.20 0.27 16.22
N MET D 217 0.72 0.77 17.04
CA MET D 217 0.63 0.56 18.47
C MET D 217 -0.15 1.64 19.21
N GLY D 218 -0.85 2.53 18.48
CA GLY D 218 -1.71 3.52 19.11
C GLY D 218 -1.23 4.95 19.05
N LEU D 219 -0.03 5.24 18.54
CA LEU D 219 0.42 6.64 18.60
C LEU D 219 -0.25 7.48 17.50
N PRO D 220 -0.57 8.75 17.77
CA PRO D 220 -0.87 9.69 16.68
C PRO D 220 0.29 9.77 15.70
N ARG D 221 -0.05 9.86 14.40
CA ARG D 221 0.98 9.81 13.36
CA ARG D 221 0.97 9.83 13.35
C ARG D 221 1.96 10.99 13.48
N ARG D 222 1.45 12.20 13.71
CA ARG D 222 2.35 13.35 13.84
C ARG D 222 3.39 13.10 14.92
N LEU D 223 2.95 12.66 16.09
CA LEU D 223 3.86 12.34 17.19
C LEU D 223 4.81 11.21 16.82
N ALA D 224 4.31 10.15 16.17
CA ALA D 224 5.16 9.03 15.84
C ALA D 224 6.28 9.43 14.88
N VAL D 225 6.00 10.31 13.91
CA VAL D 225 7.05 10.78 13.00
C VAL D 225 8.11 11.57 13.78
N ARG D 226 7.66 12.50 14.62
CA ARG D 226 8.58 13.33 15.42
C ARG D 226 9.47 12.47 16.30
N LEU D 227 8.87 11.55 17.05
CA LEU D 227 9.62 10.69 17.97
C LEU D 227 10.59 9.79 17.22
N GLY D 228 10.17 9.25 16.07
CA GLY D 228 11.06 8.41 15.31
C GLY D 228 12.24 9.18 14.77
N ALA D 229 11.99 10.35 14.21
CA ALA D 229 13.07 11.17 13.66
C ALA D 229 14.01 11.65 14.75
N GLN D 230 13.47 12.02 15.91
CA GLN D 230 14.32 12.48 17.01
C GLN D 230 15.22 11.36 17.51
N ALA D 231 14.68 10.15 17.62
CA ALA D 231 15.45 9.00 18.09
C ALA D 231 16.61 8.68 17.15
N LEU D 232 16.37 8.75 15.83
CA LEU D 232 17.43 8.50 14.87
C LEU D 232 18.48 9.61 14.88
N LEU D 233 18.03 10.87 14.93
CA LEU D 233 18.95 11.99 15.07
C LEU D 233 19.80 11.85 16.33
N GLY D 234 19.15 11.66 17.47
CA GLY D 234 19.91 11.52 18.70
C GLY D 234 20.90 10.38 18.66
N ALA D 235 20.50 9.25 18.07
CA ALA D 235 21.39 8.10 18.01
C ALA D 235 22.58 8.34 17.08
N ALA D 236 22.36 8.94 15.92
CA ALA D 236 23.48 9.24 15.04
C ALA D 236 24.45 10.21 15.70
N LYS D 237 23.91 11.25 16.38
CA LYS D 237 24.78 12.19 17.08
C LYS D 237 25.59 11.48 18.17
N MET D 238 24.95 10.57 18.91
CA MET D 238 25.67 9.81 19.93
C MET D 238 26.85 9.07 19.33
N LEU D 239 26.63 8.43 18.17
CA LEU D 239 27.70 7.67 17.55
C LEU D 239 28.83 8.58 17.12
N LEU D 240 28.48 9.71 16.51
CA LEU D 240 29.50 10.66 16.05
C LEU D 240 30.36 11.17 17.20
N HIS D 241 29.78 11.34 18.40
CA HIS D 241 30.50 11.89 19.53
C HIS D 241 31.10 10.85 20.47
N SER D 242 30.91 9.57 20.19
CA SER D 242 31.41 8.52 21.05
C SER D 242 32.64 7.85 20.42
N GLU D 243 33.56 7.41 21.27
CA GLU D 243 34.65 6.60 20.77
C GLU D 243 34.25 5.14 20.61
N GLN D 244 33.04 4.78 21.04
CA GLN D 244 32.66 3.39 21.22
C GLN D 244 32.09 2.79 19.93
N HIS D 245 32.26 1.49 19.81
CA HIS D 245 31.74 0.78 18.66
C HIS D 245 30.21 0.83 18.66
N PRO D 246 29.60 0.87 17.48
CA PRO D 246 28.13 0.75 17.38
C PRO D 246 27.51 -0.32 18.28
N GLY D 247 28.07 -1.54 18.25
CA GLY D 247 27.49 -2.62 19.04
C GLY D 247 27.63 -2.42 20.53
N GLN D 248 28.64 -1.66 20.97
CA GLN D 248 28.74 -1.34 22.38
C GLN D 248 27.62 -0.41 22.80
N LEU D 249 27.26 0.54 21.92
CA LEU D 249 26.17 1.45 22.27
C LEU D 249 24.85 0.70 22.30
N LYS D 250 24.64 -0.20 21.34
CA LYS D 250 23.48 -1.09 21.35
C LYS D 250 23.37 -1.83 22.69
N ASP D 251 24.49 -2.43 23.13
CA ASP D 251 24.54 -3.11 24.41
C ASP D 251 24.12 -2.22 25.58
N ASN D 252 24.55 -0.94 25.57
CA ASN D 252 24.16 -0.03 26.64
C ASN D 252 22.65 0.12 26.74
N VAL D 253 21.96 0.09 25.59
CA VAL D 253 20.51 0.26 25.58
C VAL D 253 19.73 -1.05 25.82
N SER D 254 20.37 -2.21 25.69
CA SER D 254 19.66 -3.50 25.69
C SER D 254 19.66 -4.13 27.09
N SER D 255 18.64 -3.80 27.86
CA SER D 255 18.45 -4.41 29.17
C SER D 255 18.19 -5.92 29.05
N PRO D 256 18.76 -6.74 29.93
CA PRO D 256 18.45 -8.18 29.94
C PRO D 256 16.95 -8.44 29.99
N GLY D 257 16.48 -9.31 29.10
CA GLY D 257 15.07 -9.66 29.05
C GLY D 257 14.14 -8.56 28.58
N GLY D 258 14.68 -7.41 28.16
CA GLY D 258 13.87 -6.21 27.98
C GLY D 258 13.23 -6.06 26.60
N ALA D 259 12.42 -5.01 26.51
CA ALA D 259 11.72 -4.64 25.29
C ALA D 259 12.67 -4.48 24.10
N THR D 260 13.80 -3.79 24.29
CA THR D 260 14.69 -3.50 23.18
C THR D 260 15.32 -4.77 22.61
N ILE D 261 15.87 -5.62 23.48
CA ILE D 261 16.48 -6.85 22.96
C ILE D 261 15.44 -7.73 22.28
N HIS D 262 14.18 -7.66 22.72
CA HIS D 262 13.13 -8.40 22.02
C HIS D 262 12.90 -7.84 20.62
N ALA D 263 12.92 -6.51 20.47
CA ALA D 263 12.80 -5.89 19.16
C ALA D 263 14.01 -6.17 18.27
N LEU D 264 15.22 -6.17 18.87
CA LEU D 264 16.39 -6.45 18.05
C LEU D 264 16.34 -7.86 17.49
N HIS D 265 15.76 -8.81 18.24
CA HIS D 265 15.63 -10.15 17.70
C HIS D 265 14.80 -10.15 16.41
N VAL D 266 13.65 -9.46 16.42
CA VAL D 266 12.82 -9.54 15.21
C VAL D 266 13.51 -8.82 14.04
N LEU D 267 14.28 -7.76 14.28
CA LEU D 267 15.08 -7.18 13.19
C LEU D 267 16.05 -8.20 12.64
N GLU D 268 16.81 -8.87 13.54
CA GLU D 268 17.77 -9.89 13.11
C GLU D 268 17.10 -11.00 12.32
N SER D 269 15.90 -11.41 12.73
CA SER D 269 15.24 -12.54 12.08
C SER D 269 14.85 -12.20 10.64
N GLY D 270 14.61 -10.93 10.32
CA GLY D 270 14.39 -10.59 8.91
C GLY D 270 15.66 -10.26 8.13
N GLY D 271 16.86 -10.45 8.68
CA GLY D 271 18.05 -10.07 7.93
C GLY D 271 18.17 -8.57 7.76
N PHE D 272 17.72 -7.79 8.75
CA PHE D 272 17.78 -6.33 8.71
C PHE D 272 19.14 -5.82 8.28
N ARG D 273 20.21 -6.29 8.94
CA ARG D 273 21.55 -5.85 8.58
C ARG D 273 21.86 -6.12 7.11
N SER D 274 21.51 -7.32 6.60
CA SER D 274 21.85 -7.66 5.23
C SER D 274 21.11 -6.80 4.21
N LEU D 275 19.94 -6.30 4.55
CA LEU D 275 19.22 -5.42 3.63
C LEU D 275 19.95 -4.10 3.44
N LEU D 276 20.53 -3.57 4.52
CA LEU D 276 21.26 -2.31 4.41
C LEU D 276 22.59 -2.50 3.68
N ILE D 277 23.23 -3.66 3.87
CA ILE D 277 24.39 -4.00 3.07
C ILE D 277 23.99 -4.12 1.61
N ASN D 278 22.91 -4.88 1.32
CA ASN D 278 22.41 -5.00 -0.04
C ASN D 278 22.17 -3.63 -0.67
N ALA D 279 21.61 -2.71 0.10
CA ALA D 279 21.26 -1.39 -0.43
C ALA D 279 22.52 -0.60 -0.84
N VAL D 280 23.50 -0.51 0.05
CA VAL D 280 24.74 0.19 -0.28
C VAL D 280 25.39 -0.42 -1.51
N GLU D 281 25.38 -1.75 -1.59
CA GLU D 281 26.01 -2.45 -2.70
C GLU D 281 25.26 -2.16 -4.01
N ALA D 282 23.92 -2.22 -3.99
CA ALA D 282 23.15 -2.00 -5.21
C ALA D 282 23.28 -0.57 -5.72
N SER D 283 23.34 0.40 -4.81
CA SER D 283 23.53 1.79 -5.23
C SER D 283 24.93 1.99 -5.82
N CYS D 284 25.96 1.50 -5.13
CA CYS D 284 27.34 1.55 -5.61
C CYS D 284 27.47 0.88 -6.98
N ILE D 285 26.88 -0.31 -7.14
CA ILE D 285 26.96 -1.04 -8.39
C ILE D 285 26.20 -0.31 -9.49
N ARG D 286 25.05 0.28 -9.17
CA ARG D 286 24.36 1.09 -10.17
C ARG D 286 25.18 2.33 -10.54
N THR D 287 25.94 2.86 -9.60
CA THR D 287 26.72 4.07 -9.89
C THR D 287 27.83 3.74 -10.89
N ARG D 288 28.45 2.56 -10.76
CA ARG D 288 29.45 2.11 -11.73
C ARG D 288 28.82 1.86 -13.10
N GLU D 289 27.64 1.22 -13.14
CA GLU D 289 26.95 1.04 -14.42
C GLU D 289 26.66 2.37 -15.10
N LEU D 290 26.19 3.37 -14.33
CA LEU D 290 25.93 4.67 -14.92
C LEU D 290 27.17 5.28 -15.56
N GLN D 291 28.37 4.97 -15.02
CA GLN D 291 29.60 5.54 -15.57
C GLN D 291 30.02 4.82 -16.85
N SER D 292 29.95 3.48 -16.85
CA SER D 292 30.27 2.70 -18.05
C SER D 292 29.21 2.81 -19.13
N MET D 293 27.95 3.15 -18.78
CA MET D 293 26.94 3.52 -19.76
C MET D 293 27.12 4.96 -20.24
N ALA D 294 28.35 5.48 -20.14
CA ALA D 294 28.85 6.70 -20.76
C ALA D 294 30.14 6.45 -21.54
N ASP D 295 31.06 5.68 -20.97
CA ASP D 295 32.30 5.30 -21.64
C ASP D 295 32.04 4.39 -22.85
N SER E 22 -41.25 -42.10 -12.24
CA SER E 22 -42.59 -41.74 -11.74
C SER E 22 -42.51 -41.03 -10.39
N MET E 23 -41.35 -40.47 -10.08
CA MET E 23 -41.04 -39.84 -8.80
C MET E 23 -40.88 -38.34 -8.97
N SER E 24 -41.11 -37.62 -7.87
CA SER E 24 -41.16 -36.16 -7.85
C SER E 24 -40.00 -35.61 -7.02
N VAL E 25 -39.37 -34.54 -7.52
CA VAL E 25 -38.17 -33.99 -6.88
C VAL E 25 -38.37 -32.50 -6.63
N GLY E 26 -38.03 -32.05 -5.42
CA GLY E 26 -38.05 -30.65 -5.10
C GLY E 26 -36.71 -30.08 -4.67
N PHE E 27 -36.55 -28.78 -4.80
CA PHE E 27 -35.36 -28.06 -4.36
C PHE E 27 -35.80 -26.87 -3.54
N ILE E 28 -35.35 -26.80 -2.30
CA ILE E 28 -35.48 -25.58 -1.50
C ILE E 28 -34.17 -24.83 -1.63
N GLY E 29 -34.24 -23.61 -2.16
CA GLY E 29 -33.08 -22.93 -2.68
C GLY E 29 -33.00 -23.19 -4.17
N ALA E 30 -32.85 -22.14 -4.97
CA ALA E 30 -32.86 -22.26 -6.43
C ALA E 30 -31.62 -21.58 -7.01
N GLY E 31 -30.46 -21.93 -6.45
CA GLY E 31 -29.21 -21.30 -6.81
C GLY E 31 -28.27 -22.21 -7.59
N GLN E 32 -26.97 -22.02 -7.40
CA GLN E 32 -25.96 -22.66 -8.26
C GLN E 32 -26.08 -24.17 -8.20
N LEU E 33 -26.21 -24.73 -6.99
CA LEU E 33 -26.24 -26.18 -6.85
C LEU E 33 -27.53 -26.76 -7.44
N ALA E 34 -28.68 -26.22 -7.05
CA ALA E 34 -29.97 -26.72 -7.54
C ALA E 34 -30.06 -26.67 -9.06
N PHE E 35 -29.50 -25.63 -9.68
CA PHE E 35 -29.47 -25.60 -11.15
C PHE E 35 -28.59 -26.71 -11.71
N ALA E 36 -27.41 -26.92 -11.11
CA ALA E 36 -26.50 -27.95 -11.62
C ALA E 36 -27.14 -29.33 -11.54
N LEU E 37 -27.74 -29.65 -10.39
CA LEU E 37 -28.40 -30.95 -10.23
C LEU E 37 -29.59 -31.08 -11.17
N ALA E 38 -30.41 -30.02 -11.27
CA ALA E 38 -31.58 -30.09 -12.15
C ALA E 38 -31.16 -30.20 -13.61
N LYS E 39 -30.18 -29.41 -14.02
CA LYS E 39 -29.70 -29.49 -15.40
C LYS E 39 -29.09 -30.85 -15.70
N GLY E 40 -28.28 -31.38 -14.78
CA GLY E 40 -27.71 -32.71 -14.99
C GLY E 40 -28.73 -33.82 -14.95
N PHE E 41 -29.70 -33.75 -14.00
CA PHE E 41 -30.76 -34.76 -13.91
C PHE E 41 -31.54 -34.86 -15.21
N THR E 42 -31.94 -33.71 -15.77
CA THR E 42 -32.73 -33.73 -16.99
C THR E 42 -31.90 -34.20 -18.18
N ALA E 43 -30.67 -33.70 -18.28
CA ALA E 43 -29.78 -34.14 -19.36
C ALA E 43 -29.59 -35.65 -19.32
N ALA E 44 -29.33 -36.21 -18.13
CA ALA E 44 -29.27 -37.66 -17.99
C ALA E 44 -30.54 -38.37 -18.44
N GLY E 45 -31.66 -37.66 -18.52
CA GLY E 45 -32.92 -38.32 -18.79
C GLY E 45 -33.52 -39.08 -17.63
N VAL E 46 -32.89 -39.12 -16.45
CA VAL E 46 -33.52 -39.83 -15.34
C VAL E 46 -34.74 -39.10 -14.80
N LEU E 47 -35.01 -37.89 -15.28
CA LEU E 47 -35.97 -37.00 -14.65
C LEU E 47 -36.36 -35.95 -15.66
N ALA E 48 -37.65 -35.86 -15.96
CA ALA E 48 -38.15 -34.78 -16.80
C ALA E 48 -38.33 -33.52 -15.97
N ALA E 49 -38.06 -32.36 -16.58
CA ALA E 49 -38.00 -31.12 -15.82
C ALA E 49 -39.34 -30.78 -15.17
N HIS E 50 -40.44 -31.36 -15.67
CA HIS E 50 -41.77 -31.09 -15.16
C HIS E 50 -42.08 -31.86 -13.88
N LYS E 51 -41.25 -32.84 -13.52
CA LYS E 51 -41.38 -33.49 -12.24
C LYS E 51 -40.42 -32.90 -11.22
N ILE E 52 -39.94 -31.67 -11.45
CA ILE E 52 -38.99 -30.99 -10.58
C ILE E 52 -39.52 -29.60 -10.23
N MET E 53 -39.45 -29.25 -8.95
CA MET E 53 -39.91 -27.95 -8.47
C MET E 53 -38.85 -27.32 -7.60
N ALA E 54 -38.67 -26.02 -7.74
CA ALA E 54 -37.67 -25.27 -6.98
C ALA E 54 -38.27 -23.99 -6.43
N SER E 55 -37.76 -23.59 -5.25
CA SER E 55 -38.18 -22.36 -4.59
C SER E 55 -36.99 -21.56 -4.11
N SER E 56 -37.11 -20.25 -4.16
CA SER E 56 -36.14 -19.32 -3.61
C SER E 56 -36.90 -18.08 -3.19
N PRO E 57 -36.37 -17.30 -2.24
CA PRO E 57 -37.11 -16.13 -1.73
C PRO E 57 -36.83 -14.88 -2.54
N ASP E 58 -36.59 -15.06 -3.84
CA ASP E 58 -36.27 -13.96 -4.74
C ASP E 58 -36.30 -14.48 -6.17
N MET E 59 -37.50 -14.55 -6.75
CA MET E 59 -37.69 -15.14 -8.09
C MET E 59 -36.97 -14.33 -9.16
N ASP E 60 -36.14 -13.36 -8.74
CA ASP E 60 -35.37 -12.50 -9.62
C ASP E 60 -34.02 -13.09 -10.00
N LEU E 61 -33.70 -14.29 -9.54
CA LEU E 61 -32.35 -14.81 -9.67
C LEU E 61 -32.04 -15.29 -11.08
N ALA E 62 -30.75 -15.28 -11.42
CA ALA E 62 -30.32 -15.76 -12.72
C ALA E 62 -30.53 -17.26 -12.86
N THR E 63 -30.22 -18.03 -11.81
CA THR E 63 -30.46 -19.47 -11.84
C THR E 63 -31.95 -19.78 -11.93
N VAL E 64 -32.80 -18.90 -11.41
CA VAL E 64 -34.23 -19.14 -11.42
C VAL E 64 -34.80 -19.02 -12.83
N SER E 65 -34.35 -18.03 -13.60
CA SER E 65 -34.78 -17.94 -15.00
C SER E 65 -34.36 -19.18 -15.78
N ALA E 66 -33.14 -19.66 -15.53
CA ALA E 66 -32.60 -20.80 -16.27
C ALA E 66 -33.41 -22.07 -16.00
N LEU E 67 -33.71 -22.34 -14.72
CA LEU E 67 -34.59 -23.47 -14.39
C LEU E 67 -35.93 -23.34 -15.11
N ARG E 68 -36.44 -22.12 -15.26
CA ARG E 68 -37.71 -21.94 -15.96
C ARG E 68 -37.59 -22.33 -17.42
N LYS E 69 -36.56 -21.83 -18.11
CA LYS E 69 -36.38 -22.15 -19.53
C LYS E 69 -36.25 -23.66 -19.75
N MET E 70 -35.70 -24.39 -18.76
CA MET E 70 -35.57 -25.84 -18.86
C MET E 70 -36.91 -26.56 -18.72
N GLY E 71 -37.89 -25.93 -18.08
CA GLY E 71 -39.15 -26.58 -17.78
C GLY E 71 -39.36 -26.92 -16.31
N VAL E 72 -38.49 -26.47 -15.41
CA VAL E 72 -38.67 -26.70 -13.98
C VAL E 72 -39.77 -25.80 -13.46
N LYS E 73 -40.75 -26.38 -12.76
CA LYS E 73 -41.75 -25.60 -12.06
C LYS E 73 -41.08 -24.79 -10.95
N LEU E 74 -41.54 -23.55 -10.75
CA LEU E 74 -40.91 -22.65 -9.80
C LEU E 74 -41.96 -22.03 -8.89
N THR E 75 -41.50 -21.63 -7.70
CA THR E 75 -42.38 -21.06 -6.67
C THR E 75 -41.52 -20.23 -5.74
N PRO E 76 -42.14 -19.31 -4.98
CA PRO E 76 -41.38 -18.65 -3.90
C PRO E 76 -41.68 -19.26 -2.54
N HIS E 77 -42.66 -20.17 -2.50
CA HIS E 77 -43.12 -20.76 -1.24
C HIS E 77 -42.49 -22.13 -1.05
N ASN E 78 -41.56 -22.21 -0.10
CA ASN E 78 -40.95 -23.48 0.26
C ASN E 78 -41.99 -24.54 0.58
N LYS E 79 -43.13 -24.13 1.12
CA LYS E 79 -44.20 -25.08 1.43
C LYS E 79 -44.76 -25.71 0.16
N GLU E 80 -44.90 -24.91 -0.90
CA GLU E 80 -45.39 -25.48 -2.15
C GLU E 80 -44.42 -26.55 -2.67
N THR E 81 -43.12 -26.30 -2.55
CA THR E 81 -42.14 -27.27 -3.03
C THR E 81 -42.21 -28.57 -2.23
N VAL E 82 -42.45 -28.49 -0.92
CA VAL E 82 -42.63 -29.68 -0.11
C VAL E 82 -43.89 -30.43 -0.55
N GLN E 83 -45.00 -29.72 -0.69
CA GLN E 83 -46.25 -30.36 -1.07
C GLN E 83 -46.12 -31.13 -2.38
N HIS E 84 -45.21 -30.69 -3.26
CA HIS E 84 -45.04 -31.32 -4.56
C HIS E 84 -44.13 -32.54 -4.48
N SER E 85 -43.07 -32.44 -3.69
CA SER E 85 -41.96 -33.36 -3.83
C SER E 85 -42.20 -34.68 -3.09
N ASP E 86 -41.54 -35.72 -3.58
CA ASP E 86 -41.25 -36.93 -2.82
C ASP E 86 -39.82 -36.91 -2.28
N VAL E 87 -38.86 -36.53 -3.11
CA VAL E 87 -37.48 -36.32 -2.71
C VAL E 87 -37.23 -34.82 -2.63
N LEU E 88 -36.87 -34.33 -1.44
CA LEU E 88 -36.70 -32.91 -1.20
C LEU E 88 -35.22 -32.62 -0.98
N PHE E 89 -34.61 -31.90 -1.92
CA PHE E 89 -33.23 -31.44 -1.77
C PHE E 89 -33.17 -30.13 -1.00
N LEU E 90 -32.23 -30.05 -0.07
CA LEU E 90 -31.95 -28.82 0.68
C LEU E 90 -30.69 -28.22 0.09
N ALA E 91 -30.87 -27.17 -0.73
CA ALA E 91 -29.74 -26.52 -1.37
C ALA E 91 -29.70 -25.03 -1.01
N VAL E 92 -29.78 -24.73 0.29
CA VAL E 92 -29.62 -23.38 0.79
C VAL E 92 -28.31 -23.31 1.56
N LYS E 93 -27.90 -22.09 1.87
CA LYS E 93 -26.66 -21.89 2.61
C LYS E 93 -26.77 -22.55 3.98
N PRO E 94 -25.68 -23.14 4.50
CA PRO E 94 -25.79 -23.95 5.73
C PRO E 94 -26.42 -23.23 6.91
N HIS E 95 -26.13 -21.93 7.11
CA HIS E 95 -26.73 -21.22 8.23
C HIS E 95 -28.23 -21.07 8.10
N ILE E 96 -28.79 -21.27 6.90
CA ILE E 96 -30.23 -21.09 6.70
C ILE E 96 -31.02 -22.37 6.99
N ILE E 97 -30.40 -23.54 6.82
CA ILE E 97 -31.06 -24.84 7.03
C ILE E 97 -31.91 -24.87 8.31
N PRO E 98 -31.42 -24.44 9.48
CA PRO E 98 -32.31 -24.43 10.65
C PRO E 98 -33.59 -23.63 10.44
N PHE E 99 -33.49 -22.46 9.82
CA PHE E 99 -34.67 -21.65 9.56
C PHE E 99 -35.62 -22.40 8.63
N ILE E 100 -35.10 -23.00 7.57
CA ILE E 100 -35.94 -23.72 6.62
C ILE E 100 -36.63 -24.90 7.30
N LEU E 101 -35.89 -25.62 8.13
CA LEU E 101 -36.48 -26.76 8.83
C LEU E 101 -37.58 -26.30 9.78
N ASP E 102 -37.41 -25.13 10.41
CA ASP E 102 -38.46 -24.62 11.29
C ASP E 102 -39.65 -24.04 10.52
N GLU E 103 -39.50 -23.74 9.23
CA GLU E 103 -40.59 -23.27 8.41
C GLU E 103 -41.43 -24.41 7.83
N ILE E 104 -40.80 -25.58 7.60
CA ILE E 104 -41.40 -26.65 6.81
C ILE E 104 -41.51 -27.95 7.59
N GLY E 105 -40.99 -28.01 8.82
CA GLY E 105 -40.96 -29.28 9.53
C GLY E 105 -42.32 -29.95 9.64
N ALA E 106 -43.36 -29.16 9.90
CA ALA E 106 -44.71 -29.70 10.03
C ALA E 106 -45.26 -30.23 8.72
N ASP E 107 -44.63 -29.89 7.59
CA ASP E 107 -45.12 -30.32 6.28
C ASP E 107 -44.54 -31.64 5.83
N ILE E 108 -43.49 -32.16 6.49
CA ILE E 108 -42.89 -33.42 6.09
C ILE E 108 -43.87 -34.57 6.34
N GLU E 109 -43.84 -35.56 5.46
CA GLU E 109 -44.75 -36.69 5.56
C GLU E 109 -43.94 -37.97 5.66
N ASP E 110 -44.66 -39.07 5.94
CA ASP E 110 -44.02 -40.39 5.93
C ASP E 110 -43.38 -40.70 4.59
N ARG E 111 -43.82 -40.07 3.51
CA ARG E 111 -43.35 -40.39 2.17
C ARG E 111 -42.06 -39.65 1.81
N HIS E 112 -41.69 -38.62 2.57
CA HIS E 112 -40.63 -37.71 2.16
C HIS E 112 -39.26 -38.27 2.46
N ILE E 113 -38.33 -38.08 1.51
CA ILE E 113 -36.91 -38.23 1.77
C ILE E 113 -36.28 -36.85 1.68
N VAL E 114 -35.63 -36.42 2.74
CA VAL E 114 -35.02 -35.10 2.83
C VAL E 114 -33.53 -35.27 2.62
N VAL E 115 -33.00 -34.67 1.56
CA VAL E 115 -31.60 -34.81 1.20
C VAL E 115 -30.93 -33.46 1.43
N SER E 116 -30.09 -33.39 2.45
CA SER E 116 -29.39 -32.15 2.75
C SER E 116 -28.09 -32.10 1.95
N CYS E 117 -27.92 -31.04 1.16
CA CYS E 117 -26.67 -30.80 0.45
C CYS E 117 -25.80 -29.76 1.13
N ALA E 118 -26.25 -29.19 2.24
CA ALA E 118 -25.51 -28.13 2.89
C ALA E 118 -24.19 -28.67 3.44
N ALA E 119 -23.13 -27.87 3.32
CA ALA E 119 -21.82 -28.30 3.80
C ALA E 119 -21.79 -28.29 5.33
N GLY E 120 -21.18 -29.32 5.91
CA GLY E 120 -21.04 -29.39 7.34
C GLY E 120 -22.30 -29.81 8.11
N VAL E 121 -23.50 -29.49 7.61
CA VAL E 121 -24.71 -29.67 8.41
C VAL E 121 -25.00 -31.16 8.61
N THR E 122 -25.05 -31.58 9.86
CA THR E 122 -25.07 -32.98 10.22
C THR E 122 -26.49 -33.58 10.17
N ILE E 123 -26.53 -34.89 9.96
CA ILE E 123 -27.79 -35.62 9.96
C ILE E 123 -28.50 -35.45 11.30
N SER E 124 -27.72 -35.45 12.38
CA SER E 124 -28.27 -35.34 13.74
C SER E 124 -29.00 -34.01 13.93
N SER E 125 -28.40 -32.92 13.48
CA SER E 125 -29.02 -31.61 13.62
C SER E 125 -30.33 -31.54 12.85
N ILE E 126 -30.37 -32.16 11.68
CA ILE E 126 -31.58 -32.17 10.86
C ILE E 126 -32.62 -33.07 11.47
N GLU E 127 -32.20 -34.26 11.93
CA GLU E 127 -33.16 -35.16 12.55
C GLU E 127 -33.70 -34.61 13.84
N LYS E 128 -32.89 -33.84 14.59
CA LYS E 128 -33.40 -33.25 15.81
C LYS E 128 -34.50 -32.24 15.52
N LYS E 129 -34.31 -31.41 14.49
CA LYS E 129 -35.27 -30.34 14.19
C LYS E 129 -36.55 -30.91 13.59
N LEU E 130 -36.44 -31.91 12.71
CA LEU E 130 -37.63 -32.48 12.07
C LEU E 130 -38.41 -33.42 12.99
N SER E 131 -37.74 -34.10 13.93
CA SER E 131 -38.43 -35.05 14.79
C SER E 131 -39.38 -34.37 15.74
N ALA E 132 -39.15 -33.09 16.03
CA ALA E 132 -40.11 -32.35 16.86
C ALA E 132 -41.46 -32.18 16.19
N PHE E 133 -41.57 -32.47 14.89
CA PHE E 133 -42.86 -32.41 14.21
C PHE E 133 -43.43 -33.78 13.92
N ARG E 134 -42.66 -34.64 13.27
CA ARG E 134 -43.08 -36.00 12.98
C ARG E 134 -41.91 -36.93 13.22
N PRO E 135 -42.07 -37.95 14.06
CA PRO E 135 -40.95 -38.84 14.34
C PRO E 135 -40.51 -39.56 13.07
N ALA E 136 -39.30 -40.11 13.13
CA ALA E 136 -38.71 -40.86 12.03
C ALA E 136 -38.64 -40.12 10.69
N PRO E 137 -38.16 -38.88 10.65
CA PRO E 137 -37.91 -38.26 9.36
C PRO E 137 -36.82 -39.04 8.63
N ARG E 138 -37.04 -39.27 7.32
CA ARG E 138 -36.07 -39.97 6.48
C ARG E 138 -35.11 -38.93 5.92
N VAL E 139 -33.89 -38.90 6.45
CA VAL E 139 -32.89 -37.91 6.10
C VAL E 139 -31.71 -38.62 5.44
N ILE E 140 -31.13 -37.95 4.44
CA ILE E 140 -29.89 -38.37 3.80
C ILE E 140 -29.04 -37.13 3.65
N ARG E 141 -27.74 -37.25 3.94
CA ARG E 141 -26.79 -36.16 3.75
C ARG E 141 -25.89 -36.48 2.58
N CYS E 142 -25.68 -35.51 1.70
CA CYS E 142 -24.73 -35.70 0.61
C CYS E 142 -23.78 -34.52 0.49
N MET E 143 -22.64 -34.79 -0.11
CA MET E 143 -21.69 -33.77 -0.56
C MET E 143 -21.47 -33.99 -2.05
N THR E 144 -21.84 -33.01 -2.85
CA THR E 144 -21.69 -33.15 -4.29
C THR E 144 -20.86 -31.96 -4.77
N ASN E 145 -20.84 -31.68 -6.07
CA ASN E 145 -20.10 -30.52 -6.57
C ASN E 145 -20.71 -30.09 -7.90
N THR E 146 -20.31 -28.91 -8.36
CA THR E 146 -20.97 -28.27 -9.50
C THR E 146 -20.83 -29.03 -10.81
N PRO E 147 -19.80 -29.89 -11.04
CA PRO E 147 -19.76 -30.65 -12.30
C PRO E 147 -20.89 -31.65 -12.52
N VAL E 148 -21.81 -31.82 -11.57
CA VAL E 148 -23.03 -32.56 -11.88
C VAL E 148 -23.72 -31.90 -13.06
N VAL E 149 -23.43 -30.62 -13.32
CA VAL E 149 -24.10 -29.91 -14.41
C VAL E 149 -23.68 -30.45 -15.78
N VAL E 150 -22.49 -31.05 -15.89
CA VAL E 150 -22.08 -31.76 -17.10
C VAL E 150 -22.04 -33.27 -16.86
N ARG E 151 -22.76 -33.75 -15.82
CA ARG E 151 -22.88 -35.17 -15.53
C ARG E 151 -21.52 -35.80 -15.20
N GLU E 152 -20.57 -35.01 -14.69
CA GLU E 152 -19.30 -35.53 -14.22
C GLU E 152 -19.05 -35.13 -12.79
N GLY E 153 -20.09 -35.17 -11.98
CA GLY E 153 -19.95 -34.79 -10.58
C GLY E 153 -19.27 -35.87 -9.76
N ALA E 154 -18.99 -35.51 -8.51
CA ALA E 154 -18.43 -36.46 -7.54
C ALA E 154 -19.27 -36.34 -6.27
N THR E 155 -20.01 -37.40 -5.94
CA THR E 155 -21.00 -37.32 -4.88
C THR E 155 -20.81 -38.45 -3.88
N VAL E 156 -20.90 -38.12 -2.58
CA VAL E 156 -20.97 -39.12 -1.52
C VAL E 156 -22.22 -38.83 -0.71
N TYR E 157 -22.79 -39.87 -0.11
CA TYR E 157 -23.97 -39.72 0.72
C TYR E 157 -23.83 -40.60 1.95
N ALA E 158 -24.46 -40.15 3.05
CA ALA E 158 -24.66 -40.96 4.25
C ALA E 158 -26.14 -40.99 4.60
N THR E 159 -26.66 -42.16 4.96
CA THR E 159 -28.06 -42.31 5.30
C THR E 159 -28.28 -42.12 6.79
N GLY E 160 -29.47 -41.61 7.14
CA GLY E 160 -29.80 -41.29 8.51
C GLY E 160 -30.41 -42.45 9.25
N THR E 161 -30.81 -42.16 10.50
CA THR E 161 -31.40 -43.17 11.40
C THR E 161 -32.60 -43.87 10.78
N HIS E 162 -33.44 -43.14 10.06
CA HIS E 162 -34.72 -43.69 9.62
C HIS E 162 -34.80 -43.85 8.11
N ALA E 163 -33.70 -43.63 7.42
CA ALA E 163 -33.67 -43.90 5.99
C ALA E 163 -33.78 -45.40 5.76
N GLN E 164 -34.76 -45.82 4.96
CA GLN E 164 -34.89 -47.22 4.60
C GLN E 164 -33.74 -47.65 3.69
N VAL E 165 -33.57 -48.96 3.54
CA VAL E 165 -32.49 -49.47 2.69
C VAL E 165 -32.75 -49.05 1.25
N GLU E 166 -34.00 -49.08 0.82
CA GLU E 166 -34.36 -48.61 -0.51
C GLU E 166 -34.03 -47.13 -0.69
N ASP E 167 -34.12 -46.32 0.37
CA ASP E 167 -33.81 -44.90 0.25
C ASP E 167 -32.37 -44.68 -0.19
N GLY E 168 -31.42 -45.41 0.41
CA GLY E 168 -30.04 -45.31 -0.02
C GLY E 168 -29.83 -45.73 -1.46
N ARG E 169 -30.52 -46.80 -1.89
CA ARG E 169 -30.38 -47.28 -3.26
C ARG E 169 -30.97 -46.28 -4.26
N LEU E 170 -32.08 -45.64 -3.89
CA LEU E 170 -32.70 -44.64 -4.76
C LEU E 170 -31.84 -43.38 -4.86
N MET E 171 -31.23 -42.96 -3.75
CA MET E 171 -30.33 -41.82 -3.79
C MET E 171 -29.12 -42.11 -4.67
N GLU E 172 -28.58 -43.32 -4.58
CA GLU E 172 -27.39 -43.65 -5.36
C GLU E 172 -27.73 -43.75 -6.84
N GLN E 173 -28.89 -44.32 -7.18
CA GLN E 173 -29.31 -44.37 -8.57
C GLN E 173 -29.52 -42.96 -9.13
N LEU E 174 -30.18 -42.09 -8.36
CA LEU E 174 -30.39 -40.73 -8.82
C LEU E 174 -29.06 -40.00 -9.05
N LEU E 175 -28.13 -40.09 -8.09
CA LEU E 175 -26.92 -39.28 -8.20
C LEU E 175 -25.85 -39.93 -9.06
N SER E 176 -25.89 -41.25 -9.25
CA SER E 176 -25.01 -41.90 -10.20
C SER E 176 -25.23 -41.41 -11.63
N SER E 177 -26.44 -40.90 -11.94
CA SER E 177 -26.73 -40.46 -13.29
C SER E 177 -25.99 -39.18 -13.65
N VAL E 178 -25.50 -38.43 -12.68
CA VAL E 178 -24.86 -37.15 -12.93
C VAL E 178 -23.38 -37.17 -12.52
N GLY E 179 -22.80 -38.35 -12.29
CA GLY E 179 -21.40 -38.46 -11.96
C GLY E 179 -21.16 -39.64 -11.04
N PHE E 180 -19.96 -39.65 -10.45
CA PHE E 180 -19.61 -40.70 -9.50
C PHE E 180 -20.42 -40.56 -8.23
N CYS E 181 -20.76 -41.68 -7.64
CA CYS E 181 -21.53 -41.67 -6.39
C CYS E 181 -21.23 -42.94 -5.60
N THR E 182 -20.99 -42.77 -4.30
CA THR E 182 -20.87 -43.91 -3.41
C THR E 182 -21.30 -43.49 -2.01
N GLU E 183 -21.73 -44.47 -1.25
CA GLU E 183 -22.10 -44.25 0.13
C GLU E 183 -20.87 -44.21 1.02
N VAL E 184 -20.86 -43.33 2.01
CA VAL E 184 -19.80 -43.24 3.00
C VAL E 184 -20.43 -43.13 4.39
N GLU E 185 -19.61 -43.42 5.40
CA GLU E 185 -19.91 -42.99 6.77
C GLU E 185 -19.92 -41.47 6.84
N GLU E 186 -20.85 -40.92 7.62
CA GLU E 186 -21.01 -39.47 7.67
C GLU E 186 -19.75 -38.79 8.17
N ASP E 187 -18.93 -39.47 8.96
CA ASP E 187 -17.72 -38.84 9.48
C ASP E 187 -16.67 -38.59 8.40
N LEU E 188 -16.88 -39.06 7.17
CA LEU E 188 -15.98 -38.76 6.07
C LEU E 188 -16.39 -37.53 5.26
N ILE E 189 -17.57 -36.96 5.49
CA ILE E 189 -18.10 -36.00 4.52
C ILE E 189 -17.38 -34.66 4.62
N ASP E 190 -16.99 -34.24 5.81
CA ASP E 190 -16.25 -32.99 5.90
C ASP E 190 -14.94 -33.06 5.12
N ALA E 191 -14.30 -34.25 5.06
CA ALA E 191 -13.06 -34.39 4.30
C ALA E 191 -13.33 -34.50 2.80
N VAL E 192 -14.39 -35.20 2.40
CA VAL E 192 -14.77 -35.19 0.99
C VAL E 192 -15.04 -33.76 0.53
N THR E 193 -15.66 -32.95 1.38
CA THR E 193 -15.88 -31.54 1.06
C THR E 193 -14.58 -30.84 0.71
N GLY E 194 -13.50 -31.09 1.47
CA GLY E 194 -12.24 -30.47 1.17
C GLY E 194 -11.59 -30.95 -0.11
N LEU E 195 -11.95 -32.17 -0.56
CA LEU E 195 -11.33 -32.78 -1.73
C LEU E 195 -12.18 -32.55 -2.98
N SER E 196 -13.34 -33.20 -3.07
CA SER E 196 -14.13 -33.06 -4.28
C SER E 196 -15.20 -31.97 -4.17
N GLY E 197 -15.56 -31.54 -2.97
CA GLY E 197 -16.49 -30.43 -2.85
C GLY E 197 -15.87 -29.14 -3.35
N SER E 198 -14.71 -28.78 -2.76
CA SER E 198 -13.91 -27.61 -3.16
C SER E 198 -13.00 -27.87 -4.36
N GLY E 199 -12.77 -29.14 -4.72
CA GLY E 199 -11.87 -29.49 -5.80
C GLY E 199 -12.07 -28.78 -7.14
N PRO E 200 -13.31 -28.59 -7.60
CA PRO E 200 -13.45 -27.89 -8.88
C PRO E 200 -12.81 -26.50 -8.85
N ALA E 201 -12.93 -25.77 -7.74
CA ALA E 201 -12.33 -24.44 -7.66
C ALA E 201 -10.81 -24.48 -7.72
N TYR E 202 -10.19 -25.54 -7.16
CA TYR E 202 -8.74 -25.73 -7.31
C TYR E 202 -8.40 -25.97 -8.79
N ALA E 203 -9.23 -26.76 -9.48
CA ALA E 203 -8.99 -26.97 -10.91
C ALA E 203 -9.15 -25.69 -11.72
N PHE E 204 -10.16 -24.86 -11.42
CA PHE E 204 -10.35 -23.61 -12.16
C PHE E 204 -9.18 -22.65 -11.95
N THR E 205 -8.64 -22.61 -10.72
CA THR E 205 -7.48 -21.78 -10.42
C THR E 205 -6.28 -22.27 -11.21
N ALA E 206 -6.13 -23.59 -11.27
CA ALA E 206 -5.01 -24.21 -11.96
C ALA E 206 -5.09 -23.99 -13.47
N LEU E 207 -6.31 -24.12 -14.03
CA LEU E 207 -6.50 -23.88 -15.46
C LEU E 207 -6.25 -22.42 -15.83
N ASP E 208 -6.65 -21.48 -15.00
CA ASP E 208 -6.37 -20.09 -15.30
C ASP E 208 -4.87 -19.81 -15.30
N ALA E 209 -4.15 -20.34 -14.30
CA ALA E 209 -2.69 -20.19 -14.21
C ALA E 209 -1.98 -20.82 -15.40
N LEU E 210 -2.37 -22.07 -15.75
CA LEU E 210 -1.77 -22.80 -16.86
C LEU E 210 -1.95 -22.06 -18.17
N ALA E 211 -3.14 -21.48 -18.38
CA ALA E 211 -3.37 -20.66 -19.56
C ALA E 211 -2.49 -19.41 -19.52
N ASP E 212 -2.36 -18.79 -18.34
CA ASP E 212 -1.43 -17.68 -18.21
C ASP E 212 -0.05 -18.10 -18.66
N GLY E 213 0.37 -19.32 -18.29
CA GLY E 213 1.65 -19.82 -18.71
C GLY E 213 1.72 -20.03 -20.21
N GLY E 214 0.69 -20.69 -20.78
CA GLY E 214 0.58 -20.76 -22.23
C GLY E 214 0.74 -19.42 -22.89
N VAL E 215 0.07 -18.39 -22.36
CA VAL E 215 0.14 -17.07 -22.95
C VAL E 215 1.54 -16.49 -22.81
N LYS E 216 2.19 -16.69 -21.66
CA LYS E 216 3.56 -16.16 -21.50
C LYS E 216 4.50 -16.72 -22.56
N MET E 217 4.36 -17.99 -22.91
CA MET E 217 5.21 -18.67 -23.89
C MET E 217 4.73 -18.49 -25.34
N GLY E 218 3.67 -17.69 -25.57
CA GLY E 218 3.30 -17.27 -26.93
C GLY E 218 1.98 -17.77 -27.47
N LEU E 219 1.20 -18.54 -26.73
CA LEU E 219 -0.09 -19.04 -27.20
C LEU E 219 -1.19 -17.99 -27.02
N PRO E 220 -2.12 -17.87 -27.98
CA PRO E 220 -3.36 -17.11 -27.72
C PRO E 220 -4.11 -17.66 -26.52
N ARG E 221 -4.75 -16.75 -25.79
CA ARG E 221 -5.46 -17.12 -24.57
CA ARG E 221 -5.44 -17.13 -24.57
C ARG E 221 -6.48 -18.23 -24.83
N ARG E 222 -7.33 -18.05 -25.85
CA ARG E 222 -8.41 -19.02 -26.08
C ARG E 222 -7.85 -20.42 -26.32
N LEU E 223 -6.84 -20.54 -27.18
CA LEU E 223 -6.18 -21.82 -27.38
C LEU E 223 -5.51 -22.33 -26.10
N ALA E 224 -4.83 -21.46 -25.35
CA ALA E 224 -4.18 -21.92 -24.12
C ALA E 224 -5.21 -22.47 -23.12
N VAL E 225 -6.36 -21.82 -22.96
CA VAL E 225 -7.38 -22.31 -22.04
C VAL E 225 -7.86 -23.69 -22.46
N ARG E 226 -8.07 -23.87 -23.76
CA ARG E 226 -8.62 -25.11 -24.31
C ARG E 226 -7.61 -26.25 -24.19
N LEU E 227 -6.33 -25.97 -24.47
CA LEU E 227 -5.32 -27.03 -24.34
C LEU E 227 -5.10 -27.41 -22.88
N GLY E 228 -5.08 -26.44 -21.97
CA GLY E 228 -4.88 -26.78 -20.58
C GLY E 228 -6.05 -27.59 -20.03
N ALA E 229 -7.27 -27.21 -20.41
CA ALA E 229 -8.46 -27.90 -19.93
C ALA E 229 -8.52 -29.31 -20.48
N GLN E 230 -8.26 -29.47 -21.78
CA GLN E 230 -8.23 -30.79 -22.37
C GLN E 230 -7.17 -31.66 -21.72
N ALA E 231 -6.01 -31.07 -21.44
CA ALA E 231 -4.93 -31.79 -20.76
C ALA E 231 -5.36 -32.31 -19.39
N LEU E 232 -6.00 -31.46 -18.57
CA LEU E 232 -6.42 -31.92 -17.24
C LEU E 232 -7.51 -32.97 -17.34
N LEU E 233 -8.43 -32.81 -18.30
CA LEU E 233 -9.52 -33.75 -18.47
C LEU E 233 -8.99 -35.11 -18.91
N GLY E 234 -8.10 -35.13 -19.91
CA GLY E 234 -7.53 -36.38 -20.35
C GLY E 234 -6.72 -37.07 -19.26
N ALA E 235 -5.87 -36.33 -18.57
CA ALA E 235 -5.09 -36.93 -17.49
C ALA E 235 -5.99 -37.55 -16.42
N ALA E 236 -7.09 -36.88 -16.07
CA ALA E 236 -7.94 -37.42 -15.00
C ALA E 236 -8.68 -38.66 -15.47
N LYS E 237 -9.12 -38.66 -16.74
CA LYS E 237 -9.75 -39.85 -17.29
C LYS E 237 -8.76 -41.02 -17.32
N MET E 238 -7.52 -40.76 -17.73
CA MET E 238 -6.48 -41.79 -17.71
C MET E 238 -6.36 -42.43 -16.34
N LEU E 239 -6.17 -41.61 -15.31
CA LEU E 239 -6.06 -42.15 -13.96
C LEU E 239 -7.30 -42.97 -13.58
N LEU E 240 -8.50 -42.48 -13.93
CA LEU E 240 -9.73 -43.19 -13.57
C LEU E 240 -9.85 -44.54 -14.27
N HIS E 241 -9.31 -44.67 -15.49
CA HIS E 241 -9.41 -45.91 -16.24
C HIS E 241 -8.23 -46.85 -16.03
N SER E 242 -7.20 -46.42 -15.31
CA SER E 242 -6.02 -47.21 -15.02
C SER E 242 -6.10 -47.83 -13.62
N GLU E 243 -5.49 -48.99 -13.47
CA GLU E 243 -5.27 -49.48 -12.12
C GLU E 243 -4.01 -48.89 -11.50
N GLN E 244 -3.25 -48.12 -12.27
CA GLN E 244 -1.90 -47.75 -11.90
C GLN E 244 -1.86 -46.54 -10.99
N HIS E 245 -0.81 -46.49 -10.20
CA HIS E 245 -0.58 -45.37 -9.31
C HIS E 245 -0.31 -44.09 -10.11
N PRO E 246 -0.79 -42.94 -9.63
CA PRO E 246 -0.53 -41.68 -10.35
C PRO E 246 0.96 -41.37 -10.52
N GLY E 247 1.82 -41.84 -9.62
CA GLY E 247 3.26 -41.68 -9.84
C GLY E 247 3.78 -42.52 -10.99
N GLN E 248 3.22 -43.73 -11.17
CA GLN E 248 3.62 -44.56 -12.29
C GLN E 248 3.23 -43.94 -13.62
N LEU E 249 2.07 -43.28 -13.69
CA LEU E 249 1.68 -42.59 -14.91
C LEU E 249 2.55 -41.36 -15.14
N LYS E 250 2.85 -40.61 -14.06
CA LYS E 250 3.82 -39.53 -14.14
C LYS E 250 5.14 -40.04 -14.73
N ASP E 251 5.65 -41.15 -14.19
CA ASP E 251 6.88 -41.78 -14.69
C ASP E 251 6.78 -42.10 -16.17
N ASN E 252 5.67 -42.75 -16.57
CA ASN E 252 5.42 -43.09 -17.97
C ASN E 252 5.62 -41.88 -18.88
N VAL E 253 5.24 -40.69 -18.42
CA VAL E 253 5.16 -39.53 -19.32
C VAL E 253 6.39 -38.62 -19.28
N SER E 254 7.34 -38.88 -18.38
CA SER E 254 8.55 -38.03 -18.27
C SER E 254 9.76 -38.74 -18.88
N SER E 255 10.14 -38.36 -20.09
CA SER E 255 11.31 -39.01 -20.68
C SER E 255 12.62 -38.47 -20.06
N PRO E 256 13.66 -39.31 -20.01
CA PRO E 256 14.93 -38.88 -19.40
C PRO E 256 15.46 -37.62 -20.08
N GLY E 257 15.88 -36.66 -19.25
CA GLY E 257 16.42 -35.40 -19.72
C GLY E 257 15.43 -34.41 -20.30
N GLY E 258 14.14 -34.78 -20.41
CA GLY E 258 13.22 -34.09 -21.28
C GLY E 258 12.49 -32.91 -20.64
N ALA E 259 11.55 -32.37 -21.42
CA ALA E 259 10.85 -31.16 -21.03
C ALA E 259 9.98 -31.36 -19.79
N THR E 260 9.28 -32.48 -19.72
CA THR E 260 8.30 -32.67 -18.66
C THR E 260 8.98 -32.80 -17.30
N ILE E 261 10.10 -33.54 -17.22
CA ILE E 261 10.81 -33.70 -15.96
C ILE E 261 11.49 -32.40 -15.54
N HIS E 262 11.91 -31.56 -16.48
CA HIS E 262 12.34 -30.22 -16.06
C HIS E 262 11.19 -29.44 -15.41
N ALA E 263 9.98 -29.54 -15.97
CA ALA E 263 8.88 -28.77 -15.40
C ALA E 263 8.43 -29.33 -14.05
N LEU E 264 8.47 -30.64 -13.88
CA LEU E 264 8.07 -31.22 -12.61
C LEU E 264 9.02 -30.81 -11.51
N HIS E 265 10.31 -30.61 -11.84
CA HIS E 265 11.24 -30.11 -10.85
C HIS E 265 10.83 -28.74 -10.35
N VAL E 266 10.43 -27.82 -11.25
CA VAL E 266 10.09 -26.49 -10.76
C VAL E 266 8.82 -26.53 -9.93
N LEU E 267 7.91 -27.47 -10.20
CA LEU E 267 6.74 -27.64 -9.33
C LEU E 267 7.16 -28.08 -7.93
N GLU E 268 8.02 -29.10 -7.87
CA GLU E 268 8.53 -29.61 -6.60
C GLU E 268 9.28 -28.54 -5.82
N SER E 269 10.06 -27.70 -6.52
CA SER E 269 10.81 -26.66 -5.81
C SER E 269 9.91 -25.67 -5.09
N GLY E 270 8.71 -25.42 -5.60
CA GLY E 270 7.77 -24.56 -4.90
C GLY E 270 6.85 -25.29 -3.94
N GLY E 271 7.07 -26.57 -3.68
CA GLY E 271 6.18 -27.30 -2.78
C GLY E 271 4.76 -27.43 -3.30
N PHE E 272 4.60 -27.60 -4.62
CA PHE E 272 3.28 -27.70 -5.26
C PHE E 272 2.43 -28.76 -4.59
N ARG E 273 3.02 -29.93 -4.33
CA ARG E 273 2.25 -31.00 -3.68
C ARG E 273 1.69 -30.53 -2.35
N SER E 274 2.51 -29.80 -1.57
CA SER E 274 2.04 -29.44 -0.23
C SER E 274 0.96 -28.36 -0.29
N LEU E 275 0.86 -27.60 -1.37
CA LEU E 275 -0.17 -26.57 -1.45
C LEU E 275 -1.55 -27.23 -1.59
N LEU E 276 -1.66 -28.20 -2.49
CA LEU E 276 -2.90 -28.97 -2.59
C LEU E 276 -3.26 -29.65 -1.27
N ILE E 277 -2.28 -30.27 -0.60
CA ILE E 277 -2.56 -30.85 0.72
C ILE E 277 -3.11 -29.78 1.67
N ASN E 278 -2.43 -28.62 1.71
CA ASN E 278 -2.88 -27.50 2.53
C ASN E 278 -4.32 -27.13 2.20
N ALA E 279 -4.66 -27.12 0.91
CA ALA E 279 -6.01 -26.75 0.49
C ALA E 279 -7.05 -27.73 1.01
N VAL E 280 -6.90 -29.02 0.70
CA VAL E 280 -7.82 -30.02 1.23
C VAL E 280 -8.00 -29.86 2.73
N GLU E 281 -6.89 -29.73 3.45
CA GLU E 281 -6.95 -29.60 4.90
C GLU E 281 -7.74 -28.35 5.30
N ALA E 282 -7.45 -27.20 4.69
CA ALA E 282 -8.07 -25.95 5.10
C ALA E 282 -9.58 -25.96 4.86
N SER E 283 -10.00 -26.51 3.72
CA SER E 283 -11.43 -26.60 3.42
C SER E 283 -12.12 -27.56 4.37
N CYS E 284 -11.47 -28.68 4.70
CA CYS E 284 -12.06 -29.61 5.65
C CYS E 284 -12.19 -28.98 7.03
N ILE E 285 -11.12 -28.35 7.52
CA ILE E 285 -11.13 -27.75 8.86
C ILE E 285 -12.16 -26.63 8.94
N ARG E 286 -12.26 -25.80 7.90
CA ARG E 286 -13.28 -24.76 7.87
C ARG E 286 -14.68 -25.38 7.92
N THR E 287 -14.87 -26.50 7.21
CA THR E 287 -16.16 -27.18 7.22
C THR E 287 -16.56 -27.59 8.63
N ARG E 288 -15.63 -28.20 9.37
CA ARG E 288 -15.92 -28.57 10.77
C ARG E 288 -16.19 -27.33 11.60
N GLU E 289 -15.32 -26.32 11.48
CA GLU E 289 -15.48 -25.05 12.15
C GLU E 289 -16.87 -24.47 11.96
N LEU E 290 -17.35 -24.47 10.71
CA LEU E 290 -18.67 -23.89 10.45
C LEU E 290 -19.75 -24.68 11.19
N GLN E 291 -19.62 -26.01 11.22
CA GLN E 291 -20.64 -26.82 11.87
C GLN E 291 -20.64 -26.61 13.38
N SER E 292 -19.47 -26.52 14.00
CA SER E 292 -19.42 -26.26 15.43
C SER E 292 -20.11 -24.95 15.79
N MET E 293 -19.92 -23.92 14.97
CA MET E 293 -20.60 -22.65 15.21
C MET E 293 -22.12 -22.81 15.10
N ALA E 294 -22.58 -23.66 14.18
CA ALA E 294 -24.01 -23.93 14.06
C ALA E 294 -24.55 -24.52 15.36
N ASP E 295 -23.89 -25.54 15.90
CA ASP E 295 -24.34 -26.22 17.11
C ASP E 295 -24.04 -25.41 18.38
PA NAI F . -9.31 11.00 13.79
O1A NAI F . -8.63 10.62 15.08
O2A NAI F . -8.69 11.69 12.61
O5B NAI F . -10.39 12.20 14.41
C5B NAI F . -10.91 11.74 15.60
C4B NAI F . -11.61 12.96 16.21
O4B NAI F . -12.30 12.68 17.47
C3B NAI F . -10.49 13.98 16.54
O3B NAI F . -10.96 15.23 16.07
C2B NAI F . -10.50 13.95 18.09
O2B NAI F . -10.08 15.13 18.65
C1B NAI F . -12.04 13.78 18.28
N9A NAI F . -12.40 13.47 19.65
C8A NAI F . -11.65 12.78 20.65
N7A NAI F . -12.32 12.68 21.82
C5A NAI F . -13.55 13.33 21.60
C6A NAI F . -14.68 13.55 22.44
N6A NAI F . -14.70 13.11 23.75
N1A NAI F . -15.78 14.22 21.98
C2A NAI F . -15.70 14.64 20.66
N3A NAI F . -14.71 14.50 19.75
C4A NAI F . -13.63 13.82 20.26
O3 NAI F . -10.26 9.69 13.55
PN NAI F . -10.74 9.46 11.98
O1N NAI F . -9.79 8.72 11.11
O2N NAI F . -11.48 10.76 11.66
O5D NAI F . -12.08 8.37 12.03
C5D NAI F . -12.82 8.55 13.19
C4D NAI F . -13.90 7.47 13.16
O4D NAI F . -14.29 7.26 11.79
C3D NAI F . -13.25 6.10 13.65
O3D NAI F . -14.16 5.41 14.41
C2D NAI F . -12.97 5.33 12.34
O2D NAI F . -13.22 3.96 12.47
C1D NAI F . -14.08 5.90 11.42
N1N NAI F . -13.67 5.82 10.01
C2N NAI F . -12.44 6.39 9.55
C3N NAI F . -12.12 6.30 8.21
C7N NAI F . -10.88 6.91 7.70
O7N NAI F . -10.35 6.53 6.65
N7N NAI F . -10.29 7.95 8.41
C4N NAI F . -12.96 5.53 7.23
C5N NAI F . -14.17 4.93 7.85
C6N NAI F . -14.51 5.15 9.13
O5 MTG G . 1.75 -6.53 -25.21
O6 MTG G . 1.58 -6.70 -23.02
C1 MTG G . 1.30 -6.18 -24.09
C2 MTG G . 0.41 -5.00 -24.08
S3 MTG G . 1.41 -3.50 -23.86
C4 MTG G . 1.27 -2.92 -22.20
PA NAI H . -5.00 -7.74 -30.62
O1A NAI H . -4.20 -8.97 -31.00
O2A NAI H . -6.23 -7.67 -29.77
O5B NAI H . -5.54 -7.26 -32.19
C5B NAI H . -4.50 -7.46 -33.05
C4B NAI H . -5.08 -7.27 -34.43
O4B NAI H . -4.04 -7.38 -35.42
C3B NAI H . -6.11 -8.44 -34.71
O3B NAI H . -7.28 -7.83 -35.12
C2B NAI H . -5.42 -9.17 -35.89
O2B NAI H . -6.33 -9.72 -36.81
C1B NAI H . -4.69 -7.94 -36.53
N9A NAI H . -3.72 -8.26 -37.54
C8A NAI H . -2.76 -9.31 -37.60
N7A NAI H . -2.04 -9.27 -38.73
C5A NAI H . -2.55 -8.18 -39.42
C6A NAI H . -2.23 -7.62 -40.68
N6A NAI H . -1.24 -8.16 -41.44
N1A NAI H . -2.90 -6.52 -41.15
C2A NAI H . -3.89 -6.01 -40.33
N3A NAI H . -4.30 -6.44 -39.12
C4A NAI H . -3.59 -7.54 -38.69
O3 NAI H . -3.79 -6.75 -30.24
PN NAI H . -4.26 -5.56 -29.27
O1N NAI H . -4.27 -5.87 -27.81
O2N NAI H . -5.36 -4.93 -30.09
O5D NAI H . -3.04 -4.31 -29.41
C5D NAI H . -2.39 -4.45 -30.63
C4D NAI H . -1.22 -3.48 -30.63
O4D NAI H . -1.49 -2.42 -29.72
C3D NAI H . 0.05 -4.24 -30.07
O3D NAI H . 1.18 -3.78 -30.76
C2D NAI H . 0.08 -3.85 -28.60
O2D NAI H . 1.36 -3.73 -28.15
C1D NAI H . -0.51 -2.42 -28.67
N1N NAI H . -1.14 -2.04 -27.35
C2N NAI H . -2.18 -2.81 -26.75
C3N NAI H . -2.59 -2.52 -25.47
C7N NAI H . -3.50 -3.47 -24.76
O7N NAI H . -3.67 -3.44 -23.53
N7N NAI H . -4.20 -4.42 -25.47
C4N NAI H . -2.12 -1.33 -24.75
C5N NAI H . -1.17 -0.49 -25.53
C6N NAI H . -0.67 -0.87 -26.70
O5 MTG I . -8.54 2.14 9.90
O6 MTG I . -9.68 2.15 11.77
C1 MTG I . -9.46 2.52 10.60
C2 MTG I . -10.50 3.47 9.95
S3 MTG I . -11.95 2.53 9.23
C4 MTG I . -11.48 1.74 7.68
PA NAI J . 21.09 0.09 34.49
O1A NAI J . 21.06 -1.34 34.99
O2A NAI J . 22.22 0.79 33.83
O5B NAI J . 20.90 0.96 35.97
C5B NAI J . 20.40 0.08 36.90
C4B NAI J . 20.90 0.61 38.22
O4B NAI J . 20.04 0.18 39.27
C3B NAI J . 22.31 -0.04 38.49
O3B NAI J . 23.17 1.02 38.74
C2B NAI J . 22.05 -0.87 39.77
O2B NAI J . 23.14 -0.86 40.65
C1B NAI J . 20.90 0.00 40.38
N9A NAI J . 20.17 -0.69 41.42
C8A NAI J . 19.80 -2.06 41.50
N7A NAI J . 19.12 -2.32 42.63
C5A NAI J . 19.07 -1.08 43.31
C6A NAI J . 18.50 -0.71 44.55
N6A NAI J . 17.87 -1.63 45.33
N1A NAI J . 18.59 0.60 44.99
C2A NAI J . 19.24 1.47 44.16
N3A NAI J . 19.83 1.26 42.96
C4A NAI J . 19.71 -0.06 42.56
O3 NAI J . 19.65 0.18 33.79
PN NAI J . 19.54 1.47 32.81
O1N NAI J . 19.84 1.23 31.37
O2N NAI J . 20.07 2.56 33.70
O5D NAI J . 17.87 1.93 32.81
C5D NAI J . 17.41 1.78 34.13
C4D NAI J . 15.97 2.20 34.16
O4D NAI J . 15.76 3.25 33.20
C3D NAI J . 15.09 0.98 33.71
O3D NAI J . 13.85 1.01 34.39
C2D NAI J . 14.90 1.20 32.21
O2D NAI J . 13.66 0.78 31.75
C1D NAI J . 14.91 2.77 32.14
N1N NAI J . 15.34 3.27 30.80
C2N NAI J . 16.57 2.90 30.21
C3N NAI J . 16.86 3.30 28.92
C7N NAI J . 18.10 2.84 28.27
O7N NAI J . 18.24 2.91 27.04
N7N NAI J . 19.16 2.32 29.04
C4N NAI J . 15.81 3.90 28.03
C5N NAI J . 14.59 4.33 28.77
C6N NAI J . 14.47 4.13 30.09
O5 MTG K . 21.49 8.72 -8.67
O6 MTG K . 20.17 8.40 -6.93
C1 MTG K . 20.98 9.05 -7.56
C2 MTG K . 21.47 10.32 -6.90
S3 MTG K . 23.10 10.03 -6.13
C4 MTG K . 22.92 9.33 -4.48
PA NAI L . 16.82 16.28 -11.14
O1A NAI L . 16.46 15.69 -12.46
O2A NAI L . 15.85 16.68 -10.07
O5B NAI L . 17.54 17.79 -11.65
C5B NAI L . 18.06 17.58 -12.91
C4B NAI L . 17.64 18.79 -13.74
O4B NAI L . 18.41 18.88 -14.93
C3B NAI L . 16.17 18.49 -14.18
O3B NAI L . 15.37 19.36 -13.44
C2B NAI L . 16.19 18.81 -15.70
O2B NAI L . 15.19 19.70 -16.10
C1B NAI L . 17.57 19.53 -15.84
N9A NAI L . 18.07 19.29 -17.18
C8A NAI L . 17.68 18.28 -18.10
N7A NAI L . 18.35 18.37 -19.25
C5A NAI L . 19.21 19.48 -19.08
C6A NAI L . 20.16 20.07 -19.92
N6A NAI L . 20.37 19.55 -21.18
N1A NAI L . 20.88 21.17 -19.50
C2A NAI L . 20.61 21.62 -18.23
N3A NAI L . 19.73 21.15 -17.31
C4A NAI L . 19.04 20.06 -17.79
O3 NAI L . 18.09 15.38 -10.76
PN NAI L . 18.64 15.52 -9.25
O1N NAI L . 18.07 14.56 -8.24
O2N NAI L . 18.92 16.99 -9.06
O5D NAI L . 20.26 14.97 -9.37
C5D NAI L . 20.79 15.54 -10.51
C4D NAI L . 22.24 15.19 -10.52
O4D NAI L . 22.72 15.33 -9.18
C3D NAI L . 22.37 13.66 -10.92
O3D NAI L . 23.50 13.47 -11.72
C2D NAI L . 22.51 12.95 -9.55
O2D NAI L . 23.38 11.88 -9.60
C1D NAI L . 23.19 14.06 -8.69
N1N NAI L . 22.90 13.89 -7.21
C2N NAI L . 21.59 13.79 -6.72
C3N NAI L . 21.37 13.70 -5.36
C7N NAI L . 19.98 13.72 -4.85
O7N NAI L . 19.70 13.40 -3.67
N7N NAI L . 18.97 14.11 -5.70
C4N NAI L . 22.49 13.55 -4.37
C5N NAI L . 23.82 13.76 -4.98
C6N NAI L . 23.99 13.84 -6.31
O5 MTG M . 14.94 -2.64 26.71
O6 MTG M . 14.51 -1.94 28.76
C1 MTG M . 14.88 -1.78 27.57
C2 MTG M . 15.20 -0.38 27.16
S3 MTG M . 13.75 0.69 27.46
C4 MTG M . 13.16 1.32 25.89
PA NAI N . -26.58 -20.35 -3.83
O1A NAI N . -26.37 -19.27 -2.80
O2A NAI N . -26.10 -20.35 -5.24
O5B NAI N . -28.30 -20.27 -3.98
C5B NAI N . -28.83 -20.85 -2.86
C4B NAI N . -30.34 -20.66 -2.94
O4B NAI N . -30.93 -20.59 -1.62
C3B NAI N . -30.65 -19.28 -3.65
O3B NAI N . -31.56 -19.53 -4.67
C2B NAI N . -31.29 -18.47 -2.49
O2B NAI N . -32.29 -17.59 -2.92
C1B NAI N . -31.97 -19.63 -1.71
N9A NAI N . -32.36 -19.19 -0.40
C8A NAI N . -31.68 -18.31 0.48
N7A NAI N . -32.37 -18.11 1.62
C5A NAI N . -33.54 -18.88 1.47
C6A NAI N . -34.64 -19.09 2.32
N6A NAI N . -34.70 -18.47 3.55
N1A NAI N . -35.68 -19.92 1.94
C2A NAI N . -35.56 -20.50 0.70
N3A NAI N . -34.57 -20.40 -0.21
C4A NAI N . -33.54 -19.57 0.22
O3 NAI N . -26.25 -21.63 -2.94
PN NAI N . -25.36 -22.70 -3.74
O1N NAI N . -23.91 -22.37 -3.89
O2N NAI N . -26.32 -23.11 -4.82
O5D NAI N . -25.40 -24.16 -2.82
C5D NAI N . -26.06 -23.87 -1.63
C4D NAI N . -25.93 -25.08 -0.74
O4D NAI N . -25.34 -26.15 -1.49
C3D NAI N . -24.95 -24.73 0.45
O3D NAI N . -25.46 -25.31 1.61
C2D NAI N . -23.63 -25.38 0.04
O2D NAI N . -22.99 -25.96 1.11
C1D NAI N . -24.11 -26.56 -0.86
N1N NAI N . -23.08 -26.93 -1.88
C2N NAI N . -22.62 -26.00 -2.86
C3N NAI N . -21.62 -26.36 -3.74
C7N NAI N . -21.12 -25.38 -4.75
O7N NAI N . -19.98 -25.44 -5.22
N7N NAI N . -21.94 -24.39 -5.23
C4N NAI N . -20.94 -27.71 -3.65
C5N NAI N . -21.75 -28.67 -2.84
C6N NAI N . -22.56 -28.25 -1.87
S SO4 O . 8.60 -35.27 -22.55
O1 SO4 O . 9.42 -35.30 -23.76
O2 SO4 O . 8.49 -36.61 -21.96
O3 SO4 O . 9.28 -34.37 -21.60
O4 SO4 O . 7.26 -34.79 -22.93
#